data_4Y27
# 
_entry.id   4Y27 
# 
_audit_conform.dict_name       mmcif_pdbx.dic 
_audit_conform.dict_version    5.383 
_audit_conform.dict_location   http://mmcif.pdb.org/dictionaries/ascii/mmcif_pdbx.dic 
# 
loop_
_database_2.database_id 
_database_2.database_code 
_database_2.pdbx_database_accession 
_database_2.pdbx_DOI 
PDB   4Y27         pdb_00004y27 10.2210/pdb4y27/pdb 
WWPDB D_1000206733 ?            ?                   
# 
loop_
_pdbx_audit_revision_history.ordinal 
_pdbx_audit_revision_history.data_content_type 
_pdbx_audit_revision_history.major_revision 
_pdbx_audit_revision_history.minor_revision 
_pdbx_audit_revision_history.revision_date 
1 'Structure model' 1 0 2015-11-18 
2 'Structure model' 2 0 2019-05-15 
3 'Structure model' 2 1 2024-01-10 
# 
_pdbx_audit_revision_details.ordinal             1 
_pdbx_audit_revision_details.revision_ordinal    1 
_pdbx_audit_revision_details.data_content_type   'Structure model' 
_pdbx_audit_revision_details.provider            repository 
_pdbx_audit_revision_details.type                'Initial release' 
_pdbx_audit_revision_details.description         ? 
_pdbx_audit_revision_details.details             ? 
# 
loop_
_pdbx_audit_revision_group.ordinal 
_pdbx_audit_revision_group.revision_ordinal 
_pdbx_audit_revision_group.data_content_type 
_pdbx_audit_revision_group.group 
1 2 'Structure model' Advisory                 
2 2 'Structure model' 'Atomic model'           
3 2 'Structure model' 'Data collection'        
4 2 'Structure model' 'Derived calculations'   
5 2 'Structure model' 'Polymer sequence'       
6 2 'Structure model' 'Structure summary'      
7 3 'Structure model' 'Data collection'        
8 3 'Structure model' 'Database references'    
9 3 'Structure model' 'Refinement description' 
# 
loop_
_pdbx_audit_revision_category.ordinal 
_pdbx_audit_revision_category.revision_ordinal 
_pdbx_audit_revision_category.data_content_type 
_pdbx_audit_revision_category.category 
1  2 'Structure model' atom_site                     
2  2 'Structure model' atom_site_anisotrop           
3  2 'Structure model' chem_comp                     
4  2 'Structure model' entity                        
5  2 'Structure model' entity_poly                   
6  2 'Structure model' ndb_struct_na_base_pair       
7  2 'Structure model' ndb_struct_na_base_pair_step  
8  2 'Structure model' pdbx_distant_solvent_atoms    
9  2 'Structure model' pdbx_nonpoly_scheme           
10 2 'Structure model' pdbx_seq_map_depositor_info   
11 2 'Structure model' struct_conn                   
12 3 'Structure model' chem_comp_atom                
13 3 'Structure model' chem_comp_bond                
14 3 'Structure model' database_2                    
15 3 'Structure model' pdbx_initial_refinement_model 
# 
loop_
_pdbx_audit_revision_item.ordinal 
_pdbx_audit_revision_item.revision_ordinal 
_pdbx_audit_revision_item.data_content_type 
_pdbx_audit_revision_item.item 
1  2 'Structure model' '_atom_site.B_iso_or_equiv'                    
2  2 'Structure model' '_atom_site.Cartn_x'                           
3  2 'Structure model' '_atom_site.Cartn_y'                           
4  2 'Structure model' '_atom_site.Cartn_z'                           
5  2 'Structure model' '_atom_site.auth_atom_id'                      
6  2 'Structure model' '_atom_site.label_atom_id'                     
7  2 'Structure model' '_atom_site.occupancy'                         
8  2 'Structure model' '_atom_site.pdbx_auth_seq_id'                  
9  2 'Structure model' '_atom_site_anisotrop.U[1][1]'                 
10 2 'Structure model' '_atom_site_anisotrop.U[1][2]'                 
11 2 'Structure model' '_atom_site_anisotrop.U[1][3]'                 
12 2 'Structure model' '_atom_site_anisotrop.U[2][2]'                 
13 2 'Structure model' '_atom_site_anisotrop.U[2][3]'                 
14 2 'Structure model' '_atom_site_anisotrop.U[3][3]'                 
15 2 'Structure model' '_atom_site_anisotrop.pdbx_PDB_residue_no'     
16 2 'Structure model' '_chem_comp.mon_nstd_flag'                     
17 2 'Structure model' '_chem_comp.type'                              
18 2 'Structure model' '_entity.pdbx_description'                     
19 2 'Structure model' '_entity_poly.pdbx_seq_one_letter_code_can'    
20 2 'Structure model' '_pdbx_distant_solvent_atoms.auth_seq_id'      
21 2 'Structure model' '_pdbx_nonpoly_scheme.auth_seq_num'            
22 2 'Structure model' '_pdbx_seq_map_depositor_info.one_letter_code' 
23 3 'Structure model' '_database_2.pdbx_DOI'                         
24 3 'Structure model' '_database_2.pdbx_database_accession'          
# 
_pdbx_database_status.status_code                     REL 
_pdbx_database_status.status_code_sf                  REL 
_pdbx_database_status.status_code_mr                  ? 
_pdbx_database_status.entry_id                        4Y27 
_pdbx_database_status.recvd_initial_deposition_date   2015-02-09 
_pdbx_database_status.SG_entry                        N 
_pdbx_database_status.deposit_site                    RCSB 
_pdbx_database_status.process_site                    PDBE 
_pdbx_database_status.status_code_cs                  ? 
_pdbx_database_status.methods_development_category    ? 
_pdbx_database_status.pdb_format_compatible           Y 
_pdbx_database_status.status_code_nmr_data            ? 
# 
_pdbx_database_related.db_name        PDB 
_pdbx_database_related.details        'Unmodified SR' 
_pdbx_database_related.db_id          3DVZ 
_pdbx_database_related.content_type   unspecified 
# 
loop_
_audit_author.name 
_audit_author.pdbx_ordinal 
'Ennifar, E.' 1 
'Micura, R.'  2 
'Fluer, S.'   3 
# 
_citation.abstract                  ? 
_citation.abstract_id_CAS           ? 
_citation.book_id_ISBN              ? 
_citation.book_publisher            ? 
_citation.book_publisher_city       ? 
_citation.book_title                ? 
_citation.coordinate_linkage        ? 
_citation.country                   US 
_citation.database_id_Medline       ? 
_citation.details                   ? 
_citation.id                        primary 
_citation.journal_abbrev            Proc.Natl.Acad.Sci.USA 
_citation.journal_id_ASTM           PNASA6 
_citation.journal_id_CSD            0040 
_citation.journal_id_ISSN           1091-6490 
_citation.journal_full              ? 
_citation.journal_issue             ? 
_citation.journal_volume            112 
_citation.language                  ? 
_citation.page_first                E2561 
_citation.page_last                 E2568 
_citation.title                     'Role of a ribosomal RNA phosphate oxygen during the EF-G-triggered GTP hydrolysis.' 
_citation.year                      2015 
_citation.database_id_CSD           ? 
_citation.pdbx_database_id_DOI      10.1073/pnas.1505231112 
_citation.pdbx_database_id_PubMed   25941362 
_citation.unpublished_flag          ? 
# 
loop_
_citation_author.citation_id 
_citation_author.name 
_citation_author.ordinal 
_citation_author.identifier_ORCID 
primary 'Koch, M.'    1 ? 
primary 'Flur, S.'    2 ? 
primary 'Kreutz, C.'  3 ? 
primary 'Ennifar, E.' 4 ? 
primary 'Micura, R.'  5 ? 
primary 'Polacek, N.' 6 ? 
# 
loop_
_entity.id 
_entity.type 
_entity.src_method 
_entity.pdbx_description 
_entity.formula_weight 
_entity.pdbx_number_of_molecules 
_entity.pdbx_ec 
_entity.pdbx_mutation 
_entity.pdbx_fragment 
_entity.details 
1 polymer syn '27-mer 23S Sarcin-Ricil Loop' 8756.308 1   ? ? ? ? 
2 water   nat water                          18.015   143 ? ? ? ? 
# 
_entity_poly.entity_id                      1 
_entity_poly.type                           polyribonucleotide 
_entity_poly.nstd_linkage                   no 
_entity_poly.nstd_monomer                   yes 
_entity_poly.pdbx_seq_one_letter_code       'UGCUCCUAGUACGA(OMG)(45A)GGACCGGAGUG' 
_entity_poly.pdbx_seq_one_letter_code_can   UGCUCCUAGUACGAGAGGACCGGAGUG 
_entity_poly.pdbx_strand_id                 A 
_entity_poly.pdbx_target_identifier         ? 
# 
_pdbx_entity_nonpoly.entity_id   2 
_pdbx_entity_nonpoly.name        water 
_pdbx_entity_nonpoly.comp_id     HOH 
# 
loop_
_entity_poly_seq.entity_id 
_entity_poly_seq.num 
_entity_poly_seq.mon_id 
_entity_poly_seq.hetero 
1 1  U   n 
1 2  G   n 
1 3  C   n 
1 4  U   n 
1 5  C   n 
1 6  C   n 
1 7  U   n 
1 8  A   n 
1 9  G   n 
1 10 U   n 
1 11 A   n 
1 12 C   n 
1 13 G   n 
1 14 A   n 
1 15 OMG n 
1 16 45A n 
1 17 G   n 
1 18 G   n 
1 19 A   n 
1 20 C   n 
1 21 C   n 
1 22 G   n 
1 23 G   n 
1 24 A   n 
1 25 G   n 
1 26 U   n 
1 27 G   n 
# 
_pdbx_entity_src_syn.entity_id              1 
_pdbx_entity_src_syn.pdbx_src_id            1 
_pdbx_entity_src_syn.pdbx_alt_source_flag   sample 
_pdbx_entity_src_syn.pdbx_beg_seq_num       1 
_pdbx_entity_src_syn.pdbx_end_seq_num       27 
_pdbx_entity_src_syn.organism_scientific    'Escherichia coli' 
_pdbx_entity_src_syn.organism_common_name   ? 
_pdbx_entity_src_syn.ncbi_taxonomy_id       562 
_pdbx_entity_src_syn.details                ? 
# 
loop_
_chem_comp.id 
_chem_comp.type 
_chem_comp.mon_nstd_flag 
_chem_comp.name 
_chem_comp.pdbx_synonyms 
_chem_comp.formula 
_chem_comp.formula_weight 
45A 'RNA linking' n "5'-O-[(S)-hydroxy(methyl)phosphoryl]adenosine" ? 'C11 H16 N5 O6 P' 345.248 
A   'RNA linking' y "ADENOSINE-5'-MONOPHOSPHATE"                    ? 'C10 H14 N5 O7 P' 347.221 
C   'RNA linking' y "CYTIDINE-5'-MONOPHOSPHATE"                     ? 'C9 H14 N3 O8 P'  323.197 
G   'RNA linking' y "GUANOSINE-5'-MONOPHOSPHATE"                    ? 'C10 H14 N5 O8 P' 363.221 
HOH non-polymer   . WATER                                           ? 'H2 O'            18.015  
OMG 'RNA linking' n "O2'-METHYLGUANOSINE-5'-MONOPHOSPHATE"          ? 'C11 H16 N5 O8 P' 377.247 
U   'RNA linking' y "URIDINE-5'-MONOPHOSPHATE"                      ? 'C9 H13 N2 O9 P'  324.181 
# 
loop_
_pdbx_poly_seq_scheme.asym_id 
_pdbx_poly_seq_scheme.entity_id 
_pdbx_poly_seq_scheme.seq_id 
_pdbx_poly_seq_scheme.mon_id 
_pdbx_poly_seq_scheme.ndb_seq_num 
_pdbx_poly_seq_scheme.pdb_seq_num 
_pdbx_poly_seq_scheme.auth_seq_num 
_pdbx_poly_seq_scheme.pdb_mon_id 
_pdbx_poly_seq_scheme.auth_mon_id 
_pdbx_poly_seq_scheme.pdb_strand_id 
_pdbx_poly_seq_scheme.pdb_ins_code 
_pdbx_poly_seq_scheme.hetero 
A 1 1  U   1  2647 2647 U   U   A . n 
A 1 2  G   2  2648 2648 G   G   A . n 
A 1 3  C   3  2649 2649 C   C   A . n 
A 1 4  U   4  2650 2650 U   U   A . n 
A 1 5  C   5  2651 2651 C   C   A . n 
A 1 6  C   6  2652 2652 C   C   A . n 
A 1 7  U   7  2653 2653 U   U   A . n 
A 1 8  A   8  2654 2654 A   A   A . n 
A 1 9  G   9  2655 2655 G   G   A . n 
A 1 10 U   10 2656 2656 U   U   A . n 
A 1 11 A   11 2657 2657 A   A   A . n 
A 1 12 C   12 2658 2658 C   C   A . n 
A 1 13 G   13 2659 2659 G   G   A . n 
A 1 14 A   14 2660 2660 A   A   A . n 
A 1 15 OMG 15 2661 2661 OMG OME A . n 
A 1 16 45A 16 2662 2662 45A MPN A . n 
A 1 17 G   17 2663 2663 G   G   A . n 
A 1 18 G   18 2664 2664 G   G   A . n 
A 1 19 A   19 2665 2665 A   A   A . n 
A 1 20 C   20 2666 2666 C   C   A . n 
A 1 21 C   21 2667 2667 C   C   A . n 
A 1 22 G   22 2668 2668 G   G   A . n 
A 1 23 G   23 2669 2669 G   G   A . n 
A 1 24 A   24 2670 2670 A   A   A . n 
A 1 25 G   25 2671 2671 G   G   A . n 
A 1 26 U   26 2672 2672 U   U   A . n 
A 1 27 G   27 2673 2673 G   G   A . n 
# 
loop_
_pdbx_nonpoly_scheme.asym_id 
_pdbx_nonpoly_scheme.entity_id 
_pdbx_nonpoly_scheme.mon_id 
_pdbx_nonpoly_scheme.ndb_seq_num 
_pdbx_nonpoly_scheme.pdb_seq_num 
_pdbx_nonpoly_scheme.auth_seq_num 
_pdbx_nonpoly_scheme.pdb_mon_id 
_pdbx_nonpoly_scheme.auth_mon_id 
_pdbx_nonpoly_scheme.pdb_strand_id 
_pdbx_nonpoly_scheme.pdb_ins_code 
B 2 HOH 1   2701 72  HOH HOH A . 
B 2 HOH 2   2702 81  HOH HOH A . 
B 2 HOH 3   2703 30  HOH HOH A . 
B 2 HOH 4   2704 74  HOH HOH A . 
B 2 HOH 5   2705 96  HOH HOH A . 
B 2 HOH 6   2706 44  HOH HOH A . 
B 2 HOH 7   2707 25  HOH HOH A . 
B 2 HOH 8   2708 135 HOH HOH A . 
B 2 HOH 9   2709 10  HOH HOH A . 
B 2 HOH 10  2710 71  HOH HOH A . 
B 2 HOH 11  2711 130 HOH HOH A . 
B 2 HOH 12  2712 84  HOH HOH A . 
B 2 HOH 13  2713 134 HOH HOH A . 
B 2 HOH 14  2714 46  HOH HOH A . 
B 2 HOH 15  2715 61  HOH HOH A . 
B 2 HOH 16  2716 103 HOH HOH A . 
B 2 HOH 17  2717 23  HOH HOH A . 
B 2 HOH 18  2718 39  HOH HOH A . 
B 2 HOH 19  2719 107 HOH HOH A . 
B 2 HOH 20  2720 29  HOH HOH A . 
B 2 HOH 21  2721 90  HOH HOH A . 
B 2 HOH 22  2722 140 HOH HOH A . 
B 2 HOH 23  2723 102 HOH HOH A . 
B 2 HOH 24  2724 109 HOH HOH A . 
B 2 HOH 25  2725 85  HOH HOH A . 
B 2 HOH 26  2726 45  HOH HOH A . 
B 2 HOH 27  2727 58  HOH HOH A . 
B 2 HOH 28  2728 123 HOH HOH A . 
B 2 HOH 29  2729 87  HOH HOH A . 
B 2 HOH 30  2730 41  HOH HOH A . 
B 2 HOH 31  2731 56  HOH HOH A . 
B 2 HOH 32  2732 28  HOH HOH A . 
B 2 HOH 33  2733 24  HOH HOH A . 
B 2 HOH 34  2734 21  HOH HOH A . 
B 2 HOH 35  2735 48  HOH HOH A . 
B 2 HOH 36  2736 55  HOH HOH A . 
B 2 HOH 37  2737 80  HOH HOH A . 
B 2 HOH 38  2738 4   HOH HOH A . 
B 2 HOH 39  2739 116 HOH HOH A . 
B 2 HOH 40  2740 6   HOH HOH A . 
B 2 HOH 41  2741 47  HOH HOH A . 
B 2 HOH 42  2742 38  HOH HOH A . 
B 2 HOH 43  2743 3   HOH HOH A . 
B 2 HOH 44  2744 142 HOH HOH A . 
B 2 HOH 45  2745 35  HOH HOH A . 
B 2 HOH 46  2746 17  HOH HOH A . 
B 2 HOH 47  2747 115 HOH HOH A . 
B 2 HOH 48  2748 59  HOH HOH A . 
B 2 HOH 49  2749 67  HOH HOH A . 
B 2 HOH 50  2750 18  HOH HOH A . 
B 2 HOH 51  2751 88  HOH HOH A . 
B 2 HOH 52  2752 66  HOH HOH A . 
B 2 HOH 53  2753 82  HOH HOH A . 
B 2 HOH 54  2754 43  HOH HOH A . 
B 2 HOH 55  2755 101 HOH HOH A . 
B 2 HOH 56  2756 27  HOH HOH A . 
B 2 HOH 57  2757 143 HOH HOH A . 
B 2 HOH 58  2758 34  HOH HOH A . 
B 2 HOH 59  2759 114 HOH HOH A . 
B 2 HOH 60  2760 32  HOH HOH A . 
B 2 HOH 61  2761 63  HOH HOH A . 
B 2 HOH 62  2762 125 HOH HOH A . 
B 2 HOH 63  2763 94  HOH HOH A . 
B 2 HOH 64  2764 93  HOH HOH A . 
B 2 HOH 65  2765 13  HOH HOH A . 
B 2 HOH 66  2766 11  HOH HOH A . 
B 2 HOH 67  2767 77  HOH HOH A . 
B 2 HOH 68  2768 12  HOH HOH A . 
B 2 HOH 69  2769 79  HOH HOH A . 
B 2 HOH 70  2770 20  HOH HOH A . 
B 2 HOH 71  2771 37  HOH HOH A . 
B 2 HOH 72  2772 65  HOH HOH A . 
B 2 HOH 73  2773 22  HOH HOH A . 
B 2 HOH 74  2774 1   HOH HOH A . 
B 2 HOH 75  2775 5   HOH HOH A . 
B 2 HOH 76  2776 15  HOH HOH A . 
B 2 HOH 77  2777 42  HOH HOH A . 
B 2 HOH 78  2778 40  HOH HOH A . 
B 2 HOH 79  2779 92  HOH HOH A . 
B 2 HOH 80  2780 53  HOH HOH A . 
B 2 HOH 81  2781 57  HOH HOH A . 
B 2 HOH 82  2782 2   HOH HOH A . 
B 2 HOH 83  2783 31  HOH HOH A . 
B 2 HOH 84  2784 104 HOH HOH A . 
B 2 HOH 85  2785 64  HOH HOH A . 
B 2 HOH 86  2786 51  HOH HOH A . 
B 2 HOH 87  2787 52  HOH HOH A . 
B 2 HOH 88  2788 112 HOH HOH A . 
B 2 HOH 89  2789 113 HOH HOH A . 
B 2 HOH 90  2790 19  HOH HOH A . 
B 2 HOH 91  2791 126 HOH HOH A . 
B 2 HOH 92  2792 133 HOH HOH A . 
B 2 HOH 93  2793 91  HOH HOH A . 
B 2 HOH 94  2794 124 HOH HOH A . 
B 2 HOH 95  2795 16  HOH HOH A . 
B 2 HOH 96  2796 33  HOH HOH A . 
B 2 HOH 97  2797 49  HOH HOH A . 
B 2 HOH 98  2798 7   HOH HOH A . 
B 2 HOH 99  2799 108 HOH HOH A . 
B 2 HOH 100 2800 36  HOH HOH A . 
B 2 HOH 101 2801 78  HOH HOH A . 
B 2 HOH 102 2802 9   HOH HOH A . 
B 2 HOH 103 2803 89  HOH HOH A . 
B 2 HOH 104 2804 54  HOH HOH A . 
B 2 HOH 105 2805 14  HOH HOH A . 
B 2 HOH 106 2806 62  HOH HOH A . 
B 2 HOH 107 2807 60  HOH HOH A . 
B 2 HOH 108 2808 8   HOH HOH A . 
B 2 HOH 109 2809 26  HOH HOH A . 
B 2 HOH 110 2810 97  HOH HOH A . 
B 2 HOH 111 2811 76  HOH HOH A . 
B 2 HOH 112 2812 75  HOH HOH A . 
B 2 HOH 113 2813 68  HOH HOH A . 
B 2 HOH 114 2814 117 HOH HOH A . 
B 2 HOH 115 2815 127 HOH HOH A . 
B 2 HOH 116 2816 69  HOH HOH A . 
B 2 HOH 117 2817 83  HOH HOH A . 
B 2 HOH 118 2818 99  HOH HOH A . 
B 2 HOH 119 2819 138 HOH HOH A . 
B 2 HOH 120 2820 73  HOH HOH A . 
B 2 HOH 121 2821 122 HOH HOH A . 
B 2 HOH 122 2822 141 HOH HOH A . 
B 2 HOH 123 2823 118 HOH HOH A . 
B 2 HOH 124 2824 106 HOH HOH A . 
B 2 HOH 125 2825 128 HOH HOH A . 
B 2 HOH 126 2826 70  HOH HOH A . 
B 2 HOH 127 2827 98  HOH HOH A . 
B 2 HOH 128 2828 119 HOH HOH A . 
B 2 HOH 129 2829 129 HOH HOH A . 
B 2 HOH 130 2830 121 HOH HOH A . 
B 2 HOH 131 2831 137 HOH HOH A . 
B 2 HOH 132 2832 95  HOH HOH A . 
B 2 HOH 133 2833 111 HOH HOH A . 
B 2 HOH 134 2834 110 HOH HOH A . 
B 2 HOH 135 2835 105 HOH HOH A . 
B 2 HOH 136 2836 131 HOH HOH A . 
B 2 HOH 137 2837 50  HOH HOH A . 
B 2 HOH 138 2838 100 HOH HOH A . 
B 2 HOH 139 2839 120 HOH HOH A . 
B 2 HOH 140 2840 132 HOH HOH A . 
B 2 HOH 141 2841 86  HOH HOH A . 
B 2 HOH 142 2842 139 HOH HOH A . 
B 2 HOH 143 2843 136 HOH HOH A . 
# 
loop_
_software.citation_id 
_software.classification 
_software.compiler_name 
_software.compiler_version 
_software.contact_author 
_software.contact_author_email 
_software.date 
_software.description 
_software.dependencies 
_software.hardware 
_software.language 
_software.location 
_software.mods 
_software.name 
_software.os 
_software.os_version 
_software.type 
_software.version 
_software.pdbx_ordinal 
? refinement       ? ? ? ? ? ? ? ? ? ? ? PHENIX ? ? ? '(phenix.refine: 1.8.4_1496)' 1 
? 'data reduction' ? ? ? ? ? ? ? ? ? ? ? XDS    ? ? ? .                             2 
? 'data scaling'   ? ? ? ? ? ? ? ? ? ? ? XSCALE ? ? ? .                             3 
? phasing          ? ? ? ? ? ? ? ? ? ? ? MOLREP ? ? ? .                             4 
# 
_cell.entry_id           4Y27 
_cell.length_a           29.500 
_cell.length_b           29.500 
_cell.length_c           77.150 
_cell.angle_alpha        90.00 
_cell.angle_beta         90.00 
_cell.angle_gamma        90.00 
_cell.Z_PDB              4 
_cell.pdbx_unique_axis   ? 
# 
_symmetry.entry_id                         4Y27 
_symmetry.space_group_name_H-M             'P 43' 
_symmetry.pdbx_full_space_group_name_H-M   ? 
_symmetry.cell_setting                     ? 
_symmetry.Int_Tables_number                78 
# 
_exptl.absorpt_coefficient_mu     ? 
_exptl.absorpt_correction_T_max   ? 
_exptl.absorpt_correction_T_min   ? 
_exptl.absorpt_correction_type    ? 
_exptl.absorpt_process_details    ? 
_exptl.entry_id                   4Y27 
_exptl.crystals_number            ? 
_exptl.details                    ? 
_exptl.method                     'X-RAY DIFFRACTION' 
_exptl.method_details             ? 
# 
_exptl_crystal.colour                      ? 
_exptl_crystal.density_diffrn              ? 
_exptl_crystal.density_Matthews            1.92 
_exptl_crystal.density_method              ? 
_exptl_crystal.density_percent_sol         35.83 
_exptl_crystal.description                 'Square platelet' 
_exptl_crystal.F_000                       ? 
_exptl_crystal.id                          1 
_exptl_crystal.preparation                 ? 
_exptl_crystal.size_max                    ? 
_exptl_crystal.size_mid                    ? 
_exptl_crystal.size_min                    ? 
_exptl_crystal.size_rad                    ? 
_exptl_crystal.colour_lustre               ? 
_exptl_crystal.colour_modifier             ? 
_exptl_crystal.colour_primary              ? 
_exptl_crystal.density_meas                ? 
_exptl_crystal.density_meas_esd            ? 
_exptl_crystal.density_meas_gt             ? 
_exptl_crystal.density_meas_lt             ? 
_exptl_crystal.density_meas_temp           ? 
_exptl_crystal.density_meas_temp_esd       ? 
_exptl_crystal.density_meas_temp_gt        ? 
_exptl_crystal.density_meas_temp_lt        ? 
_exptl_crystal.pdbx_crystal_image_url      ? 
_exptl_crystal.pdbx_crystal_image_format   ? 
_exptl_crystal.pdbx_mosaicity              ? 
_exptl_crystal.pdbx_mosaicity_esd          ? 
# 
_exptl_crystal_grow.apparatus       ? 
_exptl_crystal_grow.atmosphere      ? 
_exptl_crystal_grow.crystal_id      1 
_exptl_crystal_grow.details         ? 
_exptl_crystal_grow.method          'VAPOR DIFFUSION, SITTING DROP' 
_exptl_crystal_grow.method_ref      ? 
_exptl_crystal_grow.pH              ? 
_exptl_crystal_grow.pressure        ? 
_exptl_crystal_grow.pressure_esd    ? 
_exptl_crystal_grow.seeding         ? 
_exptl_crystal_grow.seeding_ref     ? 
_exptl_crystal_grow.temp            293 
_exptl_crystal_grow.temp_details    ? 
_exptl_crystal_grow.temp_esd        ? 
_exptl_crystal_grow.time            ? 
_exptl_crystal_grow.pdbx_details    
;Crystals were grown for two weeks at 20C by mixing one volume of RNA sample with one volume of a crystallization buffer made with ammonium sulfate 2.5 M, magnesium acetate 10 mM and 2-(N-morpholino)ethanesulfonic acid (MES) pH 5.6 50 mM.
;
_exptl_crystal_grow.pdbx_pH_range   ? 
# 
_diffrn.ambient_environment              ? 
_diffrn.ambient_temp                     100 
_diffrn.ambient_temp_details             ? 
_diffrn.ambient_temp_esd                 ? 
_diffrn.crystal_id                       1 
_diffrn.crystal_support                  ? 
_diffrn.crystal_treatment                ? 
_diffrn.details                          ? 
_diffrn.id                               1 
_diffrn.ambient_pressure                 ? 
_diffrn.ambient_pressure_esd             ? 
_diffrn.ambient_pressure_gt              ? 
_diffrn.ambient_pressure_lt              ? 
_diffrn.ambient_temp_gt                  ? 
_diffrn.ambient_temp_lt                  ? 
_diffrn.pdbx_serial_crystal_experiment   ? 
# 
_diffrn_detector.details                      ? 
_diffrn_detector.detector                     PIXEL 
_diffrn_detector.diffrn_id                    1 
_diffrn_detector.type                         'DECTRIS PILATUS 2M' 
_diffrn_detector.area_resol_mean              ? 
_diffrn_detector.dtime                        ? 
_diffrn_detector.pdbx_frames_total            ? 
_diffrn_detector.pdbx_collection_time_total   ? 
_diffrn_detector.pdbx_collection_date         2014-12-20 
# 
_diffrn_radiation.collimation                      ? 
_diffrn_radiation.diffrn_id                        1 
_diffrn_radiation.filter_edge                      ? 
_diffrn_radiation.inhomogeneity                    ? 
_diffrn_radiation.monochromator                    ? 
_diffrn_radiation.polarisn_norm                    ? 
_diffrn_radiation.polarisn_ratio                   ? 
_diffrn_radiation.probe                            ? 
_diffrn_radiation.type                             ? 
_diffrn_radiation.xray_symbol                      ? 
_diffrn_radiation.wavelength_id                    1 
_diffrn_radiation.pdbx_monochromatic_or_laue_m_l   M 
_diffrn_radiation.pdbx_wavelength_list             ? 
_diffrn_radiation.pdbx_wavelength                  ? 
_diffrn_radiation.pdbx_diffrn_protocol             'SINGLE WAVELENGTH' 
_diffrn_radiation.pdbx_analyzer                    ? 
_diffrn_radiation.pdbx_scattering_type             x-ray 
# 
_diffrn_radiation_wavelength.id           1 
_diffrn_radiation_wavelength.wavelength   0.77491 
_diffrn_radiation_wavelength.wt           1.0 
# 
_diffrn_source.current                     ? 
_diffrn_source.details                     ? 
_diffrn_source.diffrn_id                   1 
_diffrn_source.power                       ? 
_diffrn_source.size                        ? 
_diffrn_source.source                      SYNCHROTRON 
_diffrn_source.target                      ? 
_diffrn_source.type                        'SLS BEAMLINE X06DA' 
_diffrn_source.voltage                     ? 
_diffrn_source.take-off_angle              ? 
_diffrn_source.pdbx_wavelength_list        0.77491 
_diffrn_source.pdbx_wavelength             ? 
_diffrn_source.pdbx_synchrotron_beamline   X06DA 
_diffrn_source.pdbx_synchrotron_site       SLS 
# 
_reflns.B_iso_Wilson_estimate            ? 
_reflns.entry_id                         4Y27 
_reflns.data_reduction_details           ? 
_reflns.data_reduction_method            ? 
_reflns.d_resolution_high                0.998 
_reflns.d_resolution_low                 30 
_reflns.details                          ? 
_reflns.limit_h_max                      ? 
_reflns.limit_h_min                      ? 
_reflns.limit_k_max                      ? 
_reflns.limit_k_min                      ? 
_reflns.limit_l_max                      ? 
_reflns.limit_l_min                      ? 
_reflns.number_all                       ? 
_reflns.number_obs                       35632 
_reflns.observed_criterion               ? 
_reflns.observed_criterion_F_max         ? 
_reflns.observed_criterion_F_min         ? 
_reflns.observed_criterion_I_max         ? 
_reflns.observed_criterion_I_min         ? 
_reflns.observed_criterion_sigma_F       ? 
_reflns.observed_criterion_sigma_I       ? 
_reflns.percent_possible_obs             99.8 
_reflns.R_free_details                   ? 
_reflns.Rmerge_F_all                     ? 
_reflns.Rmerge_F_obs                     ? 
_reflns.Friedel_coverage                 ? 
_reflns.number_gt                        ? 
_reflns.threshold_expression             ? 
_reflns.pdbx_redundancy                  12.9 
_reflns.pdbx_Rmerge_I_obs                0.058 
_reflns.pdbx_Rmerge_I_all                ? 
_reflns.pdbx_Rsym_value                  ? 
_reflns.pdbx_netI_over_av_sigmaI         ? 
_reflns.pdbx_netI_over_sigmaI            35.15 
_reflns.pdbx_res_netI_over_av_sigmaI_2   ? 
_reflns.pdbx_res_netI_over_sigmaI_2      ? 
_reflns.pdbx_chi_squared                 ? 
_reflns.pdbx_scaling_rejects             ? 
_reflns.pdbx_d_res_high_opt              ? 
_reflns.pdbx_d_res_low_opt               ? 
_reflns.pdbx_d_res_opt_method            ? 
_reflns.phase_calculation_details        ? 
_reflns.pdbx_Rrim_I_all                  ? 
_reflns.pdbx_Rpim_I_all                  ? 
_reflns.pdbx_d_opt                       ? 
_reflns.pdbx_number_measured_all         ? 
_reflns.pdbx_diffrn_id                   1 
_reflns.pdbx_ordinal                     1 
_reflns.pdbx_CC_half                     ? 
_reflns.pdbx_R_split                     ? 
# 
_reflns_shell.d_res_high                  0.998 
_reflns_shell.d_res_low                   1.02 
_reflns_shell.meanI_over_sigI_all         ? 
_reflns_shell.meanI_over_sigI_obs         1.01 
_reflns_shell.number_measured_all         ? 
_reflns_shell.number_measured_obs         ? 
_reflns_shell.number_possible             ? 
_reflns_shell.number_unique_all           2556 
_reflns_shell.number_unique_obs           ? 
_reflns_shell.percent_possible_all        98.0 
_reflns_shell.percent_possible_obs        ? 
_reflns_shell.Rmerge_F_all                ? 
_reflns_shell.Rmerge_F_obs                ? 
_reflns_shell.Rmerge_I_all                ? 
_reflns_shell.Rmerge_I_obs                3.697 
_reflns_shell.meanI_over_sigI_gt          ? 
_reflns_shell.meanI_over_uI_all           ? 
_reflns_shell.meanI_over_uI_gt            ? 
_reflns_shell.number_measured_gt          ? 
_reflns_shell.number_unique_gt            ? 
_reflns_shell.percent_possible_gt         ? 
_reflns_shell.Rmerge_F_gt                 ? 
_reflns_shell.Rmerge_I_gt                 ? 
_reflns_shell.pdbx_redundancy             ? 
_reflns_shell.pdbx_Rsym_value             ? 
_reflns_shell.pdbx_chi_squared            ? 
_reflns_shell.pdbx_netI_over_sigmaI_all   ? 
_reflns_shell.pdbx_netI_over_sigmaI_obs   ? 
_reflns_shell.pdbx_Rrim_I_all             ? 
_reflns_shell.pdbx_Rpim_I_all             ? 
_reflns_shell.pdbx_rejects                ? 
_reflns_shell.pdbx_ordinal                1 
_reflns_shell.pdbx_diffrn_id              1 
_reflns_shell.pdbx_CC_half                ? 
_reflns_shell.pdbx_R_split                ? 
# 
_refine.pdbx_refine_id                           'X-RAY DIFFRACTION' 
_refine.entry_id                                 4Y27 
_refine.pdbx_diffrn_id                           1 
_refine.pdbx_TLS_residual_ADP_flag               ? 
_refine.ls_number_reflns_obs                     35630 
_refine.ls_number_reflns_all                     ? 
_refine.pdbx_ls_sigma_I                          ? 
_refine.pdbx_ls_sigma_F                          1.36 
_refine.pdbx_data_cutoff_high_absF               ? 
_refine.pdbx_data_cutoff_low_absF                ? 
_refine.pdbx_data_cutoff_high_rms_absF           ? 
_refine.ls_d_res_low                             29.500 
_refine.ls_d_res_high                            0.998 
_refine.ls_percent_reflns_obs                    99.85 
_refine.ls_R_factor_obs                          0.1361 
_refine.ls_R_factor_all                          ? 
_refine.ls_R_factor_R_work                       0.1353 
_refine.ls_R_factor_R_free                       0.1488 
_refine.ls_R_factor_R_free_error                 ? 
_refine.ls_R_factor_R_free_error_details         ? 
_refine.ls_percent_reflns_R_free                 4.97 
_refine.ls_number_reflns_R_free                  1770 
_refine.ls_number_parameters                     ? 
_refine.ls_number_restraints                     ? 
_refine.occupancy_min                            ? 
_refine.occupancy_max                            ? 
_refine.correlation_coeff_Fo_to_Fc               ? 
_refine.correlation_coeff_Fo_to_Fc_free          ? 
_refine.B_iso_mean                               ? 
_refine.aniso_B[1][1]                            ? 
_refine.aniso_B[2][2]                            ? 
_refine.aniso_B[3][3]                            ? 
_refine.aniso_B[1][2]                            ? 
_refine.aniso_B[1][3]                            ? 
_refine.aniso_B[2][3]                            ? 
_refine.solvent_model_details                    'FLAT BULK SOLVENT MODEL' 
_refine.solvent_model_param_ksol                 ? 
_refine.solvent_model_param_bsol                 ? 
_refine.pdbx_solvent_vdw_probe_radii             0.70 
_refine.pdbx_solvent_ion_probe_radii             ? 
_refine.pdbx_solvent_shrinkage_radii             0.30 
_refine.pdbx_ls_cross_valid_method               'FREE R-VALUE' 
_refine.details                                  ? 
_refine.pdbx_starting_model                      3DVZ 
_refine.pdbx_method_to_determine_struct          'MOLECULAR REPLACEMENT' 
_refine.pdbx_isotropic_thermal_model             ? 
_refine.pdbx_stereochemistry_target_values       ML 
_refine.pdbx_stereochem_target_val_spec_case     ? 
_refine.pdbx_R_Free_selection_details            ? 
_refine.pdbx_overall_ESU_R                       ? 
_refine.pdbx_overall_ESU_R_Free                  ? 
_refine.overall_SU_ML                            0.11 
_refine.pdbx_overall_phase_error                 16.75 
_refine.overall_SU_B                             ? 
_refine.overall_SU_R_Cruickshank_DPI             ? 
_refine.pdbx_overall_SU_R_free_Cruickshank_DPI   ? 
_refine.pdbx_overall_SU_R_Blow_DPI               ? 
_refine.pdbx_overall_SU_R_free_Blow_DPI          ? 
# 
_refine_hist.pdbx_refine_id                   'X-RAY DIFFRACTION' 
_refine_hist.cycle_id                         LAST 
_refine_hist.pdbx_number_atoms_protein        0 
_refine_hist.pdbx_number_atoms_nucleic_acid   580 
_refine_hist.pdbx_number_atoms_ligand         0 
_refine_hist.number_atoms_solvent             143 
_refine_hist.number_atoms_total               723 
_refine_hist.d_res_high                       0.998 
_refine_hist.d_res_low                        29.500 
# 
loop_
_refine_ls_restr.type 
_refine_ls_restr.dev_ideal 
_refine_ls_restr.dev_ideal_target 
_refine_ls_restr.weight 
_refine_ls_restr.number 
_refine_ls_restr.pdbx_refine_id 
_refine_ls_restr.pdbx_restraint_function 
f_bond_d           0.016  ? ? 647  'X-RAY DIFFRACTION' ? 
f_angle_d          1.579  ? ? 1003 'X-RAY DIFFRACTION' ? 
f_dihedral_angle_d 11.910 ? ? 299  'X-RAY DIFFRACTION' ? 
f_chiral_restr     0.090  ? ? 132  'X-RAY DIFFRACTION' ? 
f_plane_restr      0.019  ? ? 27   'X-RAY DIFFRACTION' ? 
# 
loop_
_refine_ls_shell.pdbx_refine_id 
_refine_ls_shell.pdbx_total_number_of_bins_used 
_refine_ls_shell.d_res_high 
_refine_ls_shell.d_res_low 
_refine_ls_shell.number_reflns_R_work 
_refine_ls_shell.R_factor_R_work 
_refine_ls_shell.percent_reflns_obs 
_refine_ls_shell.R_factor_R_free 
_refine_ls_shell.R_factor_R_free_error 
_refine_ls_shell.percent_reflns_R_free 
_refine_ls_shell.number_reflns_R_free 
_refine_ls_shell.number_reflns_all 
_refine_ls_shell.R_factor_all 
_refine_ls_shell.R_factor_obs 
_refine_ls_shell.number_reflns_obs 
'X-RAY DIFFRACTION' . 0.9983 1.0253  2567 0.3114 98.00  0.3267 . . 129 . . . . 
'X-RAY DIFFRACTION' . 1.0253 1.0554  2605 0.2436 100.00 0.2697 . . 135 . . . . 
'X-RAY DIFFRACTION' . 1.0554 1.0895  2591 0.2025 100.00 0.2227 . . 138 . . . . 
'X-RAY DIFFRACTION' . 1.0895 1.1284  2612 0.1744 100.00 0.2181 . . 129 . . . . 
'X-RAY DIFFRACTION' . 1.1284 1.1736  2585 0.1579 100.00 0.1652 . . 139 . . . . 
'X-RAY DIFFRACTION' . 1.1736 1.2270  2628 0.1421 100.00 0.1587 . . 141 . . . . 
'X-RAY DIFFRACTION' . 1.2270 1.2917  2588 0.1352 100.00 0.1614 . . 139 . . . . 
'X-RAY DIFFRACTION' . 1.2917 1.3726  2591 0.1345 100.00 0.1523 . . 133 . . . . 
'X-RAY DIFFRACTION' . 1.3726 1.4786  2615 0.1334 100.00 0.1420 . . 137 . . . . 
'X-RAY DIFFRACTION' . 1.4786 1.6274  2601 0.1196 100.00 0.1430 . . 137 . . . . 
'X-RAY DIFFRACTION' . 1.6274 1.8629  2613 0.1163 100.00 0.1462 . . 136 . . . . 
'X-RAY DIFFRACTION' . 1.8629 2.3469  2623 0.1358 100.00 0.1473 . . 136 . . . . 
'X-RAY DIFFRACTION' . 2.3469 29.5129 2641 0.1254 100.00 0.1313 . . 141 . . . . 
# 
_struct.entry_id                     4Y27 
_struct.title                        'E.coli 23S Sarcin-Ricil Loop, modified with a 2-Me on G2661 and a methylphosphonate on A2662' 
_struct.pdbx_model_details           ? 
_struct.pdbx_formula_weight          ? 
_struct.pdbx_formula_weight_method   ? 
_struct.pdbx_model_type_details      ? 
_struct.pdbx_CASP_flag               ? 
# 
_struct_keywords.entry_id        4Y27 
_struct_keywords.text            'RNA, modification, ribosome' 
_struct_keywords.pdbx_keywords   RNA 
# 
loop_
_struct_asym.id 
_struct_asym.pdbx_blank_PDB_chainid_flag 
_struct_asym.pdbx_modified 
_struct_asym.entity_id 
_struct_asym.details 
A N N 1 ? 
B N N 2 ? 
# 
_struct_ref.id                         1 
_struct_ref.db_name                    PDB 
_struct_ref.db_code                    4Y27 
_struct_ref.pdbx_db_accession          4Y27 
_struct_ref.pdbx_db_isoform            ? 
_struct_ref.entity_id                  1 
_struct_ref.pdbx_seq_one_letter_code   ? 
_struct_ref.pdbx_align_begin           1 
# 
_struct_ref_seq.align_id                      1 
_struct_ref_seq.ref_id                        1 
_struct_ref_seq.pdbx_PDB_id_code              4Y27 
_struct_ref_seq.pdbx_strand_id                A 
_struct_ref_seq.seq_align_beg                 1 
_struct_ref_seq.pdbx_seq_align_beg_ins_code   ? 
_struct_ref_seq.seq_align_end                 27 
_struct_ref_seq.pdbx_seq_align_end_ins_code   ? 
_struct_ref_seq.pdbx_db_accession             4Y27 
_struct_ref_seq.db_align_beg                  2647 
_struct_ref_seq.pdbx_db_align_beg_ins_code    ? 
_struct_ref_seq.db_align_end                  2673 
_struct_ref_seq.pdbx_db_align_end_ins_code    ? 
_struct_ref_seq.pdbx_auth_seq_align_beg       2647 
_struct_ref_seq.pdbx_auth_seq_align_end       2673 
# 
_pdbx_struct_assembly.id                   1 
_pdbx_struct_assembly.details              author_and_software_defined_assembly 
_pdbx_struct_assembly.method_details       PISA 
_pdbx_struct_assembly.oligomeric_details   monomeric 
_pdbx_struct_assembly.oligomeric_count     1 
# 
loop_
_pdbx_struct_assembly_prop.biol_id 
_pdbx_struct_assembly_prop.type 
_pdbx_struct_assembly_prop.value 
_pdbx_struct_assembly_prop.details 
1 'ABSA (A^2)' 550  ? 
1 MORE         1    ? 
1 'SSA (A^2)'  4810 ? 
# 
_pdbx_struct_assembly_gen.assembly_id       1 
_pdbx_struct_assembly_gen.oper_expression   1 
_pdbx_struct_assembly_gen.asym_id_list      A,B 
# 
_pdbx_struct_oper_list.id                   1 
_pdbx_struct_oper_list.type                 'identity operation' 
_pdbx_struct_oper_list.name                 1_555 
_pdbx_struct_oper_list.symmetry_operation   x,y,z 
_pdbx_struct_oper_list.matrix[1][1]         1.0000000000 
_pdbx_struct_oper_list.matrix[1][2]         0.0000000000 
_pdbx_struct_oper_list.matrix[1][3]         0.0000000000 
_pdbx_struct_oper_list.vector[1]            0.0000000000 
_pdbx_struct_oper_list.matrix[2][1]         0.0000000000 
_pdbx_struct_oper_list.matrix[2][2]         1.0000000000 
_pdbx_struct_oper_list.matrix[2][3]         0.0000000000 
_pdbx_struct_oper_list.vector[2]            0.0000000000 
_pdbx_struct_oper_list.matrix[3][1]         0.0000000000 
_pdbx_struct_oper_list.matrix[3][2]         0.0000000000 
_pdbx_struct_oper_list.matrix[3][3]         1.0000000000 
_pdbx_struct_oper_list.vector[3]            0.0000000000 
# 
loop_
_struct_conn.id 
_struct_conn.conn_type_id 
_struct_conn.pdbx_leaving_atom_flag 
_struct_conn.pdbx_PDB_id 
_struct_conn.ptnr1_label_asym_id 
_struct_conn.ptnr1_label_comp_id 
_struct_conn.ptnr1_label_seq_id 
_struct_conn.ptnr1_label_atom_id 
_struct_conn.pdbx_ptnr1_label_alt_id 
_struct_conn.pdbx_ptnr1_PDB_ins_code 
_struct_conn.pdbx_ptnr1_standard_comp_id 
_struct_conn.ptnr1_symmetry 
_struct_conn.ptnr2_label_asym_id 
_struct_conn.ptnr2_label_comp_id 
_struct_conn.ptnr2_label_seq_id 
_struct_conn.ptnr2_label_atom_id 
_struct_conn.pdbx_ptnr2_label_alt_id 
_struct_conn.pdbx_ptnr2_PDB_ins_code 
_struct_conn.ptnr1_auth_asym_id 
_struct_conn.ptnr1_auth_comp_id 
_struct_conn.ptnr1_auth_seq_id 
_struct_conn.ptnr2_auth_asym_id 
_struct_conn.ptnr2_auth_comp_id 
_struct_conn.ptnr2_auth_seq_id 
_struct_conn.ptnr2_symmetry 
_struct_conn.pdbx_ptnr3_label_atom_id 
_struct_conn.pdbx_ptnr3_label_seq_id 
_struct_conn.pdbx_ptnr3_label_comp_id 
_struct_conn.pdbx_ptnr3_label_asym_id 
_struct_conn.pdbx_ptnr3_label_alt_id 
_struct_conn.pdbx_ptnr3_PDB_ins_code 
_struct_conn.details 
_struct_conn.pdbx_dist_value 
_struct_conn.pdbx_value_order 
_struct_conn.pdbx_role 
covale1  covale both ? A A   14 "O3'" ? ? ? 1_555 A OMG 15 P  ? ? A A   2660 A OMG 2661 1_555 ? ? ? ? ? ? ?                    
1.613 ? ? 
covale2  covale both ? A OMG 15 "O3'" ? ? ? 1_555 A 45A 16 P  ? ? A OMG 2661 A 45A 2662 1_555 ? ? ? ? ? ? ?                    
1.598 ? ? 
covale3  covale one  ? A 45A 16 "O3'" ? ? ? 1_555 A G   17 P  ? ? A 45A 2662 A G   2663 1_555 ? ? ? ? ? ? ?                    
1.642 ? ? 
hydrog1  hydrog ?    ? A G   2  N1    ? ? ? 1_555 A U   26 O2 ? ? A G   2648 A U   2672 1_555 ? ? ? ? ? ? TYPE_28_PAIR         ? ? 
? 
hydrog2  hydrog ?    ? A G   2  O6    ? ? ? 1_555 A U   26 N3 ? ? A G   2648 A U   2672 1_555 ? ? ? ? ? ? TYPE_28_PAIR         ? ? 
? 
hydrog3  hydrog ?    ? A C   3  N3    ? ? ? 1_555 A G   25 N1 ? ? A C   2649 A G   2671 1_555 ? ? ? ? ? ? WATSON-CRICK         ? ? 
? 
hydrog4  hydrog ?    ? A C   3  N4    ? ? ? 1_555 A G   25 O6 ? ? A C   2649 A G   2671 1_555 ? ? ? ? ? ? WATSON-CRICK         ? ? 
? 
hydrog5  hydrog ?    ? A C   3  O2    ? ? ? 1_555 A G   25 N2 ? ? A C   2649 A G   2671 1_555 ? ? ? ? ? ? WATSON-CRICK         ? ? 
? 
hydrog6  hydrog ?    ? A U   4  N3    ? ? ? 1_555 A A   24 N1 ? ? A U   2650 A A   2670 1_555 ? ? ? ? ? ? WATSON-CRICK         ? ? 
? 
hydrog7  hydrog ?    ? A U   4  O4    ? ? ? 1_555 A A   24 N6 ? ? A U   2650 A A   2670 1_555 ? ? ? ? ? ? WATSON-CRICK         ? ? 
? 
hydrog8  hydrog ?    ? A C   5  N3    ? ? ? 1_555 A G   23 N1 ? ? A C   2651 A G   2669 1_555 ? ? ? ? ? ? WATSON-CRICK         ? ? 
? 
hydrog9  hydrog ?    ? A C   5  N4    ? ? ? 1_555 A G   23 O6 ? ? A C   2651 A G   2669 1_555 ? ? ? ? ? ? WATSON-CRICK         ? ? 
? 
hydrog10 hydrog ?    ? A C   5  O2    ? ? ? 1_555 A G   23 N2 ? ? A C   2651 A G   2669 1_555 ? ? ? ? ? ? WATSON-CRICK         ? ? 
? 
hydrog11 hydrog ?    ? A C   6  N3    ? ? ? 1_555 A G   22 N1 ? ? A C   2652 A G   2668 1_555 ? ? ? ? ? ? WATSON-CRICK         ? ? 
? 
hydrog12 hydrog ?    ? A C   6  N4    ? ? ? 1_555 A G   22 O6 ? ? A C   2652 A G   2668 1_555 ? ? ? ? ? ? WATSON-CRICK         ? ? 
? 
hydrog13 hydrog ?    ? A C   6  O2    ? ? ? 1_555 A G   22 N2 ? ? A C   2652 A G   2668 1_555 ? ? ? ? ? ? WATSON-CRICK         ? ? 
? 
hydrog14 hydrog ?    ? A U   7  O2    ? ? ? 1_555 A C   21 N4 ? ? A U   2653 A C   2667 1_555 ? ? ? ? ? ? 'U-C MISPAIR'        ? ? 
? 
hydrog15 hydrog ?    ? A U   10 N3    ? ? ? 1_555 A A   19 N7 ? ? A U   2656 A A   2665 1_555 ? ? ? ? ? ? 'REVERSED HOOGSTEEN' ? ? 
? 
hydrog16 hydrog ?    ? A U   10 O2    ? ? ? 1_555 A A   19 N6 ? ? A U   2656 A A   2665 1_555 ? ? ? ? ? ? 'REVERSED HOOGSTEEN' ? ? 
? 
hydrog17 hydrog ?    ? A A   11 N6    ? ? ? 1_555 A G   18 N3 ? ? A A   2657 A G   2664 1_555 ? ? ? ? ? ? TYPE_11_PAIR         ? ? 
? 
hydrog18 hydrog ?    ? A A   11 N7    ? ? ? 1_555 A G   18 N2 ? ? A A   2657 A G   2664 1_555 ? ? ? ? ? ? TYPE_11_PAIR         ? ? 
? 
hydrog19 hydrog ?    ? A C   12 N3    ? ? ? 1_555 A G   17 N1 ? ? A C   2658 A G   2663 1_555 ? ? ? ? ? ? WATSON-CRICK         ? ? 
? 
hydrog20 hydrog ?    ? A C   12 N4    ? ? ? 1_555 A G   17 O6 ? ? A C   2658 A G   2663 1_555 ? ? ? ? ? ? WATSON-CRICK         ? ? 
? 
hydrog21 hydrog ?    ? A C   12 O2    ? ? ? 1_555 A G   17 N2 ? ? A C   2658 A G   2663 1_555 ? ? ? ? ? ? WATSON-CRICK         ? ? 
? 
hydrog22 hydrog ?    ? A G   13 N2    ? ? ? 1_555 A 45A 16 N7 ? ? A G   2659 A 45A 2662 1_555 ? ? ? ? ? ? 'G-45A MISPAIR'      ? ? 
? 
# 
loop_
_struct_conn_type.id 
_struct_conn_type.criteria 
_struct_conn_type.reference 
covale ? ? 
hydrog ? ? 
# 
_pdbx_validate_symm_contact.id                1 
_pdbx_validate_symm_contact.PDB_model_num     1 
_pdbx_validate_symm_contact.auth_atom_id_1    "HO2'" 
_pdbx_validate_symm_contact.auth_asym_id_1    A 
_pdbx_validate_symm_contact.auth_comp_id_1    U 
_pdbx_validate_symm_contact.auth_seq_id_1     2653 
_pdbx_validate_symm_contact.PDB_ins_code_1    ? 
_pdbx_validate_symm_contact.label_alt_id_1    ? 
_pdbx_validate_symm_contact.site_symmetry_1   1_555 
_pdbx_validate_symm_contact.auth_atom_id_2    HN21 
_pdbx_validate_symm_contact.auth_asym_id_2    A 
_pdbx_validate_symm_contact.auth_comp_id_2    OMG 
_pdbx_validate_symm_contact.auth_seq_id_2     2661 
_pdbx_validate_symm_contact.PDB_ins_code_2    ? 
_pdbx_validate_symm_contact.label_alt_id_2    ? 
_pdbx_validate_symm_contact.site_symmetry_2   1_565 
_pdbx_validate_symm_contact.dist              1.33 
# 
loop_
_pdbx_validate_rmsd_angle.id 
_pdbx_validate_rmsd_angle.PDB_model_num 
_pdbx_validate_rmsd_angle.auth_atom_id_1 
_pdbx_validate_rmsd_angle.auth_asym_id_1 
_pdbx_validate_rmsd_angle.auth_comp_id_1 
_pdbx_validate_rmsd_angle.auth_seq_id_1 
_pdbx_validate_rmsd_angle.PDB_ins_code_1 
_pdbx_validate_rmsd_angle.label_alt_id_1 
_pdbx_validate_rmsd_angle.auth_atom_id_2 
_pdbx_validate_rmsd_angle.auth_asym_id_2 
_pdbx_validate_rmsd_angle.auth_comp_id_2 
_pdbx_validate_rmsd_angle.auth_seq_id_2 
_pdbx_validate_rmsd_angle.PDB_ins_code_2 
_pdbx_validate_rmsd_angle.label_alt_id_2 
_pdbx_validate_rmsd_angle.auth_atom_id_3 
_pdbx_validate_rmsd_angle.auth_asym_id_3 
_pdbx_validate_rmsd_angle.auth_comp_id_3 
_pdbx_validate_rmsd_angle.auth_seq_id_3 
_pdbx_validate_rmsd_angle.PDB_ins_code_3 
_pdbx_validate_rmsd_angle.label_alt_id_3 
_pdbx_validate_rmsd_angle.angle_value 
_pdbx_validate_rmsd_angle.angle_target_value 
_pdbx_validate_rmsd_angle.angle_deviation 
_pdbx_validate_rmsd_angle.angle_standard_deviation 
_pdbx_validate_rmsd_angle.linker_flag 
1 1 "O3'" A 45A 2662 ? ? P A G 2663 ? ? "O5'" A G 2663 ? ? 74.80  104.00 -29.20 1.90 Y 
2 1 "O5'" A G   2663 ? ? P A G 2663 ? ? OP2   A G 2663 ? ? 118.46 110.70 7.76   1.20 N 
# 
_pdbx_distant_solvent_atoms.id                                1 
_pdbx_distant_solvent_atoms.PDB_model_num                     1 
_pdbx_distant_solvent_atoms.auth_atom_id                      O 
_pdbx_distant_solvent_atoms.label_alt_id                      ? 
_pdbx_distant_solvent_atoms.auth_asym_id                      A 
_pdbx_distant_solvent_atoms.auth_comp_id                      HOH 
_pdbx_distant_solvent_atoms.auth_seq_id                       2843 
_pdbx_distant_solvent_atoms.PDB_ins_code                      ? 
_pdbx_distant_solvent_atoms.neighbor_macromolecule_distance   6.59 
_pdbx_distant_solvent_atoms.neighbor_ligand_distance          . 
# 
loop_
_chem_comp_atom.comp_id 
_chem_comp_atom.atom_id 
_chem_comp_atom.type_symbol 
_chem_comp_atom.pdbx_aromatic_flag 
_chem_comp_atom.pdbx_stereo_config 
_chem_comp_atom.pdbx_ordinal 
45A P      P N N 1   
45A "O4'"  O N N 2   
45A "C4'"  C N R 3   
45A "C3'"  C N S 4   
45A "C2'"  C N R 5   
45A "O3'"  O N N 6   
45A C6     C Y N 7   
45A "C1'"  C N R 8   
45A C4     C Y N 9   
45A N3     N Y N 10  
45A C2     C Y N 11  
45A N1     N Y N 12  
45A C31    C N N 13  
45A OP2    O N N 14  
45A "O5'"  O N N 15  
45A "C5'"  C N N 16  
45A "O2'"  O N N 17  
45A N9     N Y N 18  
45A C5     C Y N 19  
45A N7     N Y N 20  
45A C8     C Y N 21  
45A N6     N N N 22  
45A O1     O N N 23  
45A "H4'"  H N N 24  
45A "H3'"  H N N 25  
45A "H2'"  H N N 26  
45A H1     H N N 27  
45A "H1'"  H N N 28  
45A H2     H N N 29  
45A H32    H N N 30  
45A H33    H N N 31  
45A H31    H N N 32  
45A "H5'1" H N N 33  
45A "H5'2" H N N 34  
45A "HO2'" H N N 35  
45A H8     H N N 36  
45A H61    H N N 37  
45A H62    H N N 38  
45A H3     H N N 39  
A   OP3    O N N 40  
A   P      P N N 41  
A   OP1    O N N 42  
A   OP2    O N N 43  
A   "O5'"  O N N 44  
A   "C5'"  C N N 45  
A   "C4'"  C N R 46  
A   "O4'"  O N N 47  
A   "C3'"  C N S 48  
A   "O3'"  O N N 49  
A   "C2'"  C N R 50  
A   "O2'"  O N N 51  
A   "C1'"  C N R 52  
A   N9     N Y N 53  
A   C8     C Y N 54  
A   N7     N Y N 55  
A   C5     C Y N 56  
A   C6     C Y N 57  
A   N6     N N N 58  
A   N1     N Y N 59  
A   C2     C Y N 60  
A   N3     N Y N 61  
A   C4     C Y N 62  
A   HOP3   H N N 63  
A   HOP2   H N N 64  
A   "H5'"  H N N 65  
A   "H5''" H N N 66  
A   "H4'"  H N N 67  
A   "H3'"  H N N 68  
A   "HO3'" H N N 69  
A   "H2'"  H N N 70  
A   "HO2'" H N N 71  
A   "H1'"  H N N 72  
A   H8     H N N 73  
A   H61    H N N 74  
A   H62    H N N 75  
A   H2     H N N 76  
C   OP3    O N N 77  
C   P      P N N 78  
C   OP1    O N N 79  
C   OP2    O N N 80  
C   "O5'"  O N N 81  
C   "C5'"  C N N 82  
C   "C4'"  C N R 83  
C   "O4'"  O N N 84  
C   "C3'"  C N S 85  
C   "O3'"  O N N 86  
C   "C2'"  C N R 87  
C   "O2'"  O N N 88  
C   "C1'"  C N R 89  
C   N1     N N N 90  
C   C2     C N N 91  
C   O2     O N N 92  
C   N3     N N N 93  
C   C4     C N N 94  
C   N4     N N N 95  
C   C5     C N N 96  
C   C6     C N N 97  
C   HOP3   H N N 98  
C   HOP2   H N N 99  
C   "H5'"  H N N 100 
C   "H5''" H N N 101 
C   "H4'"  H N N 102 
C   "H3'"  H N N 103 
C   "HO3'" H N N 104 
C   "H2'"  H N N 105 
C   "HO2'" H N N 106 
C   "H1'"  H N N 107 
C   H41    H N N 108 
C   H42    H N N 109 
C   H5     H N N 110 
C   H6     H N N 111 
G   OP3    O N N 112 
G   P      P N N 113 
G   OP1    O N N 114 
G   OP2    O N N 115 
G   "O5'"  O N N 116 
G   "C5'"  C N N 117 
G   "C4'"  C N R 118 
G   "O4'"  O N N 119 
G   "C3'"  C N S 120 
G   "O3'"  O N N 121 
G   "C2'"  C N R 122 
G   "O2'"  O N N 123 
G   "C1'"  C N R 124 
G   N9     N Y N 125 
G   C8     C Y N 126 
G   N7     N Y N 127 
G   C5     C Y N 128 
G   C6     C N N 129 
G   O6     O N N 130 
G   N1     N N N 131 
G   C2     C N N 132 
G   N2     N N N 133 
G   N3     N N N 134 
G   C4     C Y N 135 
G   HOP3   H N N 136 
G   HOP2   H N N 137 
G   "H5'"  H N N 138 
G   "H5''" H N N 139 
G   "H4'"  H N N 140 
G   "H3'"  H N N 141 
G   "HO3'" H N N 142 
G   "H2'"  H N N 143 
G   "HO2'" H N N 144 
G   "H1'"  H N N 145 
G   H8     H N N 146 
G   H1     H N N 147 
G   H21    H N N 148 
G   H22    H N N 149 
HOH O      O N N 150 
HOH H1     H N N 151 
HOH H2     H N N 152 
OMG P      P N N 153 
OMG OP1    O N N 154 
OMG OP2    O N N 155 
OMG OP3    O N N 156 
OMG "O5'"  O N N 157 
OMG "C5'"  C N N 158 
OMG "C4'"  C N R 159 
OMG "O4'"  O N N 160 
OMG "C3'"  C N R 161 
OMG "O3'"  O N N 162 
OMG "C2'"  C N R 163 
OMG "O2'"  O N N 164 
OMG CM2    C N N 165 
OMG "C1'"  C N R 166 
OMG N9     N Y N 167 
OMG C8     C Y N 168 
OMG N7     N Y N 169 
OMG C5     C Y N 170 
OMG C6     C N N 171 
OMG O6     O N N 172 
OMG N1     N N N 173 
OMG C2     C N N 174 
OMG N2     N N N 175 
OMG N3     N N N 176 
OMG C4     C Y N 177 
OMG HOP2   H N N 178 
OMG HOP3   H N N 179 
OMG "H5'"  H N N 180 
OMG "H5''" H N N 181 
OMG "H4'"  H N N 182 
OMG "H3'"  H N N 183 
OMG "HO3'" H N N 184 
OMG "H2'"  H N N 185 
OMG HM21   H N N 186 
OMG HM22   H N N 187 
OMG HM23   H N N 188 
OMG "H1'"  H N N 189 
OMG H8     H N N 190 
OMG HN1    H N N 191 
OMG HN21   H N N 192 
OMG HN22   H N N 193 
U   OP3    O N N 194 
U   P      P N N 195 
U   OP1    O N N 196 
U   OP2    O N N 197 
U   "O5'"  O N N 198 
U   "C5'"  C N N 199 
U   "C4'"  C N R 200 
U   "O4'"  O N N 201 
U   "C3'"  C N S 202 
U   "O3'"  O N N 203 
U   "C2'"  C N R 204 
U   "O2'"  O N N 205 
U   "C1'"  C N R 206 
U   N1     N N N 207 
U   C2     C N N 208 
U   O2     O N N 209 
U   N3     N N N 210 
U   C4     C N N 211 
U   O4     O N N 212 
U   C5     C N N 213 
U   C6     C N N 214 
U   HOP3   H N N 215 
U   HOP2   H N N 216 
U   "H5'"  H N N 217 
U   "H5''" H N N 218 
U   "H4'"  H N N 219 
U   "H3'"  H N N 220 
U   "HO3'" H N N 221 
U   "H2'"  H N N 222 
U   "HO2'" H N N 223 
U   "H1'"  H N N 224 
U   H3     H N N 225 
U   H5     H N N 226 
U   H6     H N N 227 
# 
loop_
_chem_comp_bond.comp_id 
_chem_comp_bond.atom_id_1 
_chem_comp_bond.atom_id_2 
_chem_comp_bond.value_order 
_chem_comp_bond.pdbx_aromatic_flag 
_chem_comp_bond.pdbx_stereo_config 
_chem_comp_bond.pdbx_ordinal 
45A C31   P      sing N N 1   
45A "O3'" "C3'"  sing N N 2   
45A "C5'" "C4'"  sing N N 3   
45A "C5'" "O5'"  sing N N 4   
45A "C3'" "C4'"  sing N N 5   
45A "C3'" "C2'"  sing N N 6   
45A "C4'" "O4'"  sing N N 7   
45A P     "O5'"  sing N N 8   
45A P     OP2    doub N N 9   
45A "O2'" "C2'"  sing N N 10  
45A "C2'" "C1'"  sing N N 11  
45A "O4'" "C1'"  sing N N 12  
45A "C1'" N9     sing N N 13  
45A C8    N9     sing Y N 14  
45A C8    N7     doub Y N 15  
45A N9    C4     sing Y N 16  
45A N7    C5     sing Y N 17  
45A C4    N3     doub Y N 18  
45A C4    C5     sing Y N 19  
45A N3    C2     sing Y N 20  
45A C5    C6     doub Y N 21  
45A C2    N1     doub Y N 22  
45A C6    N1     sing Y N 23  
45A C6    N6     sing N N 24  
45A P     O1     sing N N 25  
45A "C4'" "H4'"  sing N N 26  
45A "C3'" "H3'"  sing N N 27  
45A "C2'" "H2'"  sing N N 28  
45A "O3'" H1     sing N N 29  
45A "C1'" "H1'"  sing N N 30  
45A C2    H2     sing N N 31  
45A C31   H32    sing N N 32  
45A C31   H33    sing N N 33  
45A C31   H31    sing N N 34  
45A "C5'" "H5'1" sing N N 35  
45A "C5'" "H5'2" sing N N 36  
45A "O2'" "HO2'" sing N N 37  
45A C8    H8     sing N N 38  
45A N6    H61    sing N N 39  
45A N6    H62    sing N N 40  
45A O1    H3     sing N N 41  
A   OP3   P      sing N N 42  
A   OP3   HOP3   sing N N 43  
A   P     OP1    doub N N 44  
A   P     OP2    sing N N 45  
A   P     "O5'"  sing N N 46  
A   OP2   HOP2   sing N N 47  
A   "O5'" "C5'"  sing N N 48  
A   "C5'" "C4'"  sing N N 49  
A   "C5'" "H5'"  sing N N 50  
A   "C5'" "H5''" sing N N 51  
A   "C4'" "O4'"  sing N N 52  
A   "C4'" "C3'"  sing N N 53  
A   "C4'" "H4'"  sing N N 54  
A   "O4'" "C1'"  sing N N 55  
A   "C3'" "O3'"  sing N N 56  
A   "C3'" "C2'"  sing N N 57  
A   "C3'" "H3'"  sing N N 58  
A   "O3'" "HO3'" sing N N 59  
A   "C2'" "O2'"  sing N N 60  
A   "C2'" "C1'"  sing N N 61  
A   "C2'" "H2'"  sing N N 62  
A   "O2'" "HO2'" sing N N 63  
A   "C1'" N9     sing N N 64  
A   "C1'" "H1'"  sing N N 65  
A   N9    C8     sing Y N 66  
A   N9    C4     sing Y N 67  
A   C8    N7     doub Y N 68  
A   C8    H8     sing N N 69  
A   N7    C5     sing Y N 70  
A   C5    C6     sing Y N 71  
A   C5    C4     doub Y N 72  
A   C6    N6     sing N N 73  
A   C6    N1     doub Y N 74  
A   N6    H61    sing N N 75  
A   N6    H62    sing N N 76  
A   N1    C2     sing Y N 77  
A   C2    N3     doub Y N 78  
A   C2    H2     sing N N 79  
A   N3    C4     sing Y N 80  
C   OP3   P      sing N N 81  
C   OP3   HOP3   sing N N 82  
C   P     OP1    doub N N 83  
C   P     OP2    sing N N 84  
C   P     "O5'"  sing N N 85  
C   OP2   HOP2   sing N N 86  
C   "O5'" "C5'"  sing N N 87  
C   "C5'" "C4'"  sing N N 88  
C   "C5'" "H5'"  sing N N 89  
C   "C5'" "H5''" sing N N 90  
C   "C4'" "O4'"  sing N N 91  
C   "C4'" "C3'"  sing N N 92  
C   "C4'" "H4'"  sing N N 93  
C   "O4'" "C1'"  sing N N 94  
C   "C3'" "O3'"  sing N N 95  
C   "C3'" "C2'"  sing N N 96  
C   "C3'" "H3'"  sing N N 97  
C   "O3'" "HO3'" sing N N 98  
C   "C2'" "O2'"  sing N N 99  
C   "C2'" "C1'"  sing N N 100 
C   "C2'" "H2'"  sing N N 101 
C   "O2'" "HO2'" sing N N 102 
C   "C1'" N1     sing N N 103 
C   "C1'" "H1'"  sing N N 104 
C   N1    C2     sing N N 105 
C   N1    C6     sing N N 106 
C   C2    O2     doub N N 107 
C   C2    N3     sing N N 108 
C   N3    C4     doub N N 109 
C   C4    N4     sing N N 110 
C   C4    C5     sing N N 111 
C   N4    H41    sing N N 112 
C   N4    H42    sing N N 113 
C   C5    C6     doub N N 114 
C   C5    H5     sing N N 115 
C   C6    H6     sing N N 116 
G   OP3   P      sing N N 117 
G   OP3   HOP3   sing N N 118 
G   P     OP1    doub N N 119 
G   P     OP2    sing N N 120 
G   P     "O5'"  sing N N 121 
G   OP2   HOP2   sing N N 122 
G   "O5'" "C5'"  sing N N 123 
G   "C5'" "C4'"  sing N N 124 
G   "C5'" "H5'"  sing N N 125 
G   "C5'" "H5''" sing N N 126 
G   "C4'" "O4'"  sing N N 127 
G   "C4'" "C3'"  sing N N 128 
G   "C4'" "H4'"  sing N N 129 
G   "O4'" "C1'"  sing N N 130 
G   "C3'" "O3'"  sing N N 131 
G   "C3'" "C2'"  sing N N 132 
G   "C3'" "H3'"  sing N N 133 
G   "O3'" "HO3'" sing N N 134 
G   "C2'" "O2'"  sing N N 135 
G   "C2'" "C1'"  sing N N 136 
G   "C2'" "H2'"  sing N N 137 
G   "O2'" "HO2'" sing N N 138 
G   "C1'" N9     sing N N 139 
G   "C1'" "H1'"  sing N N 140 
G   N9    C8     sing Y N 141 
G   N9    C4     sing Y N 142 
G   C8    N7     doub Y N 143 
G   C8    H8     sing N N 144 
G   N7    C5     sing Y N 145 
G   C5    C6     sing N N 146 
G   C5    C4     doub Y N 147 
G   C6    O6     doub N N 148 
G   C6    N1     sing N N 149 
G   N1    C2     sing N N 150 
G   N1    H1     sing N N 151 
G   C2    N2     sing N N 152 
G   C2    N3     doub N N 153 
G   N2    H21    sing N N 154 
G   N2    H22    sing N N 155 
G   N3    C4     sing N N 156 
HOH O     H1     sing N N 157 
HOH O     H2     sing N N 158 
OMG P     OP1    doub N N 159 
OMG P     OP2    sing N N 160 
OMG P     OP3    sing N N 161 
OMG P     "O5'"  sing N N 162 
OMG OP2   HOP2   sing N N 163 
OMG OP3   HOP3   sing N N 164 
OMG "O5'" "C5'"  sing N N 165 
OMG "C5'" "C4'"  sing N N 166 
OMG "C5'" "H5'"  sing N N 167 
OMG "C5'" "H5''" sing N N 168 
OMG "C4'" "O4'"  sing N N 169 
OMG "C4'" "C3'"  sing N N 170 
OMG "C4'" "H4'"  sing N N 171 
OMG "O4'" "C1'"  sing N N 172 
OMG "C3'" "O3'"  sing N N 173 
OMG "C3'" "C2'"  sing N N 174 
OMG "C3'" "H3'"  sing N N 175 
OMG "O3'" "HO3'" sing N N 176 
OMG "C2'" "O2'"  sing N N 177 
OMG "C2'" "C1'"  sing N N 178 
OMG "C2'" "H2'"  sing N N 179 
OMG "O2'" CM2    sing N N 180 
OMG CM2   HM21   sing N N 181 
OMG CM2   HM22   sing N N 182 
OMG CM2   HM23   sing N N 183 
OMG "C1'" N9     sing N N 184 
OMG "C1'" "H1'"  sing N N 185 
OMG N9    C8     sing Y N 186 
OMG N9    C4     sing Y N 187 
OMG C8    N7     doub Y N 188 
OMG C8    H8     sing N N 189 
OMG N7    C5     sing Y N 190 
OMG C5    C6     sing N N 191 
OMG C5    C4     doub Y N 192 
OMG C6    O6     doub N N 193 
OMG C6    N1     sing N N 194 
OMG N1    C2     sing N N 195 
OMG N1    HN1    sing N N 196 
OMG C2    N2     sing N N 197 
OMG C2    N3     doub N N 198 
OMG N2    HN21   sing N N 199 
OMG N2    HN22   sing N N 200 
OMG N3    C4     sing N N 201 
U   OP3   P      sing N N 202 
U   OP3   HOP3   sing N N 203 
U   P     OP1    doub N N 204 
U   P     OP2    sing N N 205 
U   P     "O5'"  sing N N 206 
U   OP2   HOP2   sing N N 207 
U   "O5'" "C5'"  sing N N 208 
U   "C5'" "C4'"  sing N N 209 
U   "C5'" "H5'"  sing N N 210 
U   "C5'" "H5''" sing N N 211 
U   "C4'" "O4'"  sing N N 212 
U   "C4'" "C3'"  sing N N 213 
U   "C4'" "H4'"  sing N N 214 
U   "O4'" "C1'"  sing N N 215 
U   "C3'" "O3'"  sing N N 216 
U   "C3'" "C2'"  sing N N 217 
U   "C3'" "H3'"  sing N N 218 
U   "O3'" "HO3'" sing N N 219 
U   "C2'" "O2'"  sing N N 220 
U   "C2'" "C1'"  sing N N 221 
U   "C2'" "H2'"  sing N N 222 
U   "O2'" "HO2'" sing N N 223 
U   "C1'" N1     sing N N 224 
U   "C1'" "H1'"  sing N N 225 
U   N1    C2     sing N N 226 
U   N1    C6     sing N N 227 
U   C2    O2     doub N N 228 
U   C2    N3     sing N N 229 
U   N3    C4     sing N N 230 
U   N3    H3     sing N N 231 
U   C4    O4     doub N N 232 
U   C4    C5     sing N N 233 
U   C5    C6     doub N N 234 
U   C5    H5     sing N N 235 
U   C6    H6     sing N N 236 
# 
loop_
_ndb_struct_conf_na.entry_id 
_ndb_struct_conf_na.feature 
4Y27 'double helix'         
4Y27 'a-form double helix'  
4Y27 'hairpin loop'         
4Y27 'mismatched base pair' 
4Y27 'internal loop'        
# 
loop_
_ndb_struct_na_base_pair.model_number 
_ndb_struct_na_base_pair.i_label_asym_id 
_ndb_struct_na_base_pair.i_label_comp_id 
_ndb_struct_na_base_pair.i_label_seq_id 
_ndb_struct_na_base_pair.i_symmetry 
_ndb_struct_na_base_pair.j_label_asym_id 
_ndb_struct_na_base_pair.j_label_comp_id 
_ndb_struct_na_base_pair.j_label_seq_id 
_ndb_struct_na_base_pair.j_symmetry 
_ndb_struct_na_base_pair.shear 
_ndb_struct_na_base_pair.stretch 
_ndb_struct_na_base_pair.stagger 
_ndb_struct_na_base_pair.buckle 
_ndb_struct_na_base_pair.propeller 
_ndb_struct_na_base_pair.opening 
_ndb_struct_na_base_pair.pair_number 
_ndb_struct_na_base_pair.pair_name 
_ndb_struct_na_base_pair.i_auth_asym_id 
_ndb_struct_na_base_pair.i_auth_seq_id 
_ndb_struct_na_base_pair.i_PDB_ins_code 
_ndb_struct_na_base_pair.j_auth_asym_id 
_ndb_struct_na_base_pair.j_auth_seq_id 
_ndb_struct_na_base_pair.j_PDB_ins_code 
_ndb_struct_na_base_pair.hbond_type_28 
_ndb_struct_na_base_pair.hbond_type_12 
1 A G 2  1_555 A U   26 1_555 -2.371 -0.584 0.115  2.324  -9.913  0.707    1  A_G2648:U2672_A   A 2648 ? A 2672 ? 28 1  
1 A C 3  1_555 A G   25 1_555 0.216  -0.208 0.097  6.904  -15.320 -1.771   2  A_C2649:G2671_A   A 2649 ? A 2671 ? 19 1  
1 A U 4  1_555 A A   24 1_555 -0.077 -0.085 0.014  5.966  -11.450 -2.140   3  A_U2650:A2670_A   A 2650 ? A 2670 ? 20 1  
1 A C 5  1_555 A G   23 1_555 0.243  -0.109 0.046  5.193  -17.367 1.752    4  A_C2651:G2669_A   A 2651 ? A 2669 ? 19 1  
1 A C 6  1_555 A G   22 1_555 0.235  -0.149 0.012  -3.655 -10.069 -2.363   5  A_C2652:G2668_A   A 2652 ? A 2668 ? 19 1  
1 A U 7  1_555 A C   21 1_555 5.898  -2.205 -0.334 -2.263 -11.960 -14.886  6  A_U2653:C2667_A   A 2653 ? A 2667 ? ?  ?  
1 A U 10 1_555 A A   19 1_555 4.117  -1.810 -0.831 7.407  -20.175 -103.013 7  A_U2656:A2665_A   A 2656 ? A 2665 ? 24 4  
1 A A 11 1_555 A G   18 1_555 -6.828 -4.284 -0.161 -1.199 5.462   -3.131   8  A_A2657:G2664_A   A 2657 ? A 2664 ? 11 9  
1 A C 12 1_555 A G   17 1_555 0.153  -0.109 -0.161 6.420  1.340   0.306    9  A_C2658:G2663_A   A 2658 ? A 2663 ? 19 1  
1 A G 13 1_555 A 45A 16 1_555 7.254  -5.233 0.606  17.529 -3.871  -18.464  10 A_G2659:45A2662_A A 2659 ? A 2662 ? ?  10 
# 
loop_
_ndb_struct_na_base_pair_step.model_number 
_ndb_struct_na_base_pair_step.i_label_asym_id_1 
_ndb_struct_na_base_pair_step.i_label_comp_id_1 
_ndb_struct_na_base_pair_step.i_label_seq_id_1 
_ndb_struct_na_base_pair_step.i_symmetry_1 
_ndb_struct_na_base_pair_step.j_label_asym_id_1 
_ndb_struct_na_base_pair_step.j_label_comp_id_1 
_ndb_struct_na_base_pair_step.j_label_seq_id_1 
_ndb_struct_na_base_pair_step.j_symmetry_1 
_ndb_struct_na_base_pair_step.i_label_asym_id_2 
_ndb_struct_na_base_pair_step.i_label_comp_id_2 
_ndb_struct_na_base_pair_step.i_label_seq_id_2 
_ndb_struct_na_base_pair_step.i_symmetry_2 
_ndb_struct_na_base_pair_step.j_label_asym_id_2 
_ndb_struct_na_base_pair_step.j_label_comp_id_2 
_ndb_struct_na_base_pair_step.j_label_seq_id_2 
_ndb_struct_na_base_pair_step.j_symmetry_2 
_ndb_struct_na_base_pair_step.shift 
_ndb_struct_na_base_pair_step.slide 
_ndb_struct_na_base_pair_step.rise 
_ndb_struct_na_base_pair_step.tilt 
_ndb_struct_na_base_pair_step.roll 
_ndb_struct_na_base_pair_step.twist 
_ndb_struct_na_base_pair_step.x_displacement 
_ndb_struct_na_base_pair_step.y_displacement 
_ndb_struct_na_base_pair_step.helical_rise 
_ndb_struct_na_base_pair_step.inclination 
_ndb_struct_na_base_pair_step.tip 
_ndb_struct_na_base_pair_step.helical_twist 
_ndb_struct_na_base_pair_step.step_number 
_ndb_struct_na_base_pair_step.step_name 
_ndb_struct_na_base_pair_step.i_auth_asym_id_1 
_ndb_struct_na_base_pair_step.i_auth_seq_id_1 
_ndb_struct_na_base_pair_step.i_PDB_ins_code_1 
_ndb_struct_na_base_pair_step.j_auth_asym_id_1 
_ndb_struct_na_base_pair_step.j_auth_seq_id_1 
_ndb_struct_na_base_pair_step.j_PDB_ins_code_1 
_ndb_struct_na_base_pair_step.i_auth_asym_id_2 
_ndb_struct_na_base_pair_step.i_auth_seq_id_2 
_ndb_struct_na_base_pair_step.i_PDB_ins_code_2 
_ndb_struct_na_base_pair_step.j_auth_asym_id_2 
_ndb_struct_na_base_pair_step.j_auth_seq_id_2 
_ndb_struct_na_base_pair_step.j_PDB_ins_code_2 
1 A G 2  1_555 A U 26 1_555 A C 3  1_555 A G   25 1_555 -0.089 -1.199 3.121 -0.996 4.077  40.918  -2.121 0.026  2.995 5.814  1.420 
41.124  1 AA_G2648C2649:G2671U2672_AA   A 2648 ? A 2672 ? A 2649 ? A 2671 ? 
1 A C 3  1_555 A G 25 1_555 A U 4  1_555 A A   24 1_555 -0.531 -1.733 3.169 -2.921 7.075  29.701  -4.557 0.477  2.732 13.521 5.582 
30.650  2 AA_C2649U2650:A2670G2671_AA   A 2649 ? A 2671 ? A 2650 ? A 2670 ? 
1 A U 4  1_555 A A 24 1_555 A C 5  1_555 A G   23 1_555 0.767  -1.348 3.155 0.218  4.793  35.251  -2.863 -1.226 2.956 7.870  
-0.358  35.566  3 AA_U2650C2651:G2669A2670_AA   A 2650 ? A 2670 ? A 2651 ? A 2669 ? 
1 A C 5  1_555 A G 23 1_555 A C 6  1_555 A G   22 1_555 -0.733 -1.992 3.349 -0.072 8.733  31.968  -4.888 1.275  2.727 15.498 0.127 
33.109  4 AA_C2651C2652:G2668G2669_AA   A 2651 ? A 2669 ? A 2652 ? A 2668 ? 
1 A C 6  1_555 A G 22 1_555 A U 7  1_555 A C   21 1_555 -0.560 -0.963 3.456 7.390  8.805  54.032  -1.574 1.053  3.179 9.570  
-8.032  55.151  5 AA_C2652U2653:C2667G2668_AA   A 2652 ? A 2668 ? A 2653 ? A 2667 ? 
1 A U 7  1_555 A C 21 1_555 A U 10 1_555 A A   19 1_555 0.634  -0.956 6.306 5.974  -2.874 32.019  -0.724 0.900  6.376 -5.141 
-10.687 32.681  6 AA_U2653U2656:A2665C2667_AA   A 2653 ? A 2667 ? A 2656 ? A 2665 ? 
1 A U 10 1_555 A A 19 1_555 A A 11 1_555 A G   18 1_555 5.093  -1.375 3.578 -2.247 -0.857 -11.067 8.511  21.765 4.401 4.378  
-11.475 -11.325 7 AA_U2656A2657:G2664A2665_AA   A 2656 ? A 2665 ? A 2657 ? A 2664 ? 
1 A A 11 1_555 A G 18 1_555 A C 12 1_555 A G   17 1_555 -0.132 -1.260 3.227 -2.718 3.048  58.493  -1.441 -0.003 3.166 3.115  2.778 
58.623  8 AA_A2657C2658:G2663G2664_AA   A 2657 ? A 2664 ? A 2658 ? A 2663 ? 
1 A C 12 1_555 A G 17 1_555 A G 13 1_555 A 45A 16 1_555 -2.383 -1.202 3.030 -5.991 5.567  52.953  -1.666 2.288  3.131 6.202  6.673 
53.535  9 AA_C2658G2659:45A2662G2663_AA A 2658 ? A 2663 ? A 2659 ? A 2662 ? 
# 
loop_
_pdbx_audit_support.funding_organization 
_pdbx_audit_support.country 
_pdbx_audit_support.grant_number 
_pdbx_audit_support.ordinal 
'Swiss National Science Foundation' Switzerland 31003A_143388/1 1 
'Austrian Science Foundation'       Austria     P21641          2 
'Austrian Science Foundation'       Austria     I1040           3 
# 
_pdbx_initial_refinement_model.id               1 
_pdbx_initial_refinement_model.entity_id_list   ? 
_pdbx_initial_refinement_model.type             'experimental model' 
_pdbx_initial_refinement_model.source_name      PDB 
_pdbx_initial_refinement_model.accession_code   3DVZ 
_pdbx_initial_refinement_model.details          ? 
# 
_atom_sites.entry_id                    4Y27 
_atom_sites.fract_transf_matrix[1][1]   0.01877748 
_atom_sites.fract_transf_matrix[1][2]   0.00997278 
_atom_sites.fract_transf_matrix[1][3]   0.02640122 
_atom_sites.fract_transf_matrix[2][1]   0.00767630 
_atom_sites.fract_transf_matrix[2][2]   -0.03232027 
_atom_sites.fract_transf_matrix[2][3]   0.00674898 
_atom_sites.fract_transf_matrix[3][1]   0.01038473 
_atom_sites.fract_transf_matrix[3][2]   0.00085657 
_atom_sites.fract_transf_matrix[3][3]   -0.00770955 
_atom_sites.fract_transf_vector[1]      0.153120 
_atom_sites.fract_transf_vector[2]      0.155742 
_atom_sites.fract_transf_vector[3]      -0.001373 
# 
loop_
_atom_type.symbol 
C 
H 
N 
O 
P 
# 
loop_
_atom_site.group_PDB 
_atom_site.id 
_atom_site.type_symbol 
_atom_site.label_atom_id 
_atom_site.label_alt_id 
_atom_site.label_comp_id 
_atom_site.label_asym_id 
_atom_site.label_entity_id 
_atom_site.label_seq_id 
_atom_site.pdbx_PDB_ins_code 
_atom_site.Cartn_x 
_atom_site.Cartn_y 
_atom_site.Cartn_z 
_atom_site.occupancy 
_atom_site.B_iso_or_equiv 
_atom_site.pdbx_formal_charge 
_atom_site.auth_seq_id 
_atom_site.auth_comp_id 
_atom_site.auth_asym_id 
_atom_site.auth_atom_id 
_atom_site.pdbx_PDB_model_num 
ATOM   1    O "O5'"  . U   A 1 1  ? -4.739  -7.850  -17.548 1.00 31.73 ? 2647 U   A "O5'"  1 
ATOM   2    C "C5'"  . U   A 1 1  ? -5.675  -7.966  -16.480 1.00 31.28 ? 2647 U   A "C5'"  1 
ATOM   3    C "C4'"  . U   A 1 1  ? -5.038  -8.529  -15.233 1.00 29.76 ? 2647 U   A "C4'"  1 
ATOM   4    O "O4'"  . U   A 1 1  ? -4.778  -9.948  -15.423 1.00 28.35 ? 2647 U   A "O4'"  1 
ATOM   5    C "C3'"  . U   A 1 1  ? -3.700  -7.900  -14.850 1.00 28.38 ? 2647 U   A "C3'"  1 
ATOM   6    O "O3'"  . U   A 1 1  ? -3.570  -7.834  -13.432 1.00 27.51 ? 2647 U   A "O3'"  1 
ATOM   7    C "C2'"  . U   A 1 1  ? -2.688  -8.894  -15.390 1.00 27.14 ? 2647 U   A "C2'"  1 
ATOM   8    O "O2'"  . U   A 1 1  ? -1.441  -8.880  -14.731 1.00 27.45 ? 2647 U   A "O2'"  1 
ATOM   9    C "C1'"  . U   A 1 1  ? -3.412  -10.216 -15.182 1.00 25.81 ? 2647 U   A "C1'"  1 
ATOM   10   N N1     . U   A 1 1  ? -2.952  -11.244 -16.116 1.00 22.72 ? 2647 U   A N1     1 
ATOM   11   C C2     . U   A 1 1  ? -2.095  -12.222 -15.641 1.00 21.71 ? 2647 U   A C2     1 
ATOM   12   O O2     . U   A 1 1  ? -1.729  -12.301 -14.477 1.00 22.32 ? 2647 U   A O2     1 
ATOM   13   N N3     . U   A 1 1  ? -1.678  -13.114 -16.588 1.00 20.58 ? 2647 U   A N3     1 
ATOM   14   C C4     . U   A 1 1  ? -2.023  -13.123 -17.922 1.00 21.01 ? 2647 U   A C4     1 
ATOM   15   O O4     . U   A 1 1  ? -1.557  -14.001 -18.641 1.00 21.66 ? 2647 U   A O4     1 
ATOM   16   C C5     . U   A 1 1  ? -2.904  -12.072 -18.337 1.00 21.51 ? 2647 U   A C5     1 
ATOM   17   C C6     . U   A 1 1  ? -3.326  -11.182 -17.434 1.00 22.22 ? 2647 U   A C6     1 
ATOM   18   H "H5'"  . U   A 1 1  ? -6.399  -8.550  -16.757 1.00 37.54 ? 2647 U   A "H5'"  1 
ATOM   19   H "H5''" . U   A 1 1  ? -6.037  -7.088  -16.281 1.00 37.54 ? 2647 U   A "H5''" 1 
ATOM   20   H "H4'"  . U   A 1 1  ? -5.656  -8.422  -14.492 1.00 35.72 ? 2647 U   A "H4'"  1 
ATOM   21   H "H3'"  . U   A 1 1  ? -3.590  -7.027  -15.257 1.00 34.06 ? 2647 U   A "H3'"  1 
ATOM   22   H "H2'"  . U   A 1 1  ? -2.556  -8.742  -16.340 1.00 32.56 ? 2647 U   A "H2'"  1 
ATOM   23   H "HO2'" . U   A 1 1  ? -1.069  -8.139  -14.866 1.00 32.94 ? 2647 U   A "HO2'" 1 
ATOM   24   H "H1'"  . U   A 1 1  ? -3.291  -10.519 -14.269 1.00 30.97 ? 2647 U   A "H1'"  1 
ATOM   25   H H3     . U   A 1 1  ? -1.153  -13.740 -16.323 1.00 24.70 ? 2647 U   A H3     1 
ATOM   26   H H5     . U   A 1 1  ? -3.180  -12.010 -19.224 1.00 25.81 ? 2647 U   A H5     1 
ATOM   27   H H6     . U   A 1 1  ? -3.893  -10.497 -17.708 1.00 26.67 ? 2647 U   A H6     1 
ATOM   28   H "HO5'" . U   A 1 1  ? -4.799  -8.355  -18.217 1.00 38.08 ? 2647 U   A "HO5'" 1 
ATOM   29   P P      . G   A 1 2  ? -3.284  -6.432  -12.711 1.00 26.17 ? 2648 G   A P      1 
ATOM   30   O OP1    . G   A 1 2  ? -3.020  -5.396  -13.748 1.00 26.93 ? 2648 G   A OP1    1 
ATOM   31   O OP2    . G   A 1 2  ? -2.298  -6.636  -11.614 1.00 27.63 ? 2648 G   A OP2    1 
ATOM   32   O "O5'"  . G   A 1 2  ? -4.674  -6.103  -12.023 1.00 23.86 ? 2648 G   A "O5'"  1 
ATOM   33   C "C5'"  . G   A 1 2  ? -5.753  -5.613  -12.797 1.00 21.98 ? 2648 G   A "C5'"  1 
ATOM   34   C "C4'"  . G   A 1 2  ? -7.074  -5.937  -12.162 1.00 20.50 ? 2648 G   A "C4'"  1 
ATOM   35   O "O4'"  . G   A 1 2  ? -7.351  -7.365  -12.236 1.00 20.61 ? 2648 G   A "O4'"  1 
ATOM   36   C "C3'"  . G   A 1 2  ? -7.183  -5.638  -10.680 1.00 19.87 ? 2648 G   A "C3'"  1 
ATOM   37   O "O3'"  . G   A 1 2  ? -7.330  -4.255  -10.396 1.00 18.61 ? 2648 G   A "O3'"  1 
ATOM   38   C "C2'"  . G   A 1 2  ? -8.377  -6.493  -10.290 1.00 20.68 ? 2648 G   A "C2'"  1 
ATOM   39   O "O2'"  . G   A 1 2  ? -9.588  -5.907  -10.739 1.00 22.17 ? 2648 G   A "O2'"  1 
ATOM   40   C "C1'"  . G   A 1 2  ? -8.112  -7.757  -11.112 1.00 20.36 ? 2648 G   A "C1'"  1 
ATOM   41   N N9     . G   A 1 2  ? -7.352  -8.763  -10.340 1.00 19.17 ? 2648 G   A N9     1 
ATOM   42   C C8     . G   A 1 2  ? -6.017  -9.056  -10.475 1.00 18.50 ? 2648 G   A C8     1 
ATOM   43   N N7     . G   A 1 2  ? -5.608  -9.987  -9.649  1.00 19.13 ? 2648 G   A N7     1 
ATOM   44   C C5     . G   A 1 2  ? -6.737  -10.327 -8.913  1.00 18.01 ? 2648 G   A C5     1 
ATOM   45   C C6     . G   A 1 2  ? -6.914  -11.281 -7.874  1.00 18.11 ? 2648 G   A C6     1 
ATOM   46   O O6     . G   A 1 2  ? -6.088  -12.046 -7.368  1.00 17.82 ? 2648 G   A O6     1 
ATOM   47   N N1     . G   A 1 2  ? -8.223  -11.308 -7.408  1.00 17.62 ? 2648 G   A N1     1 
ATOM   48   C C2     . G   A 1 2  ? -9.237  -10.522 -7.898  1.00 18.31 ? 2648 G   A C2     1 
ATOM   49   N N2     . G   A 1 2  ? -10.437 -10.688 -7.327  1.00 18.64 ? 2648 G   A N2     1 
ATOM   50   N N3     . G   A 1 2  ? -9.089  -9.627  -8.863  1.00 18.43 ? 2648 G   A N3     1 
ATOM   51   C C4     . G   A 1 2  ? -7.824  -9.585  -9.332  1.00 17.77 ? 2648 G   A C4     1 
ATOM   52   H "H5'"  . G   A 1 2  ? -5.718  -6.016  -13.679 1.00 26.38 ? 2648 G   A "H5'"  1 
ATOM   53   H "H5''" . G   A 1 2  ? -5.669  -4.651  -12.885 1.00 26.38 ? 2648 G   A "H5''" 1 
ATOM   54   H "H4'"  . G   A 1 2  ? -7.774  -5.456  -12.631 1.00 24.60 ? 2648 G   A "H4'"  1 
ATOM   55   H "H3'"  . G   A 1 2  ? -6.393  -5.973  -10.230 1.00 23.85 ? 2648 G   A "H3'"  1 
ATOM   56   H "H2'"  . G   A 1 2  ? -8.392  -6.680  -9.338  1.00 24.81 ? 2648 G   A "H2'"  1 
ATOM   57   H "HO2'" . G   A 1 2  ? -9.431  -5.126  -11.007 1.00 26.61 ? 2648 G   A "HO2'" 1 
ATOM   58   H "H1'"  . G   A 1 2  ? -8.955  -8.139  -11.404 1.00 24.43 ? 2648 G   A "H1'"  1 
ATOM   59   H H8     . G   A 1 2  ? -5.460  -8.637  -11.090 1.00 22.20 ? 2648 G   A H8     1 
ATOM   60   H H1     . G   A 1 2  ? -8.414  -11.863 -6.781  1.00 21.14 ? 2648 G   A H1     1 
ATOM   61   H H21    . G   A 1 2  ? -10.538 -11.268 -6.700  1.00 22.36 ? 2648 G   A H21    1 
ATOM   62   H H22    . G   A 1 2  ? -11.107 -10.215 -7.587  1.00 22.36 ? 2648 G   A H22    1 
ATOM   63   P P      . C   A 1 3  ? -6.681  -3.623  -9.070  1.00 17.81 ? 2649 C   A P      1 
ATOM   64   O OP1    . C   A 1 3  ? -6.818  -2.151  -9.159  1.00 20.72 ? 2649 C   A OP1    1 
ATOM   65   O OP2    . C   A 1 3  ? -5.351  -4.237  -8.822  1.00 19.67 ? 2649 C   A OP2    1 
ATOM   66   O "O5'"  . C   A 1 3  ? -7.622  -4.159  -7.915  1.00 18.94 ? 2649 C   A "O5'"  1 
ATOM   67   C "C5'"  . C   A 1 3  ? -9.031  -3.995  -7.982  1.00 18.28 ? 2649 C   A "C5'"  1 
ATOM   68   C "C4'"  . C   A 1 3  ? -9.730  -4.910  -7.018  1.00 16.92 ? 2649 C   A "C4'"  1 
ATOM   69   O "O4'"  . C   A 1 3  ? -9.474  -6.293  -7.367  1.00 16.50 ? 2649 C   A "O4'"  1 
ATOM   70   C "C3'"  . C   A 1 3  ? -9.279  -4.816  -5.575  1.00 15.86 ? 2649 C   A "C3'"  1 
ATOM   71   O "O3'"  . C   A 1 3  ? -9.841  -3.705  -4.923  1.00 16.95 ? 2649 C   A "O3'"  1 
ATOM   72   C "C2'"  . C   A 1 3  ? -9.724  -6.154  -5.023  1.00 15.39 ? 2649 C   A "C2'"  1 
ATOM   73   O "O2'"  . C   A 1 3  ? -11.140 -6.174  -4.869  1.00 15.90 ? 2649 C   A "O2'"  1 
ATOM   74   C "C1'"  . C   A 1 3  ? -9.373  -7.065  -6.189  1.00 15.29 ? 2649 C   A "C1'"  1 
ATOM   75   N N1     . C   A 1 3  ? -8.006  -7.644  -6.127  1.00 14.69 ? 2649 C   A N1     1 
ATOM   76   C C2     . C   A 1 3  ? -7.791  -8.734  -5.284  1.00 13.83 ? 2649 C   A C2     1 
ATOM   77   O O2     . C   A 1 3  ? -8.741  -9.118  -4.588  1.00 14.66 ? 2649 C   A O2     1 
ATOM   78   N N3     . C   A 1 3  ? -6.575  -9.322  -5.239  1.00 14.30 ? 2649 C   A N3     1 
ATOM   79   C C4     . C   A 1 3  ? -5.584  -8.868  -5.997  1.00 13.86 ? 2649 C   A C4     1 
ATOM   80   N N4     . C   A 1 3  ? -4.407  -9.497  -5.916  1.00 14.98 ? 2649 C   A N4     1 
ATOM   81   C C5     . C   A 1 3  ? -5.764  -7.751  -6.864  1.00 14.67 ? 2649 C   A C5     1 
ATOM   82   C C6     . C   A 1 3  ? -6.978  -7.180  -6.905  1.00 14.73 ? 2649 C   A C6     1 
ATOM   83   H "H5'"  . C   A 1 3  ? -9.331  -4.194  -8.883  1.00 21.94 ? 2649 C   A "H5'"  1 
ATOM   84   H "H5''" . C   A 1 3  ? -9.255  -3.076  -7.768  1.00 21.94 ? 2649 C   A "H5''" 1 
ATOM   85   H "H4'"  . C   A 1 3  ? -10.685 -4.745  -7.061  1.00 20.30 ? 2649 C   A "H4'"  1 
ATOM   86   H "H3'"  . C   A 1 3  ? -8.311  -4.758  -5.542  1.00 19.04 ? 2649 C   A "H3'"  1 
ATOM   87   H "H2'"  . C   A 1 3  ? -9.254  -6.396  -4.209  1.00 18.47 ? 2649 C   A "H2'"  1 
ATOM   88   H "HO2'" . C   A 1 3  ? -11.354 -5.675  -4.229  1.00 19.07 ? 2649 C   A "HO2'" 1 
ATOM   89   H "H1'"  . C   A 1 3  ? -10.019 -7.788  -6.230  1.00 18.35 ? 2649 C   A "H1'"  1 
ATOM   90   H H41    . C   A 1 3  ? -3.744  -9.231  -6.392  1.00 17.98 ? 2649 C   A H41    1 
ATOM   91   H H42    . C   A 1 3  ? -4.315  -10.169 -5.386  1.00 17.98 ? 2649 C   A H42    1 
ATOM   92   H H5     . C   A 1 3  ? -5.070  -7.445  -7.402  1.00 17.60 ? 2649 C   A H5     1 
ATOM   93   H H6     . C   A 1 3  ? -7.128  -6.466  -7.482  1.00 17.68 ? 2649 C   A H6     1 
ATOM   94   P P      . U   A 1 4  ? -9.056  -3.020  -3.709  1.00 16.08 ? 2650 U   A P      1 
ATOM   95   O OP1    . U   A 1 4  ? -9.821  -1.793  -3.369  1.00 17.08 ? 2650 U   A OP1    1 
ATOM   96   O OP2    . U   A 1 4  ? -7.610  -2.909  -4.005  1.00 16.88 ? 2650 U   A OP2    1 
ATOM   97   O "O5'"  . U   A 1 4  ? -9.193  -4.063  -2.521  1.00 14.28 ? 2650 U   A "O5'"  1 
ATOM   98   C "C5'"  . U   A 1 4  ? -10.453 -4.318  -1.940  1.00 14.19 ? 2650 U   A "C5'"  1 
ATOM   99   C "C4'"  . U   A 1 4  ? -10.356 -5.460  -0.977  1.00 13.55 ? 2650 U   A "C4'"  1 
ATOM   100  O "O4'"  . U   A 1 4  ? -9.873  -6.648  -1.646  1.00 13.17 ? 2650 U   A "O4'"  1 
ATOM   101  C "C3'"  . U   A 1 4  ? -9.365  -5.276  0.150   1.00 13.27 ? 2650 U   A "C3'"  1 
ATOM   102  O "O3'"  . U   A 1 4  ? -9.873  -4.466  1.164   1.00 13.74 ? 2650 U   A "O3'"  1 
ATOM   103  C "C2'"  . U   A 1 4  ? -9.137  -6.699  0.594   1.00 13.24 ? 2650 U   A "C2'"  1 
ATOM   104  O "O2'"  . U   A 1 4  ? -10.289 -7.191  1.269   1.00 15.53 ? 2650 U   A "O2'"  1 
ATOM   105  C "C1'"  . U   A 1 4  ? -9.062  -7.387  -0.750  1.00 12.22 ? 2650 U   A "C1'"  1 
ATOM   106  N N1     . U   A 1 4  ? -7.704  -7.504  -1.322  1.00 10.77 ? 2650 U   A N1     1 
ATOM   107  C C2     . U   A 1 4  ? -6.898  -8.506  -0.824  1.00 10.52 ? 2650 U   A C2     1 
ATOM   108  O O2     . U   A 1 4  ? -7.219  -9.172  0.142   1.00 10.96 ? 2650 U   A O2     1 
ATOM   109  N N3     . U   A 1 4  ? -5.696  -8.650  -1.461  1.00 10.31 ? 2650 U   A N3     1 
ATOM   110  C C4     . U   A 1 4  ? -5.245  -7.926  -2.546  1.00 10.72 ? 2650 U   A C4     1 
ATOM   111  O O4     . U   A 1 4  ? -4.150  -8.189  -3.035  1.00 10.89 ? 2650 U   A O4     1 
ATOM   112  C C5     . U   A 1 4  ? -6.127  -6.898  -2.995  1.00 10.81 ? 2650 U   A C5     1 
ATOM   113  C C6     . U   A 1 4  ? -7.308  -6.749  -2.402  1.00 10.96 ? 2650 U   A C6     1 
ATOM   114  H "H5'"  . U   A 1 4  ? -11.089 -4.540  -2.638  1.00 17.02 ? 2650 U   A "H5'"  1 
ATOM   115  H "H5''" . U   A 1 4  ? -10.756 -3.526  -1.470  1.00 17.02 ? 2650 U   A "H5''" 1 
ATOM   116  H "H4'"  . U   A 1 4  ? -11.234 -5.639  -0.605  1.00 16.26 ? 2650 U   A "H4'"  1 
ATOM   117  H "H3'"  . U   A 1 4  ? -8.539  -4.901  -0.194  1.00 15.93 ? 2650 U   A "H3'"  1 
ATOM   118  H "H2'"  . U   A 1 4  ? -8.322  -6.804  1.110   1.00 15.88 ? 2650 U   A "H2'"  1 
ATOM   119  H "HO2'" . U   A 1 4  ? -10.675 -7.752  0.778   1.00 18.64 ? 2650 U   A "HO2'" 1 
ATOM   120  H "H1'"  . U   A 1 4  ? -9.435  -8.278  -0.660  1.00 14.67 ? 2650 U   A "H1'"  1 
ATOM   121  H H3     . U   A 1 4  ? -5.167  -9.257  -1.156  1.00 12.37 ? 2650 U   A H3     1 
ATOM   122  H H5     . U   A 1 4  ? -5.909  -6.388  -3.741  1.00 12.98 ? 2650 U   A H5     1 
ATOM   123  H H6     . U   A 1 4  ? -7.897  -6.114  -2.740  1.00 13.15 ? 2650 U   A H6     1 
ATOM   124  P P      . C   A 1 5  ? -8.890  -3.462  1.913   1.00 14.21 ? 2651 C   A P      1 
ATOM   125  O OP1    . C   A 1 5  ? -9.740  -2.696  2.843   1.00 16.24 ? 2651 C   A OP1    1 
ATOM   126  O OP2    . C   A 1 5  ? -8.028  -2.762  0.947   1.00 15.65 ? 2651 C   A OP2    1 
ATOM   127  O "O5'"  . C   A 1 5  ? -7.926  -4.395  2.769   1.00 12.24 ? 2651 C   A "O5'"  1 
ATOM   128  C "C5'"  . C   A 1 5  ? -8.450  -5.184  3.822   1.00 11.21 ? 2651 C   A "C5'"  1 
ATOM   129  C "C4'"  . C   A 1 5  ? -7.496  -6.277  4.211   1.00 10.90 ? 2651 C   A "C4'"  1 
ATOM   130  O "O4'"  . C   A 1 5  ? -7.186  -7.095  3.060   1.00 10.41 ? 2651 C   A "O4'"  1 
ATOM   131  C "C3'"  . C   A 1 5  ? -6.128  -5.833  4.706   1.00 10.76 ? 2651 C   A "C3'"  1 
ATOM   132  O "O3'"  . C   A 1 5  ? -6.157  -5.381  6.047   1.00 10.87 ? 2651 C   A "O3'"  1 
ATOM   133  C "C2'"  . C   A 1 5  ? -5.293  -7.084  4.490   1.00 10.79 ? 2651 C   A "C2'"  1 
ATOM   134  O "O2'"  . C   A 1 5  ? -5.579  -8.053  5.485   1.00 11.59 ? 2651 C   A "O2'"  1 
ATOM   135  C "C1'"  . C   A 1 5  ? -5.860  -7.579  3.166   1.00 9.80  ? 2651 C   A "C1'"  1 
ATOM   136  N N1     . C   A 1 5  ? -5.073  -7.109  2.001   1.00 9.36  ? 2651 C   A N1     1 
ATOM   137  C C2     . C   A 1 5  ? -3.891  -7.788  1.776   1.00 8.97  ? 2651 C   A C2     1 
ATOM   138  O O2     . C   A 1 5  ? -3.580  -8.701  2.570   1.00 9.41  ? 2651 C   A O2     1 
ATOM   139  N N3     . C   A 1 5  ? -3.114  -7.470  0.715   1.00 9.21  ? 2651 C   A N3     1 
ATOM   140  C C4     . C   A 1 5  ? -3.467  -6.464  -0.097  1.00 9.56  ? 2651 C   A C4     1 
ATOM   141  N N4     . C   A 1 5  ? -2.675  -6.172  -1.137  1.00 10.09 ? 2651 C   A N4     1 
ATOM   142  C C5     . C   A 1 5  ? -4.667  -5.724  0.124   1.00 9.80  ? 2651 C   A C5     1 
ATOM   143  C C6     . C   A 1 5  ? -5.436  -6.067  1.176   1.00 9.64  ? 2651 C   A C6     1 
ATOM   144  H "H5'"  . C   A 1 5  ? -9.288  -5.582  3.536   1.00 13.45 ? 2651 C   A "H5'"  1 
ATOM   145  H "H5''" . C   A 1 5  ? -8.615  -4.618  4.593   1.00 13.45 ? 2651 C   A "H5''" 1 
ATOM   146  H "H4'"  . C   A 1 5  ? -7.912  -6.832  4.889   1.00 13.08 ? 2651 C   A "H4'"  1 
ATOM   147  H "H3'"  . C   A 1 5  ? -5.795  -5.123  4.135   1.00 12.92 ? 2651 C   A "H3'"  1 
ATOM   148  H "H2'"  . C   A 1 5  ? -4.345  -6.884  4.429   1.00 12.95 ? 2651 C   A "H2'"  1 
ATOM   149  H "HO2'" . C   A 1 5  ? -5.270  -7.789  6.221   1.00 13.91 ? 2651 C   A "HO2'" 1 
ATOM   150  H "H1'"  . C   A 1 5  ? -5.874  -8.549  3.169   1.00 11.77 ? 2651 C   A "H1'"  1 
ATOM   151  H H41    . C   A 1 5  ? -2.884  -5.531  -1.670  1.00 12.10 ? 2651 C   A H41    1 
ATOM   152  H H42    . C   A 1 5  ? -1.958  -6.628  -1.273  1.00 12.10 ? 2651 C   A H42    1 
ATOM   153  H H5     . C   A 1 5  ? -4.923  -5.042  -0.454  1.00 11.76 ? 2651 C   A H5     1 
ATOM   154  H H6     . C   A 1 5  ? -6.237  -5.618  1.326   1.00 11.57 ? 2651 C   A H6     1 
ATOM   155  P P      . C   A 1 6  ? -5.017  -4.400  6.599   1.00 11.10 ? 2652 C   A P      1 
ATOM   156  O OP1    . C   A 1 6  ? -5.421  -4.048  7.984   1.00 12.27 ? 2652 C   A OP1    1 
ATOM   157  O OP2    . C   A 1 6  ? -4.762  -3.328  5.608   1.00 12.76 ? 2652 C   A OP2    1 
ATOM   158  O "O5'"  . C   A 1 6  ? -3.705  -5.291  6.643   1.00 10.09 ? 2652 C   A "O5'"  1 
ATOM   159  C "C5'"  . C   A 1 6  ? -3.567  -6.330  7.596   1.00 9.52  ? 2652 C   A "C5'"  1 
ATOM   160  C "C4'"  . C   A 1 6  ? -2.231  -7.003  7.469   1.00 9.24  ? 2652 C   A "C4'"  1 
ATOM   161  O "O4'"  . C   A 1 6  ? -2.081  -7.596  6.158   1.00 9.36  ? 2652 C   A "O4'"  1 
ATOM   162  C "C3'"  . C   A 1 6  ? -1.025  -6.090  7.573   1.00 9.07  ? 2652 C   A "C3'"  1 
ATOM   163  O "O3'"  . C   A 1 6  ? -0.747  -5.744  8.910   1.00 9.76  ? 2652 C   A "O3'"  1 
ATOM   164  C "C2'"  . C   A 1 6  ? 0.059   -6.932  6.942   1.00 9.75  ? 2652 C   A "C2'"  1 
ATOM   165  O "O2'"  . C   A 1 6  ? 0.481   -7.948  7.850   1.00 10.83 ? 2652 C   A "O2'"  1 
ATOM   166  C "C1'"  . C   A 1 6  ? -0.714  -7.566  5.792   1.00 8.89  ? 2652 C   A "C1'"  1 
ATOM   167  N N1     . C   A 1 6  ? -0.578  -6.833  4.516   1.00 8.18  ? 2652 C   A N1     1 
ATOM   168  C C2     . C   A 1 6  ? 0.558   -7.063  3.757   1.00 8.30  ? 2652 C   A C2     1 
ATOM   169  O O2     . C   A 1 6  ? 1.442   -7.799  4.227   1.00 9.10  ? 2652 C   A O2     1 
ATOM   170  N N3     . C   A 1 6  ? 0.674   -6.480  2.540   1.00 8.73  ? 2652 C   A N3     1 
ATOM   171  C C4     . C   A 1 6  ? -0.307  -5.693  2.091   1.00 8.59  ? 2652 C   A C4     1 
ATOM   172  N N4     . C   A 1 6  ? -0.173  -5.138  0.881   1.00 9.77  ? 2652 C   A N4     1 
ATOM   173  C C5     . C   A 1 6  ? -1.472  -5.425  2.861   1.00 9.02  ? 2652 C   A C5     1 
ATOM   174  C C6     . C   A 1 6  ? -1.569  -6.023  4.049   1.00 8.75  ? 2652 C   A C6     1 
ATOM   175  H "H5'"  . C   A 1 6  ? -4.268  -6.986  7.456   1.00 11.42 ? 2652 C   A "H5'"  1 
ATOM   176  H "H5''" . C   A 1 6  ? -3.653  -5.957  8.487   1.00 11.42 ? 2652 C   A "H5''" 1 
ATOM   177  H "H4'"  . C   A 1 6  ? -2.162  -7.698  8.142   1.00 11.09 ? 2652 C   A "H4'"  1 
ATOM   178  H "H3'"  . C   A 1 6  ? -1.171  -5.289  7.047   1.00 10.89 ? 2652 C   A "H3'"  1 
ATOM   179  H "H2'"  . C   A 1 6  ? 0.799   -6.391  6.626   1.00 11.70 ? 2652 C   A "H2'"  1 
ATOM   180  H "HO2'" . C   A 1 6  ? 0.217   -8.694  7.567   1.00 13.00 ? 2652 C   A "HO2'" 1 
ATOM   181  H "H1'"  . C   A 1 6  ? -0.402  -8.477  5.667   1.00 10.67 ? 2652 C   A "H1'"  1 
ATOM   182  H H41    . C   A 1 6  ? -0.791  -4.627  0.571   1.00 11.72 ? 2652 C   A H41    1 
ATOM   183  H H42    . C   A 1 6  ? 0.532   -5.292  0.413   1.00 11.72 ? 2652 C   A H42    1 
ATOM   184  H H5     . C   A 1 6  ? -2.159  -4.893  2.530   1.00 10.82 ? 2652 C   A H5     1 
ATOM   185  H H6     . C   A 1 6  ? -2.338  -5.905  4.557   1.00 10.50 ? 2652 C   A H6     1 
ATOM   186  P P      . U   A 1 7  ? -0.207  -4.283  9.281   1.00 10.26 ? 2653 U   A P      1 
ATOM   187  O OP1    . U   A 1 7  ? -0.022  -4.331  10.752  1.00 12.54 ? 2653 U   A OP1    1 
ATOM   188  O OP2    . U   A 1 7  ? -1.070  -3.251  8.662   1.00 10.52 ? 2653 U   A OP2    1 
ATOM   189  O "O5'"  . U   A 1 7  ? 1.200   -4.189  8.548   1.00 9.65  ? 2653 U   A "O5'"  1 
ATOM   190  C "C5'"  . U   A 1 7  ? 2.278   -5.051  8.894   1.00 10.04 ? 2653 U   A "C5'"  1 
ATOM   191  C "C4'"  . U   A 1 7  ? 3.377   -4.941  7.876   1.00 9.57  ? 2653 U   A "C4'"  1 
ATOM   192  O "O4'"  . U   A 1 7  ? 2.891   -5.383  6.590   1.00 9.54  ? 2653 U   A "O4'"  1 
ATOM   193  C "C3'"  . U   A 1 7  ? 3.895   -3.540  7.611   1.00 9.70  ? 2653 U   A "C3'"  1 
ATOM   194  O "O3'"  . U   A 1 7  ? 4.833   -3.155  8.592   1.00 10.69 ? 2653 U   A "O3'"  1 
ATOM   195  C "C2'"  . U   A 1 7  ? 4.488   -3.676  6.214   1.00 9.91  ? 2653 U   A "C2'"  1 
ATOM   196  O "O2'"  . U   A 1 7  ? 5.746   -4.321  6.267   1.00 10.92 ? 2653 U   A "O2'"  1 
ATOM   197  C "C1'"  . U   A 1 7  ? 3.502   -4.635  5.561   1.00 9.30  ? 2653 U   A "C1'"  1 
ATOM   198  N N1     . U   A 1 7  ? 2.456   -3.935  4.783   1.00 9.19  ? 2653 U   A N1     1 
ATOM   199  C C2     . U   A 1 7  ? 2.692   -3.765  3.439   1.00 9.55  ? 2653 U   A C2     1 
ATOM   200  O O2     . U   A 1 7  ? 3.716   -4.136  2.915   1.00 11.19 ? 2653 U   A O2     1 
ATOM   201  N N3     . U   A 1 7  ? 1.710   -3.128  2.749   1.00 9.87  ? 2653 U   A N3     1 
ATOM   202  C C4     . U   A 1 7  ? 0.534   -2.635  3.261   1.00 9.63  ? 2653 U   A C4     1 
ATOM   203  O O4     . U   A 1 7  ? -0.245  -2.067  2.505   1.00 10.71 ? 2653 U   A O4     1 
ATOM   204  C C5     . U   A 1 7  ? 0.347   -2.829  4.661   1.00 9.26  ? 2653 U   A C5     1 
ATOM   205  C C6     . U   A 1 7  ? 1.297   -3.467  5.357   1.00 9.16  ? 2653 U   A C6     1 
ATOM   206  H "H5'"  . U   A 1 7  ? 1.958   -5.967  8.925   1.00 12.05 ? 2653 U   A "H5'"  1 
ATOM   207  H "H5''" . U   A 1 7  ? 2.621   -4.801  9.766   1.00 12.05 ? 2653 U   A "H5''" 1 
ATOM   208  H "H4'"  . U   A 1 7  ? 4.117   -5.507  8.146   1.00 11.49 ? 2653 U   A "H4'"  1 
ATOM   209  H "H3'"  . U   A 1 7  ? 3.156   -2.913  7.596   1.00 11.65 ? 2653 U   A "H3'"  1 
ATOM   210  H "H2'"  . U   A 1 7  ? 4.530   -2.825  5.751   1.00 11.90 ? 2653 U   A "H2'"  1 
ATOM   211  H "HO2'" . U   A 1 7  ? 5.674   -5.087  5.930   1.00 13.10 ? 2653 U   A "HO2'" 1 
ATOM   212  H "H1'"  . U   A 1 7  ? 3.985   -5.239  4.974   1.00 11.16 ? 2653 U   A "H1'"  1 
ATOM   213  H H3     . U   A 1 7  ? 1.849   -2.998  1.910   1.00 11.85 ? 2653 U   A H3     1 
ATOM   214  H H5     . U   A 1 7  ? -0.431  -2.539  5.079   1.00 11.12 ? 2653 U   A H5     1 
ATOM   215  H H6     . U   A 1 7  ? 1.165   -3.604  6.267   1.00 11.00 ? 2653 U   A H6     1 
ATOM   216  P P      . A   A 1 8  ? 5.066   -1.614  8.953   1.00 13.03 ? 2654 A   A P      1 
ATOM   217  O OP1    . A   A 1 8  ? 5.484   -0.878  7.731   1.00 14.25 ? 2654 A   A OP1    1 
ATOM   218  O OP2    . A   A 1 8  ? 5.949   -1.607  10.146  1.00 14.12 ? 2654 A   A OP2    1 
ATOM   219  O "O5'"  . A   A 1 8  ? 3.600   -1.113  9.345   1.00 11.70 ? 2654 A   A "O5'"  1 
ATOM   220  C "C5'"  . A   A 1 8  ? 3.407   0.154   9.963   1.00 11.86 ? 2654 A   A "C5'"  1 
ATOM   221  C "C4'"  . A   A 1 8  ? 2.178   0.849   9.441   1.00 11.50 ? 2654 A   A "C4'"  1 
ATOM   222  O "O4'"  . A   A 1 8  ? 2.384   1.222   8.047   1.00 10.94 ? 2654 A   A "O4'"  1 
ATOM   223  C "C3'"  . A   A 1 8  ? 0.886   0.036   9.468   1.00 12.08 ? 2654 A   A "C3'"  1 
ATOM   224  O "O3'"  . A   A 1 8  ? -0.218  0.912   9.655   1.00 13.66 ? 2654 A   A "O3'"  1 
ATOM   225  C "C2'"  . A   A 1 8  ? 0.811   -0.491  8.045   1.00 11.04 ? 2654 A   A "C2'"  1 
ATOM   226  O "O2'"  . A   A 1 8  ? -0.476  -0.876  7.624   1.00 11.90 ? 2654 A   A "O2'"  1 
ATOM   227  C "C1'"  . A   A 1 8  ? 1.330   0.716   7.269   1.00 10.41 ? 2654 A   A "C1'"  1 
ATOM   228  N N9     . A   A 1 8  ? 1.866   0.403   5.951   1.00 9.83  ? 2654 A   A N9     1 
ATOM   229  C C8     . A   A 1 8  ? 3.055   -0.226  5.686   1.00 10.04 ? 2654 A   A C8     1 
ATOM   230  N N7     . A   A 1 8  ? 3.290   -0.385  4.405   1.00 10.09 ? 2654 A   A N7     1 
ATOM   231  C C5     . A   A 1 8  ? 2.192   0.199   3.797   1.00 10.25 ? 2654 A   A C5     1 
ATOM   232  C C6     . A   A 1 8  ? 1.854   0.332   2.437   1.00 10.63 ? 2654 A   A C6     1 
ATOM   233  N N6     . A   A 1 8  ? 2.622   -0.111  1.431   1.00 10.89 ? 2654 A   A N6     1 
ATOM   234  N N1     . A   A 1 8  ? 0.683   0.959   2.170   1.00 10.97 ? 2654 A   A N1     1 
ATOM   235  C C2     . A   A 1 8  ? -0.081  1.394   3.178   1.00 11.03 ? 2654 A   A C2     1 
ATOM   236  N N3     . A   A 1 8  ? 0.137   1.311   4.485   1.00 10.81 ? 2654 A   A N3     1 
ATOM   237  C C4     . A   A 1 8  ? 1.299   0.687   4.734   1.00 10.15 ? 2654 A   A C4     1 
ATOM   238  H "H5'"  . A   A 1 8  ? 4.182   0.711   9.791   1.00 14.24 ? 2654 A   A "H5'"  1 
ATOM   239  H "H5''" . A   A 1 8  ? 3.316   0.027   10.920  1.00 14.24 ? 2654 A   A "H5''" 1 
ATOM   240  H "H4'"  . A   A 1 8  ? 2.041   1.657   9.958   1.00 13.79 ? 2654 A   A "H4'"  1 
ATOM   241  H "H3'"  . A   A 1 8  ? 0.912   -0.679  10.125  1.00 14.50 ? 2654 A   A "H3'"  1 
ATOM   242  H "H2'"  . A   A 1 8  ? 1.426   -1.234  7.940   1.00 13.25 ? 2654 A   A "H2'"  1 
ATOM   243  H "HO2'" . A   A 1 8  ? -0.729  -0.362  7.009   1.00 14.28 ? 2654 A   A "HO2'" 1 
ATOM   244  H "H1'"  . A   A 1 8  ? 0.630   1.383   7.191   1.00 12.49 ? 2654 A   A "H1'"  1 
ATOM   245  H H8     . A   A 1 8  ? 3.631   -0.529  6.351   1.00 12.04 ? 2654 A   A H8     1 
ATOM   246  H H61    . A   A 1 8  ? 2.371   0.002   0.616   1.00 13.07 ? 2654 A   A H61    1 
ATOM   247  H H62    . A   A 1 8  ? 3.364   -0.509  1.600   1.00 13.07 ? 2654 A   A H62    1 
ATOM   248  H H2     . A   A 1 8  ? -0.874  1.811   2.929   1.00 13.23 ? 2654 A   A H2     1 
ATOM   249  P P      . G   A 1 9  ? -0.878  1.153   11.082  1.00 13.39 ? 2655 G   A P      1 
ATOM   250  O OP1    . G   A 1 9  ? 0.186   1.339   12.098  1.00 16.61 ? 2655 G   A OP1    1 
ATOM   251  O OP2    . G   A 1 9  ? -1.948  0.174   11.341  1.00 15.57 ? 2655 G   A OP2    1 
ATOM   252  O "O5'"  . G   A 1 9  ? -1.667  2.510   10.807  1.00 16.21 ? 2655 G   A "O5'"  1 
ATOM   253  C "C5'"  . G   A 1 9  ? -1.085  3.794   10.999  1.00 17.50 ? 2655 G   A "C5'"  1 
ATOM   254  C "C4'"  . G   A 1 9  ? -0.268  4.262   9.820   1.00 17.47 ? 2655 G   A "C4'"  1 
ATOM   255  O "O4'"  . G   A 1 9  ? -1.092  4.406   8.616   1.00 16.92 ? 2655 G   A "O4'"  1 
ATOM   256  C "C3'"  . G   A 1 9  ? 0.353   5.631   10.039  1.00 16.76 ? 2655 G   A "C3'"  1 
ATOM   257  O "O3'"  . G   A 1 9  ? 1.521   5.674   9.242   1.00 16.27 ? 2655 G   A "O3'"  1 
ATOM   258  C "C2'"  . G   A 1 9  ? -0.699  6.541   9.431   1.00 16.89 ? 2655 G   A "C2'"  1 
ATOM   259  O "O2'"  . G   A 1 9  ? -0.289  7.867   9.176   1.00 17.51 ? 2655 G   A "O2'"  1 
ATOM   260  C "C1'"  . G   A 1 9  ? -1.004  5.753   8.172   1.00 16.16 ? 2655 G   A "C1'"  1 
ATOM   261  N N9     . G   A 1 9  ? -2.206  6.142   7.431   1.00 16.64 ? 2655 G   A N9     1 
ATOM   262  C C8     . G   A 1 9  ? -3.384  6.703   7.853   1.00 17.70 ? 2655 G   A C8     1 
ATOM   263  N N7     . G   A 1 9  ? -4.212  6.910   6.860   1.00 18.26 ? 2655 G   A N7     1 
ATOM   264  C C5     . G   A 1 9  ? -3.542  6.477   5.724   1.00 17.17 ? 2655 G   A C5     1 
ATOM   265  C C6     . G   A 1 9  ? -3.925  6.445   4.357   1.00 16.68 ? 2655 G   A C6     1 
ATOM   266  O O6     . G   A 1 9  ? -4.989  6.822   3.853   1.00 18.75 ? 2655 G   A O6     1 
ATOM   267  N N1     . G   A 1 9  ? -2.934  5.917   3.540   1.00 15.01 ? 2655 G   A N1     1 
ATOM   268  C C2     . G   A 1 9  ? -1.714  5.463   3.981   1.00 13.71 ? 2655 G   A C2     1 
ATOM   269  N N2     . G   A 1 9  ? -0.867  4.985   3.051   1.00 13.49 ? 2655 G   A N2     1 
ATOM   270  N N3     . G   A 1 9  ? -1.351  5.503   5.256   1.00 14.25 ? 2655 G   A N3     1 
ATOM   271  C C4     . G   A 1 9  ? -2.305  6.000   6.065   1.00 15.78 ? 2655 G   A C4     1 
ATOM   272  H "H5'"  . G   A 1 9  ? -0.511  3.761   11.781  1.00 21.01 ? 2655 G   A "H5'"  1 
ATOM   273  H "H5''" . G   A 1 9  ? -1.794  4.436   11.160  1.00 21.01 ? 2655 G   A "H5''" 1 
ATOM   274  H "H4'"  . G   A 1 9  ? 0.436   3.619   9.647   1.00 20.96 ? 2655 G   A "H4'"  1 
ATOM   275  H "H3'"  . G   A 1 9  ? 0.522   5.821   10.974  1.00 20.11 ? 2655 G   A "H3'"  1 
ATOM   276  H "H2'"  . G   A 1 9  ? -1.483  6.552   10.002  1.00 20.27 ? 2655 G   A "H2'"  1 
ATOM   277  H "HO2'" . G   A 1 9  ? -0.428  8.045   8.366   1.00 21.02 ? 2655 G   A "HO2'" 1 
ATOM   278  H "H1'"  . G   A 1 9  ? -0.243  5.828   7.575   1.00 19.40 ? 2655 G   A "H1'"  1 
ATOM   279  H H8     . G   A 1 9  ? -3.575  6.903   8.741   1.00 21.24 ? 2655 G   A H8     1 
ATOM   280  H H1     . G   A 1 9  ? -3.097  5.869   2.697   1.00 18.01 ? 2655 G   A H1     1 
ATOM   281  H H21    . G   A 1 9  ? -1.104  4.959   2.225   1.00 16.19 ? 2655 G   A H21    1 
ATOM   282  H H22    . G   A 1 9  ? -0.088  4.703   3.284   1.00 16.19 ? 2655 G   A H22    1 
ATOM   283  P P      . U   A 1 10 ? 2.584   6.852   9.390   1.00 16.35 ? 2656 U   A P      1 
ATOM   284  O OP1    . U   A 1 10 ? 2.501   7.419   10.758  1.00 17.19 ? 2656 U   A OP1    1 
ATOM   285  O OP2    . U   A 1 10 ? 2.433   7.736   8.200   1.00 16.60 ? 2656 U   A OP2    1 
ATOM   286  O "O5'"  . U   A 1 10 ? 3.966   6.094   9.207   1.00 15.82 ? 2656 U   A "O5'"  1 
ATOM   287  C "C5'"  . U   A 1 10 ? 4.441   5.180   10.181  1.00 15.72 ? 2656 U   A "C5'"  1 
ATOM   288  C "C4'"  . U   A 1 10 ? 5.315   4.155   9.525   1.00 15.19 ? 2656 U   A "C4'"  1 
ATOM   289  O "O4'"  . U   A 1 10 ? 4.492   3.191   8.820   1.00 14.43 ? 2656 U   A "O4'"  1 
ATOM   290  C "C3'"  . U   A 1 10 ? 6.249   4.714   8.462   1.00 15.19 ? 2656 U   A "C3'"  1 
ATOM   291  O "O3'"  . U   A 1 10 ? 7.449   5.198   9.029   1.00 16.77 ? 2656 U   A "O3'"  1 
ATOM   292  C "C2'"  . U   A 1 10 ? 6.452   3.539   7.526   1.00 14.62 ? 2656 U   A "C2'"  1 
ATOM   293  O "O2'"  . U   A 1 10 ? 7.442   2.663   8.045   1.00 15.97 ? 2656 U   A "O2'"  1 
ATOM   294  C "C1'"  . U   A 1 10 ? 5.088   2.852   7.590   1.00 14.19 ? 2656 U   A "C1'"  1 
ATOM   295  N N1     . U   A 1 10 ? 4.162   3.260   6.510   1.00 13.00 ? 2656 U   A N1     1 
ATOM   296  C C2     . U   A 1 10 ? 4.497   2.921   5.212   1.00 12.70 ? 2656 U   A C2     1 
ATOM   297  O O2     . U   A 1 10 ? 5.544   2.370   4.918   1.00 13.33 ? 2656 U   A O2     1 
ATOM   298  N N3     . U   A 1 10 ? 3.581   3.285   4.262   1.00 12.28 ? 2656 U   A N3     1 
ATOM   299  C C4     . U   A 1 10 ? 2.375   3.921   4.476   1.00 12.13 ? 2656 U   A C4     1 
ATOM   300  O O4     . U   A 1 10 ? 1.647   4.182   3.515   1.00 12.95 ? 2656 U   A O4     1 
ATOM   301  C C5     . U   A 1 10 ? 2.068   4.200   5.850   1.00 12.90 ? 2656 U   A C5     1 
ATOM   302  C C6     . U   A 1 10 ? 2.954   3.866   6.791   1.00 13.22 ? 2656 U   A C6     1 
ATOM   303  H "H5'"  . U   A 1 10 ? 3.687   4.739   10.603  1.00 18.86 ? 2656 U   A "H5'"  1 
ATOM   304  H "H5''" . U   A 1 10 ? 4.951   5.659   10.851  1.00 18.86 ? 2656 U   A "H5''" 1 
ATOM   305  H "H4'"  . U   A 1 10 ? 5.837   3.697   10.202  1.00 18.23 ? 2656 U   A "H4'"  1 
ATOM   306  H "H3'"  . U   A 1 10 ? 5.802   5.432   7.987   1.00 18.22 ? 2656 U   A "H3'"  1 
ATOM   307  H "H2'"  . U   A 1 10 ? 6.664   3.831   6.626   1.00 17.55 ? 2656 U   A "H2'"  1 
ATOM   308  H "HO2'" . U   A 1 10 ? 8.190   3.044   8.009   1.00 19.16 ? 2656 U   A "HO2'" 1 
ATOM   309  H "H1'"  . U   A 1 10 ? 5.214   1.890   7.553   1.00 17.02 ? 2656 U   A "H1'"  1 
ATOM   310  H H3     . U   A 1 10 ? 3.781   3.105   3.446   1.00 14.73 ? 2656 U   A H3     1 
ATOM   311  H H5     . U   A 1 10 ? 1.278   4.632   6.079   1.00 15.48 ? 2656 U   A H5     1 
ATOM   312  H H6     . U   A 1 10 ? 2.750   4.056   7.679   1.00 15.87 ? 2656 U   A H6     1 
ATOM   313  P P      . A   A 1 11 ? 8.135   6.532   8.469   1.00 17.71 ? 2657 A   A P      1 
ATOM   314  O OP1    . A   A 1 11 ? 9.379   6.749   9.254   1.00 19.85 ? 2657 A   A OP1    1 
ATOM   315  O OP2    . A   A 1 11 ? 7.111   7.599   8.375   1.00 17.65 ? 2657 A   A OP2    1 
ATOM   316  O "O5'"  . A   A 1 11 ? 8.526   6.164   6.975   1.00 16.17 ? 2657 A   A "O5'"  1 
ATOM   317  C "C5'"  . A   A 1 11 ? 9.583   5.259   6.726   1.00 15.92 ? 2657 A   A "C5'"  1 
ATOM   318  C "C4'"  . A   A 1 11 ? 9.829   5.125   5.255   1.00 14.28 ? 2657 A   A "C4'"  1 
ATOM   319  O "O4'"  . A   A 1 11 ? 8.692   4.494   4.621   1.00 13.09 ? 2657 A   A "O4'"  1 
ATOM   320  C "C3'"  . A   A 1 11 ? 9.977   6.423   4.491   1.00 13.98 ? 2657 A   A "C3'"  1 
ATOM   321  O "O3'"  . A   A 1 11 ? 11.244  6.999   4.656   1.00 15.91 ? 2657 A   A "O3'"  1 
ATOM   322  C "C2'"  . A   A 1 11 ? 9.688   5.986   3.070   1.00 13.65 ? 2657 A   A "C2'"  1 
ATOM   323  O "O2'"  . A   A 1 11 ? 10.799  5.288   2.514   1.00 14.74 ? 2657 A   A "O2'"  1 
ATOM   324  C "C1'"  . A   A 1 11 ? 8.555   5.002   3.304   1.00 12.48 ? 2657 A   A "C1'"  1 
ATOM   325  N N9     . A   A 1 11 ? 7.220   5.612   3.147   1.00 10.98 ? 2657 A   A N9     1 
ATOM   326  C C8     . A   A 1 11 ? 6.267   5.856   4.097   1.00 10.45 ? 2657 A   A C8     1 
ATOM   327  N N7     . A   A 1 11 ? 5.157   6.351   3.612   1.00 10.64 ? 2657 A   A N7     1 
ATOM   328  C C5     . A   A 1 11 ? 5.405   6.443   2.248   1.00 10.15 ? 2657 A   A C5     1 
ATOM   329  C C6     . A   A 1 11 ? 4.615   6.872   1.161   1.00 10.14 ? 2657 A   A C6     1 
ATOM   330  N N6     . A   A 1 11 ? 3.362   7.331   1.280   1.00 10.76 ? 2657 A   A N6     1 
ATOM   331  N N1     . A   A 1 11 ? 5.161   6.818   -0.069  1.00 10.09 ? 2657 A   A N1     1 
ATOM   332  C C2     . A   A 1 11 ? 6.414   6.365   -0.190  1.00 10.31 ? 2657 A   A C2     1 
ATOM   333  N N3     . A   A 1 11 ? 7.253   5.929   0.743   1.00 9.98  ? 2657 A   A N3     1 
ATOM   334  C C4     . A   A 1 11 ? 6.674   5.989   1.948   1.00 10.28 ? 2657 A   A C4     1 
ATOM   335  H "H5'"  . A   A 1 11 ? 9.353   4.390   7.091   1.00 19.10 ? 2657 A   A "H5'"  1 
ATOM   336  H "H5''" . A   A 1 11 ? 10.389  5.584   7.156   1.00 19.10 ? 2657 A   A "H5''" 1 
ATOM   337  H "H4'"  . A   A 1 11 ? 10.618  4.579   5.112   1.00 17.14 ? 2657 A   A "H4'"  1 
ATOM   338  H "H3'"  . A   A 1 11 ? 9.295   7.048   4.782   1.00 16.77 ? 2657 A   A "H3'"  1 
ATOM   339  H "H2'"  . A   A 1 11 ? 9.409   6.731   2.514   1.00 16.38 ? 2657 A   A "H2'"  1 
ATOM   340  H "HO2'" . A   A 1 11 ? 10.598  4.475   2.430   1.00 17.69 ? 2657 A   A "HO2'" 1 
ATOM   341  H "H1'"  . A   A 1 11 ? 8.642   4.270   2.674   1.00 14.98 ? 2657 A   A "H1'"  1 
ATOM   342  H H8     . A   A 1 11 ? 6.391   5.674   5.000   1.00 12.53 ? 2657 A   A H8     1 
ATOM   343  H H61    . A   A 1 11 ? 2.928   7.582   0.580   1.00 12.91 ? 2657 A   A H61    1 
ATOM   344  H H62    . A   A 1 11 ? 2.992   7.375   2.054   1.00 12.91 ? 2657 A   A H62    1 
ATOM   345  H H2     . A   A 1 11 ? 6.744   6.346   -1.059  1.00 12.37 ? 2657 A   A H2     1 
ATOM   346  P P      . C   A 1 12 ? 11.377  8.592   4.767   1.00 17.23 ? 2658 C   A P      1 
ATOM   347  O OP1    . C   A 1 12 ? 12.829  8.904   4.811   1.00 18.95 ? 2658 C   A OP1    1 
ATOM   348  O OP2    . C   A 1 12 ? 10.504  9.104   5.856   1.00 19.11 ? 2658 C   A OP2    1 
ATOM   349  O "O5'"  . C   A 1 12 ? 10.740  9.129   3.408   1.00 14.34 ? 2658 C   A "O5'"  1 
ATOM   350  C "C5'"  . C   A 1 12 ? 11.320  8.863   2.142   1.00 12.90 ? 2658 C   A "C5'"  1 
ATOM   351  C "C4'"  . C   A 1 12 ? 10.404  9.339   1.047   1.00 11.00 ? 2658 C   A "C4'"  1 
ATOM   352  O "O4'"  . C   A 1 12 ? 9.144   8.632   1.127   1.00 10.46 ? 2658 C   A "O4'"  1 
ATOM   353  C "C3'"  . C   A 1 12 ? 10.011  10.802  1.133   1.00 10.91 ? 2658 C   A "C3'"  1 
ATOM   354  O "O3'"  . C   A 1 12 ? 11.007  11.641  0.589   1.00 11.55 ? 2658 C   A "O3'"  1 
ATOM   355  C "C2'"  . C   A 1 12 ? 8.680   10.848  0.400   1.00 11.24 ? 2658 C   A "C2'"  1 
ATOM   356  O "O2'"  . C   A 1 12 ? 8.865   10.910  -1.008  1.00 12.33 ? 2658 C   A "O2'"  1 
ATOM   357  C "C1'"  . C   A 1 12 ? 8.080   9.495   0.778   1.00 10.61 ? 2658 C   A "C1'"  1 
ATOM   358  N N1     . C   A 1 12 ? 7.164   9.612   1.933   1.00 9.93  ? 2658 C   A N1     1 
ATOM   359  C C2     . C   A 1 12 ? 5.901   10.136  1.682   1.00 10.12 ? 2658 C   A C2     1 
ATOM   360  O O2     . C   A 1 12 ? 5.632   10.462  0.517   1.00 11.30 ? 2658 C   A O2     1 
ATOM   361  N N3     . C   A 1 12 ? 5.027   10.277  2.701   1.00 10.86 ? 2658 C   A N3     1 
ATOM   362  C C4     . C   A 1 12 ? 5.380   9.913   3.938   1.00 11.32 ? 2658 C   A C4     1 
ATOM   363  N N4     . C   A 1 12 ? 4.487   10.073  4.919   1.00 12.59 ? 2658 C   A N4     1 
ATOM   364  C C5     . C   A 1 12 ? 6.678   9.384   4.227   1.00 10.78 ? 2658 C   A C5     1 
ATOM   365  C C6     . C   A 1 12 ? 7.532   9.253   3.205   1.00 10.51 ? 2658 C   A C6     1 
ATOM   366  H "H5'"  . C   A 1 12 ? 11.463  7.907   2.049   1.00 15.48 ? 2658 C   A "H5'"  1 
ATOM   367  H "H5''" . C   A 1 12 ? 12.170  9.324   2.074   1.00 15.48 ? 2658 C   A "H5''" 1 
ATOM   368  H "H4'"  . C   A 1 12 ? 10.815  9.166   0.185   1.00 13.20 ? 2658 C   A "H4'"  1 
ATOM   369  H "H3'"  . C   A 1 12 ? 9.870   11.038  2.063   1.00 13.09 ? 2658 C   A "H3'"  1 
ATOM   370  H "H2'"  . C   A 1 12 ? 8.128   11.580  0.718   1.00 13.49 ? 2658 C   A "H2'"  1 
ATOM   371  H "HO2'" . C   A 1 12 ? 9.195   11.656  -1.209  1.00 14.80 ? 2658 C   A "HO2'" 1 
ATOM   372  H "H1'"  . C   A 1 12 ? 7.600   9.128   0.019   1.00 12.74 ? 2658 C   A "H1'"  1 
ATOM   373  H H41    . C   A 1 12 ? 4.688   9.848   5.724   1.00 15.11 ? 2658 C   A H41    1 
ATOM   374  H H42    . C   A 1 12 ? 3.711   10.400  4.744   1.00 15.11 ? 2658 C   A H42    1 
ATOM   375  H H5     . C   A 1 12 ? 6.914   9.133   5.090   1.00 12.93 ? 2658 C   A H5     1 
ATOM   376  H H6     . C   A 1 12 ? 8.382   8.904   3.357   1.00 12.61 ? 2658 C   A H6     1 
ATOM   377  P P      . G   A 1 13 ? 11.306  13.062  1.271   1.00 12.39 ? 2659 G   A P      1 
ATOM   378  O OP1    . G   A 1 13 ? 12.359  13.668  0.422   1.00 13.59 ? 2659 G   A OP1    1 
ATOM   379  O OP2    . G   A 1 13 ? 11.485  12.903  2.746   1.00 13.35 ? 2659 G   A OP2    1 
ATOM   380  O "O5'"  . G   A 1 13 ? 9.943   13.857  1.094   1.00 11.98 ? 2659 G   A "O5'"  1 
ATOM   381  C "C5'"  . G   A 1 13 ? 9.549   14.367  -0.164  1.00 12.38 ? 2659 G   A "C5'"  1 
ATOM   382  C "C4'"  . G   A 1 13 ? 8.173   14.947  -0.069  1.00 11.48 ? 2659 G   A "C4'"  1 
ATOM   383  O "O4'"  . G   A 1 13 ? 7.216   13.910  0.256   1.00 11.07 ? 2659 G   A "O4'"  1 
ATOM   384  C "C3'"  . G   A 1 13 ? 7.977   15.968  1.021   1.00 11.50 ? 2659 G   A "C3'"  1 
ATOM   385  O "O3'"  . G   A 1 13 ? 8.520   17.230  0.675   1.00 12.70 ? 2659 G   A "O3'"  1 
ATOM   386  C "C2'"  . G   A 1 13 ? 6.469   15.956  1.199   1.00 11.72 ? 2659 G   A "C2'"  1 
ATOM   387  O "O2'"  . G   A 1 13 ? 5.846   16.722  0.188   1.00 11.82 ? 2659 G   A "O2'"  1 
ATOM   388  C "C1'"  . G   A 1 13 ? 6.156   14.461  1.011   1.00 11.06 ? 2659 G   A "C1'"  1 
ATOM   389  N N9     . G   A 1 13 ? 6.138   13.839  2.336   1.00 10.42 ? 2659 G   A N9     1 
ATOM   390  C C8     . G   A 1 13 ? 7.142   13.198  3.017   1.00 11.53 ? 2659 G   A C8     1 
ATOM   391  N N7     . G   A 1 13 ? 6.811   12.904  4.241   1.00 11.76 ? 2659 G   A N7     1 
ATOM   392  C C5     . G   A 1 13 ? 5.536   13.421  4.382   1.00 11.12 ? 2659 G   A C5     1 
ATOM   393  C C6     . G   A 1 13 ? 4.648   13.447  5.482   1.00 11.66 ? 2659 G   A C6     1 
ATOM   394  O O6     . G   A 1 13 ? 4.808   12.991  6.617   1.00 12.96 ? 2659 G   A O6     1 
ATOM   395  N N1     . G   A 1 13 ? 3.462   14.102  5.176   1.00 10.46 ? 2659 G   A N1     1 
ATOM   396  C C2     . G   A 1 13 ? 3.156   14.670  3.963   1.00 9.94  ? 2659 G   A C2     1 
ATOM   397  N N2     . G   A 1 13 ? 1.963   15.273  3.859   1.00 10.44 ? 2659 G   A N2     1 
ATOM   398  N N3     . G   A 1 13 ? 3.965   14.638  2.924   1.00 9.99  ? 2659 G   A N3     1 
ATOM   399  C C4     . G   A 1 13 ? 5.121   14.015  3.215   1.00 10.67 ? 2659 G   A C4     1 
ATOM   400  H "H5'"  . G   A 1 13 ? 9.552   13.650  -0.817  1.00 14.86 ? 2659 G   A "H5'"  1 
ATOM   401  H "H5''" . G   A 1 13 ? 10.172  15.058  -0.440  1.00 14.86 ? 2659 G   A "H5''" 1 
ATOM   402  H "H4'"  . G   A 1 13 ? 7.936   15.343  -0.923  1.00 13.77 ? 2659 G   A "H4'"  1 
ATOM   403  H "H3'"  . G   A 1 13 ? 8.398   15.652  1.835   1.00 13.80 ? 2659 G   A "H3'"  1 
ATOM   404  H "H2'"  . G   A 1 13 ? 6.216   16.261  2.084   1.00 14.06 ? 2659 G   A "H2'"  1 
ATOM   405  H "HO2'" . G   A 1 13 ? 5.574   16.207  -0.419  1.00 14.18 ? 2659 G   A "HO2'" 1 
ATOM   406  H "H1'"  . G   A 1 13 ? 5.308   14.338  0.558   1.00 13.28 ? 2659 G   A "H1'"  1 
ATOM   407  H H8     . G   A 1 13 ? 7.956   12.963  2.633   1.00 13.84 ? 2659 G   A H8     1 
ATOM   408  H H1     . G   A 1 13 ? 2.865   14.144  5.793   1.00 12.55 ? 2659 G   A H1     1 
ATOM   409  H H21    . G   A 1 13 ? 1.433   15.296  4.536   1.00 12.52 ? 2659 G   A H21    1 
ATOM   410  H H22    . G   A 1 13 ? 1.730   15.637  3.116   1.00 12.52 ? 2659 G   A H22    1 
ATOM   411  P P      . A   A 1 14 ? 9.471   17.985  1.721   1.00 13.64 ? 2660 A   A P      1 
ATOM   412  O OP1    . A   A 1 14 ? 9.809   19.264  1.081   1.00 15.34 ? 2660 A   A OP1    1 
ATOM   413  O OP2    . A   A 1 14 ? 10.572  17.106  2.173   1.00 15.22 ? 2660 A   A OP2    1 
ATOM   414  O "O5'"  . A   A 1 14 ? 8.478   18.201  2.937   1.00 13.00 ? 2660 A   A "O5'"  1 
ATOM   415  C "C5'"  . A   A 1 14 ? 8.935   18.652  4.198   1.00 13.52 ? 2660 A   A "C5'"  1 
ATOM   416  C "C4'"  . A   A 1 14 ? 8.072   19.775  4.711   1.00 14.04 ? 2660 A   A "C4'"  1 
ATOM   417  O "O4'"  . A   A 1 14 ? 8.109   20.877  3.767   1.00 14.25 ? 2660 A   A "O4'"  1 
ATOM   418  C "C3'"  . A   A 1 14 ? 6.586   19.486  4.870   1.00 13.26 ? 2660 A   A "C3'"  1 
ATOM   419  O "O3'"  . A   A 1 14 ? 6.283   18.812  6.073   1.00 13.06 ? 2660 A   A "O3'"  1 
ATOM   420  C "C2'"  . A   A 1 14 ? 5.984   20.883  4.800   1.00 14.21 ? 2660 A   A "C2'"  1 
ATOM   421  O "O2'"  . A   A 1 14 ? 6.215   21.593  6.013   1.00 15.41 ? 2660 A   A "O2'"  1 
ATOM   422  C "C1'"  . A   A 1 14 ? 6.854   21.520  3.730   1.00 14.27 ? 2660 A   A "C1'"  1 
ATOM   423  N N9     . A   A 1 14 ? 6.306   21.436  2.360   1.00 14.28 ? 2660 A   A N9     1 
ATOM   424  C C8     . A   A 1 14 ? 6.765   20.697  1.293   1.00 14.70 ? 2660 A   A C8     1 
ATOM   425  N N7     . A   A 1 14 ? 6.093   20.907  0.186   1.00 15.16 ? 2660 A   A N7     1 
ATOM   426  C C5     . A   A 1 14 ? 5.163   21.873  0.534   1.00 14.84 ? 2660 A   A C5     1 
ATOM   427  C C6     . A   A 1 14 ? 4.170   22.542  -0.195  1.00 16.23 ? 2660 A   A C6     1 
ATOM   428  N N6     . A   A 1 14 ? 3.937   22.321  -1.488  1.00 17.45 ? 2660 A   A N6     1 
ATOM   429  N N1     . A   A 1 14 ? 3.408   23.442  0.463   1.00 16.62 ? 2660 A   A N1     1 
ATOM   430  C C2     . A   A 1 14 ? 3.650   23.668  1.755   1.00 17.23 ? 2660 A   A C2     1 
ATOM   431  N N3     . A   A 1 14 ? 4.560   23.107  2.543   1.00 16.63 ? 2660 A   A N3     1 
ATOM   432  C C4     . A   A 1 14 ? 5.289   22.210  1.864   1.00 15.19 ? 2660 A   A C4     1 
ATOM   433  H "H5'"  . A   A 1 14 ? 9.849   18.964  4.112   1.00 16.23 ? 2660 A   A "H5'"  1 
ATOM   434  H "H5''" . A   A 1 14 ? 8.907   17.915  4.828   1.00 16.23 ? 2660 A   A "H5''" 1 
ATOM   435  H "H4'"  . A   A 1 14 ? 8.426   20.078  5.561   1.00 16.84 ? 2660 A   A "H4'"  1 
ATOM   436  H "H3'"  . A   A 1 14 ? 6.275   18.962  4.115   1.00 15.91 ? 2660 A   A "H3'"  1 
ATOM   437  H "H2'"  . A   A 1 14 ? 5.048   20.869  4.549   1.00 17.05 ? 2660 A   A "H2'"  1 
ATOM   438  H "HO2'" . A   A 1 14 ? 5.486   21.903  6.291   1.00 18.49 ? 2660 A   A "HO2'" 1 
ATOM   439  H "H1'"  . A   A 1 14 ? 6.981   22.456  3.954   1.00 17.12 ? 2660 A   A "H1'"  1 
ATOM   440  H H8     . A   A 1 14 ? 7.465   20.088  1.358   1.00 17.64 ? 2660 A   A H8     1 
ATOM   441  H H61    . A   A 1 14 ? 3.308   22.748  -1.890  1.00 20.93 ? 2660 A   A H61    1 
ATOM   442  H H62    . A   A 1 14 ? 4.414   21.750  -1.919  1.00 20.93 ? 2660 A   A H62    1 
ATOM   443  H H2     . A   A 1 14 ? 3.105   24.303  2.161   1.00 20.67 ? 2660 A   A H2     1 
HETATM 444  P P      . OMG A 1 15 ? 5.532   17.386  6.049   1.00 11.60 ? 2661 OMG A P      1 
HETATM 445  O OP1    . OMG A 1 15 ? 5.671   16.886  7.435   1.00 13.71 ? 2661 OMG A OP1    1 
HETATM 446  O OP2    . OMG A 1 15 ? 6.023   16.571  4.939   1.00 12.43 ? 2661 OMG A OP2    1 
HETATM 447  O "O5'"  . OMG A 1 15 ? 4.005   17.751  5.757   1.00 10.89 ? 2661 OMG A "O5'"  1 
HETATM 448  C "C5'"  . OMG A 1 15 ? 3.327   18.616  6.643   1.00 11.35 ? 2661 OMG A "C5'"  1 
HETATM 449  C "C4'"  . OMG A 1 15 ? 2.294   19.456  5.989   1.00 10.71 ? 2661 OMG A "C4'"  1 
HETATM 450  O "O4'"  . OMG A 1 15 ? 2.951   20.186  4.987   1.00 10.38 ? 2661 OMG A "O4'"  1 
HETATM 451  C "C3'"  . OMG A 1 15 ? 1.129   18.764  5.281   1.00 9.92  ? 2661 OMG A "C3'"  1 
HETATM 452  O "O3'"  . OMG A 1 15 ? 0.072   18.492  6.222   1.00 10.27 ? 2661 OMG A "O3'"  1 
HETATM 453  C "C2'"  . OMG A 1 15 ? 0.772   19.857  4.282   1.00 10.01 ? 2661 OMG A "C2'"  1 
HETATM 454  O "O2'"  . OMG A 1 15 ? 0.051   20.892  4.945   1.00 10.62 ? 2661 OMG A "O2'"  1 
HETATM 455  C CM2    . OMG A 1 15 ? -0.516  21.873  4.101   1.00 11.47 ? 2661 OMG A CM2    1 
HETATM 456  C "C1'"  . OMG A 1 15 ? 2.110   20.271  3.877   1.00 9.91  ? 2661 OMG A "C1'"  1 
HETATM 457  N N9     . OMG A 1 15 ? 2.630   19.548  2.699   1.00 9.67  ? 2661 OMG A N9     1 
HETATM 458  C C8     . OMG A 1 15 ? 3.628   18.649  2.739   1.00 10.37 ? 2661 OMG A C8     1 
HETATM 459  N N7     . OMG A 1 15 ? 3.982   18.243  1.457   1.00 10.53 ? 2661 OMG A N7     1 
HETATM 460  C C5     . OMG A 1 15 ? 3.094   19.026  0.635   1.00 9.74  ? 2661 OMG A C5     1 
HETATM 461  C C6     . OMG A 1 15 ? 2.923   19.151  -0.754  1.00 10.58 ? 2661 OMG A C6     1 
HETATM 462  O O6     . OMG A 1 15 ? 3.751   18.525  -1.629  1.00 11.30 ? 2661 OMG A O6     1 
HETATM 463  N N1     . OMG A 1 15 ? 1.996   19.987  -1.165  1.00 9.80  ? 2661 OMG A N1     1 
HETATM 464  C C2     . OMG A 1 15 ? 1.191   20.676  -0.281  1.00 9.85  ? 2661 OMG A C2     1 
HETATM 465  N N2     . OMG A 1 15 ? 0.227   21.502  -0.841  1.00 10.98 ? 2661 OMG A N2     1 
HETATM 466  N N3     . OMG A 1 15 ? 1.315   20.703  1.041   1.00 9.60  ? 2661 OMG A N3     1 
HETATM 467  C C4     . OMG A 1 15 ? 2.316   19.815  1.469   1.00 9.41  ? 2661 OMG A C4     1 
HETATM 468  H "H5'"  . OMG A 1 15 ? 3.988   19.204  7.022   1.00 13.61 ? 2661 OMG A "H5'"  1 
HETATM 469  H "H5''" . OMG A 1 15 ? 2.951   18.089  7.341   1.00 13.61 ? 2661 OMG A "H5''" 1 
HETATM 470  H "H4'"  . OMG A 1 15 ? 2.041   19.998  6.741   1.00 12.85 ? 2661 OMG A "H4'"  1 
HETATM 471  H "H3'"  . OMG A 1 15 ? 1.350   17.994  4.753   1.00 11.90 ? 2661 OMG A "H3'"  1 
HETATM 472  H "H2'"  . OMG A 1 15 ? 0.220   19.624  3.541   1.00 12.02 ? 2661 OMG A "H2'"  1 
HETATM 473  H HM21   . OMG A 1 15 ? -1.140  22.405  4.613   1.00 13.76 ? 2661 OMG A HM21   1 
HETATM 474  H HM22   . OMG A 1 15 ? -0.938  21.442  3.345   1.00 13.76 ? 2661 OMG A HM22   1 
HETATM 475  H HM23   . OMG A 1 15 ? 0.232   22.449  3.782   1.00 13.76 ? 2661 OMG A HM23   1 
HETATM 476  H "H1'"  . OMG A 1 15 ? 2.065   21.183  3.627   1.00 11.90 ? 2661 OMG A "H1'"  1 
HETATM 477  H H8     . OMG A 1 15 ? 4.039   18.332  3.533   1.00 12.44 ? 2661 OMG A H8     1 
HETATM 478  H HN1    . OMG A 1 15 ? 1.862   20.126  -2.026  1.00 11.75 ? 2661 OMG A HN1    1 
HETATM 479  H HN21   . OMG A 1 15 ? -0.298  21.981  -0.326  1.00 13.18 ? 2661 OMG A HN21   1 
HETATM 480  H HN22   . OMG A 1 15 ? 0.164   21.559  -1.720  1.00 13.18 ? 2661 OMG A HN22   1 
HETATM 481  P P      . 45A A 1 16 ? -0.838  17.198  5.999   1.00 10.34 ? 2662 45A A P      1 
HETATM 482  O "O4'"  . 45A A 1 16 ? -2.063  19.224  2.433   1.00 10.01 ? 2662 45A A "O4'"  1 
HETATM 483  C "C4'"  . 45A A 1 16 ? -3.121  18.741  3.210   1.00 11.05 ? 2662 45A A "C4'"  1 
HETATM 484  C "C3'"  . 45A A 1 16 ? -3.554  17.486  2.512   1.00 11.70 ? 2662 45A A "C3'"  1 
HETATM 485  C "C2'"  . 45A A 1 16 ? -3.377  17.933  1.087   1.00 10.59 ? 2662 45A A "C2'"  1 
HETATM 486  O "O3'"  . 45A A 1 16 ? -4.848  17.047  2.816   1.00 13.24 ? 2662 45A A "O3'"  1 
HETATM 487  C C6     . 45A A 1 16 ? 1.461   16.257  -1.085  1.00 11.12 ? 2662 45A A C6     1 
HETATM 488  C "C1'"  . 45A A 1 16 ? -2.081  18.651  1.151   1.00 9.75  ? 2662 45A A "C1'"  1 
HETATM 489  C C4     . 45A A 1 16 ? -0.374  17.598  -0.276  1.00 9.54  ? 2662 45A A C4     1 
HETATM 490  N N3     . 45A A 1 16 ? -0.708  18.013  -1.516  1.00 10.45 ? 2662 45A A N3     1 
HETATM 491  C C2     . 45A A 1 16 ? 0.136   17.451  -2.411  1.00 10.60 ? 2662 45A A C2     1 
HETATM 492  N N1     . 45A A 1 16 ? 1.148   16.608  -2.291  1.00 10.71 ? 2662 45A A N1     1 
HETATM 493  C C31    . 45A A 1 16 ? -1.862  17.213  7.406   1.00 12.42 ? 2662 45A A C31    1 
HETATM 494  O OP2    . 45A A 1 16 ? -0.077  15.973  5.767   1.00 10.92 ? 2662 45A A OP2    1 
HETATM 495  O "O5'"  . 45A A 1 16 ? -1.730  17.494  4.754   1.00 10.81 ? 2662 45A A "O5'"  1 
HETATM 496  C "C5'"  . 45A A 1 16 ? -2.714  18.520  4.670   1.00 11.79 ? 2662 45A A "C5'"  1 
HETATM 497  O "O2'"  . 45A A 1 16 ? -4.459  18.694  0.696   1.00 10.99 ? 2662 45A A "O2'"  1 
HETATM 498  N N9     . 45A A 1 16 ? -0.896  17.852  0.928   1.00 8.97  ? 2662 45A A N9     1 
HETATM 499  C C5     . 45A A 1 16 ? 0.710   16.701  -0.009  1.00 9.85  ? 2662 45A A C5     1 
HETATM 500  N N7     . 45A A 1 16 ? 0.747   16.447  1.435   1.00 10.35 ? 2662 45A A N7     1 
HETATM 501  C C8     . 45A A 1 16 ? -0.289  17.206  1.863   1.00 9.46  ? 2662 45A A C8     1 
HETATM 502  N N6     . 45A A 1 16 ? 2.541   15.390  -0.807  1.00 11.88 ? 2662 45A A N6     1 
HETATM 503  H "H4'"  . 45A A 1 16 ? -3.826  19.371  3.337   1.00 13.26 ? 2662 45A A "H4'"  1 
HETATM 504  H "H3'"  . 45A A 1 16 ? -2.949  16.743  2.623   1.00 14.05 ? 2662 45A A "H3'"  1 
HETATM 505  H "H2'"  . 45A A 1 16 ? -3.364  17.240  0.417   1.00 12.71 ? 2662 45A A "H2'"  1 
HETATM 506  H "H1'"  . 45A A 1 16 ? -2.097  19.455  0.415   1.00 11.70 ? 2662 45A A "H1'"  1 
HETATM 507  H H2     . 45A A 1 16 ? -0.059  17.721  -3.307  1.00 12.72 ? 2662 45A A H2     1 
HETATM 508  H H32    . 45A A 1 16 ? -2.590  16.586  7.310   1.00 14.90 ? 2662 45A A H32    1 
HETATM 509  H H33    . 45A A 1 16 ? -2.214  18.107  7.508   1.00 14.90 ? 2662 45A A H33    1 
HETATM 510  H H31    . 45A A 1 16 ? -1.346  17.003  8.179   1.00 14.90 ? 2662 45A A H31    1 
HETATM 511  H "H5'1" . 45A A 1 16 ? -3.485  18.224  5.178   1.00 14.15 ? 2662 45A A "H5'1" 1 
HETATM 512  H "H5'2" . 45A A 1 16 ? -2.355  19.326  5.048   1.00 14.15 ? 2662 45A A "H5'2" 1 
HETATM 513  H "HO2'" . 45A A 1 16 ? -4.839  18.281  0.072   1.00 13.19 ? 2662 45A A "HO2'" 1 
HETATM 514  H H8     . 45A A 1 16 ? -0.533  17.278  2.805   1.00 11.35 ? 2662 45A A H8     1 
HETATM 515  H H61    . 45A A 1 16 ? 2.696   15.132  0.015   1.00 14.25 ? 2662 45A A H61    1 
HETATM 516  H H62    . 45A A 1 16 ? 3.041   15.078  -1.485  1.00 14.25 ? 2662 45A A H62    1 
ATOM   517  P P      . G   A 1 17 ? -5.184  15.538  3.371   1.00 14.18 ? 2663 G   A P      1 
ATOM   518  O OP1    . G   A 1 17 ? -6.632  15.332  3.504   1.00 15.58 ? 2663 G   A OP1    1 
ATOM   519  O OP2    . G   A 1 17 ? -4.257  15.085  4.428   1.00 13.91 ? 2663 G   A OP2    1 
ATOM   520  O "O5'"  . G   A 1 17 ? -4.762  15.341  1.872   1.00 19.86 ? 2663 G   A "O5'"  1 
ATOM   521  C "C5'"  . G   A 1 17 ? -4.977  14.133  1.230   1.00 17.27 ? 2663 G   A "C5'"  1 
ATOM   522  C "C4'"  . G   A 1 17 ? -3.932  13.910  0.188   1.00 14.45 ? 2663 G   A "C4'"  1 
ATOM   523  O "O4'"  . G   A 1 17 ? -2.703  14.641  0.485   1.00 14.47 ? 2663 G   A "O4'"  1 
ATOM   524  C "C3'"  . G   A 1 17 ? -3.495  12.476  0.108   1.00 12.94 ? 2663 G   A "C3'"  1 
ATOM   525  O "O3'"  . G   A 1 17 ? -4.420  11.698  -0.609  1.00 12.01 ? 2663 G   A "O3'"  1 
ATOM   526  C "C2'"  . G   A 1 17 ? -2.135  12.591  -0.545  1.00 13.28 ? 2663 G   A "C2'"  1 
ATOM   527  O "O2'"  . G   A 1 17 ? -2.277  12.813  -1.939  1.00 13.54 ? 2663 G   A "O2'"  1 
ATOM   528  C "C1'"  . G   A 1 17 ? -1.586  13.845  0.156   1.00 14.06 ? 2663 G   A "C1'"  1 
ATOM   529  N N9     . G   A 1 17 ? -0.932  13.426  1.406   1.00 14.08 ? 2663 G   A N9     1 
ATOM   530  C C8     . G   A 1 17 ? -1.442  13.444  2.683   1.00 14.96 ? 2663 G   A C8     1 
ATOM   531  N N7     . G   A 1 17 ? -0.635  12.899  3.556   1.00 14.29 ? 2663 G   A N7     1 
ATOM   532  C C5     . G   A 1 17 ? 0.463   12.469  2.817   1.00 12.70 ? 2663 G   A C5     1 
ATOM   533  C C6     . G   A 1 17 ? 1.644   11.792  3.215   1.00 12.85 ? 2663 G   A C6     1 
ATOM   534  O O6     . G   A 1 17 ? 1.983   11.415  4.342   1.00 13.34 ? 2663 G   A O6     1 
ATOM   535  N N1     . G   A 1 17 ? 2.486   11.549  2.135   1.00 12.34 ? 2663 G   A N1     1 
ATOM   536  C C2     . G   A 1 17 ? 2.213   11.908  0.838   1.00 12.78 ? 2663 G   A C2     1 
ATOM   537  N N2     . G   A 1 17 ? 3.141   11.601  -0.070  1.00 13.69 ? 2663 G   A N2     1 
ATOM   538  N N3     . G   A 1 17 ? 1.109   12.530  0.458   1.00 13.22 ? 2663 G   A N3     1 
ATOM   539  C C4     . G   A 1 17 ? 0.278   12.774  1.488   1.00 13.43 ? 2663 G   A C4     1 
ATOM   540  H "H5'"  . G   A 1 17 ? -5.852  14.144  0.809   1.00 20.73 ? 2663 G   A "H5'"  1 
ATOM   541  H "H5''" . G   A 1 17 ? -4.942  13.413  1.879   1.00 20.73 ? 2663 G   A "H5''" 1 
ATOM   542  H "H4'"  . G   A 1 17 ? -4.272  14.191  -0.675  1.00 17.34 ? 2663 G   A "H4'"  1 
ATOM   543  H "H3'"  . G   A 1 17 ? -3.395  12.119  1.004   1.00 15.53 ? 2663 G   A "H3'"  1 
ATOM   544  H "H2'"  . G   A 1 17 ? -1.586  11.814  -0.360  1.00 15.94 ? 2663 G   A "H2'"  1 
ATOM   545  H "HO2'" . G   A 1 17 ? -2.513  12.096  -2.308  1.00 16.25 ? 2663 G   A "HO2'" 1 
ATOM   546  H "H1'"  . G   A 1 17 ? -0.970  14.326  -0.419  1.00 16.87 ? 2663 G   A "H1'"  1 
ATOM   547  H H8     . G   A 1 17 ? -2.269  13.807  2.903   1.00 17.96 ? 2663 G   A H8     1 
ATOM   548  H H1     . G   A 1 17 ? 3.235   11.157  2.294   1.00 14.80 ? 2663 G   A H1     1 
ATOM   549  H H21    . G   A 1 17 ? 3.861   11.196  0.170   1.00 16.42 ? 2663 G   A H21    1 
ATOM   550  H H22    . G   A 1 17 ? 3.019   11.807  -0.896  1.00 16.42 ? 2663 G   A H22    1 
ATOM   551  P P      . G   A 1 18 ? -4.807  10.243  -0.073  1.00 12.19 ? 2664 G   A P      1 
ATOM   552  O OP1    . G   A 1 18 ? -5.703  9.670   -1.106  1.00 13.18 ? 2664 G   A OP1    1 
ATOM   553  O OP2    . G   A 1 18 ? -5.231  10.303  1.342   1.00 13.54 ? 2664 G   A OP2    1 
ATOM   554  O "O5'"  . G   A 1 18 ? -3.412  9.480   -0.049  1.00 11.40 ? 2664 G   A "O5'"  1 
ATOM   555  C "C5'"  . G   A 1 18 ? -2.679  9.235   -1.236  1.00 11.26 ? 2664 G   A "C5'"  1 
ATOM   556  C "C4'"  . G   A 1 18 ? -1.319  8.677   -0.918  1.00 10.66 ? 2664 G   A "C4'"  1 
ATOM   557  O "O4'"  . G   A 1 18 ? -0.599  9.571   -0.024  1.00 10.46 ? 2664 G   A "O4'"  1 
ATOM   558  C "C3'"  . G   A 1 18 ? -1.319  7.364   -0.178  1.00 10.54 ? 2664 G   A "C3'"  1 
ATOM   559  O "O3'"  . G   A 1 18 ? -1.578  6.288   -1.044  1.00 10.39 ? 2664 G   A "O3'"  1 
ATOM   560  C "C2'"  . G   A 1 18 ? 0.070   7.360   0.439   1.00 10.29 ? 2664 G   A "C2'"  1 
ATOM   561  O "O2'"  . G   A 1 18 ? 1.067   7.153   -0.544  1.00 10.44 ? 2664 G   A "O2'"  1 
ATOM   562  C "C1'"  . G   A 1 18 ? 0.172   8.809   0.887   1.00 10.51 ? 2664 G   A "C1'"  1 
ATOM   563  N N9     . G   A 1 18 ? -0.380  8.998   2.240   1.00 10.50 ? 2664 G   A N9     1 
ATOM   564  C C8     . G   A 1 18 ? -1.603  9.538   2.547   1.00 11.10 ? 2664 G   A C8     1 
ATOM   565  N N7     . G   A 1 18 ? -1.830  9.568   3.831   1.00 11.92 ? 2664 G   A N7     1 
ATOM   566  C C5     . G   A 1 18 ? -0.692  9.000   4.398   1.00 11.42 ? 2664 G   A C5     1 
ATOM   567  C C6     . G   A 1 18 ? -0.369  8.767   5.758   1.00 12.97 ? 2664 G   A C6     1 
ATOM   568  O O6     . G   A 1 18 ? -1.043  9.009   6.767   1.00 14.29 ? 2664 G   A O6     1 
ATOM   569  N N1     . G   A 1 18 ? 0.877   8.169   5.892   1.00 11.76 ? 2664 G   A N1     1 
ATOM   570  C C2     . G   A 1 18 ? 1.709   7.844   4.854   1.00 11.23 ? 2664 G   A C2     1 
ATOM   571  N N2     . G   A 1 18 ? 2.864   7.269   5.215   1.00 11.99 ? 2664 G   A N2     1 
ATOM   572  N N3     . G   A 1 18 ? 1.431   8.054   3.576   1.00 10.64 ? 2664 G   A N3     1 
ATOM   573  C C4     . G   A 1 18 ? 0.215   8.635   3.429   1.00 10.63 ? 2664 G   A C4     1 
ATOM   574  H "H5'"  . G   A 1 18 ? -2.577  10.067  -1.726  1.00 13.51 ? 2664 G   A "H5'"  1 
ATOM   575  H "H5''" . G   A 1 18 ? -3.165  8.600   -1.784  1.00 13.51 ? 2664 G   A "H5''" 1 
ATOM   576  H "H4'"  . G   A 1 18 ? -0.815  8.577   -1.742  1.00 12.80 ? 2664 G   A "H4'"  1 
ATOM   577  H "H3'"  . G   A 1 18 ? -1.987  7.387   0.525   1.00 12.65 ? 2664 G   A "H3'"  1 
ATOM   578  H "H2'"  . G   A 1 18 ? 0.142   6.741   1.183   1.00 12.35 ? 2664 G   A "H2'"  1 
ATOM   579  H "HO2'" . G   A 1 18 ? 1.426   6.405   -0.415  1.00 12.53 ? 2664 G   A "HO2'" 1 
ATOM   580  H "H1'"  . G   A 1 18 ? 1.097   9.099   0.863   1.00 12.61 ? 2664 G   A "H1'"  1 
ATOM   581  H H8     . G   A 1 18 ? -2.197  9.863   1.911   1.00 13.32 ? 2664 G   A H8     1 
ATOM   582  H H1     . G   A 1 18 ? 1.146   7.990   6.689   1.00 14.11 ? 2664 G   A H1     1 
ATOM   583  H H21    . G   A 1 18 ? 3.037   7.136   6.047   1.00 14.38 ? 2664 G   A H21    1 
ATOM   584  H H22    . G   A 1 18 ? 3.433   7.032   4.615   1.00 14.38 ? 2664 G   A H22    1 
ATOM   585  P P      . A   A 1 19 ? -2.154  4.911   -0.473  1.00 10.69 ? 2665 A   A P      1 
ATOM   586  O OP1    . A   A 1 19 ? -2.643  4.128   -1.623  1.00 11.82 ? 2665 A   A OP1    1 
ATOM   587  O OP2    . A   A 1 19 ? -3.053  5.173   0.679   1.00 11.89 ? 2665 A   A OP2    1 
ATOM   588  O "O5'"  . A   A 1 19 ? -0.856  4.240   0.162   1.00 10.41 ? 2665 A   A "O5'"  1 
ATOM   589  C "C5'"  . A   A 1 19 ? -0.236  3.097   -0.408  1.00 10.43 ? 2665 A   A "C5'"  1 
ATOM   590  C "C4'"  . A   A 1 19 ? 0.691   3.444   -1.543  1.00 10.50 ? 2665 A   A "C4'"  1 
ATOM   591  O "O4'"  . A   A 1 19 ? 1.607   4.511   -1.161  1.00 10.78 ? 2665 A   A "O4'"  1 
ATOM   592  C "C3'"  . A   A 1 19 ? 1.614   2.321   -1.980  1.00 10.20 ? 2665 A   A "C3'"  1 
ATOM   593  O "O3'"  . A   A 1 19 ? 0.977   1.363   -2.806  1.00 10.33 ? 2665 A   A "O3'"  1 
ATOM   594  C "C2'"  . A   A 1 19 ? 2.737   3.082   -2.654  1.00 11.27 ? 2665 A   A "C2'"  1 
ATOM   595  O "O2'"  . A   A 1 19 ? 2.313   3.595   -3.906  1.00 12.95 ? 2665 A   A "O2'"  1 
ATOM   596  C "C1'"  . A   A 1 19 ? 2.898   4.233   -1.667  1.00 11.03 ? 2665 A   A "C1'"  1 
ATOM   597  N N9     . A   A 1 19 ? 3.727   3.779   -0.535  1.00 10.92 ? 2665 A   A N9     1 
ATOM   598  C C8     . A   A 1 19 ? 3.286   3.585   0.753   1.00 10.97 ? 2665 A   A C8     1 
ATOM   599  N N7     . A   A 1 19 ? 4.213   3.133   1.562   1.00 10.89 ? 2665 A   A N7     1 
ATOM   600  C C5     . A   A 1 19 ? 5.329   3.011   0.760   1.00 10.90 ? 2665 A   A C5     1 
ATOM   601  C C6     . A   A 1 19 ? 6.637   2.588   1.045   1.00 11.79 ? 2665 A   A C6     1 
ATOM   602  N N6     . A   A 1 19 ? 7.029   2.183   2.253   1.00 12.73 ? 2665 A   A N6     1 
ATOM   603  N N1     . A   A 1 19 ? 7.529   2.579   0.036   1.00 12.20 ? 2665 A   A N1     1 
ATOM   604  C C2     . A   A 1 19 ? 7.135   2.984   -1.175  1.00 12.54 ? 2665 A   A C2     1 
ATOM   605  N N3     . A   A 1 19 ? 5.933   3.398   -1.560  1.00 12.00 ? 2665 A   A N3     1 
ATOM   606  C C4     . A   A 1 19 ? 5.058   3.402   -0.534  1.00 11.22 ? 2665 A   A C4     1 
ATOM   607  H "H5'"  . A   A 1 19 ? -0.925  2.500   -0.737  1.00 12.51 ? 2665 A   A "H5'"  1 
ATOM   608  H "H5''" . A   A 1 19 ? 0.271   2.641   0.282   1.00 12.51 ? 2665 A   A "H5''" 1 
ATOM   609  H "H4'"  . A   A 1 19 ? 0.166   3.735   -2.304  1.00 12.60 ? 2665 A   A "H4'"  1 
ATOM   610  H "H3'"  . A   A 1 19 ? 1.963   1.875   -1.192  1.00 12.24 ? 2665 A   A "H3'"  1 
ATOM   611  H "H2'"  . A   A 1 19 ? 3.546   2.551   -2.727  1.00 13.52 ? 2665 A   A "H2'"  1 
ATOM   612  H "HO2'" . A   A 1 19 ? 2.237   4.430   -3.849  1.00 15.54 ? 2665 A   A "HO2'" 1 
ATOM   613  H "H1'"  . A   A 1 19 ? 3.283   5.013   -2.096  1.00 13.23 ? 2665 A   A "H1'"  1 
ATOM   614  H H8     . A   A 1 19 ? 2.412   3.754   1.022   1.00 13.16 ? 2665 A   A H8     1 
ATOM   615  H H61    . A   A 1 19 ? 7.840   1.922   2.376   1.00 15.28 ? 2665 A   A H61    1 
ATOM   616  H H62    . A   A 1 19 ? 6.472   2.182   2.908   1.00 15.28 ? 2665 A   A H62    1 
ATOM   617  H H2     . A   A 1 19 ? 7.784   2.956   -1.841  1.00 15.05 ? 2665 A   A H2     1 
ATOM   618  P P      . C   A 1 20 ? 1.436   -0.178  -2.753  1.00 10.12 ? 2666 C   A P      1 
ATOM   619  O OP1    . C   A 1 20 ? 0.391   -0.928  -3.477  1.00 11.45 ? 2666 C   A OP1    1 
ATOM   620  O OP2    . C   A 1 20 ? 1.777   -0.569  -1.363  1.00 10.61 ? 2666 C   A OP2    1 
ATOM   621  O "O5'"  . C   A 1 20 ? 2.792   -0.192  -3.571  1.00 10.50 ? 2666 C   A "O5'"  1 
ATOM   622  C "C5'"  . C   A 1 20 ? 2.852   0.326   -4.894  1.00 10.97 ? 2666 C   A "C5'"  1 
ATOM   623  C "C4'"  . C   A 1 20 ? 4.277   0.432   -5.357  1.00 11.81 ? 2666 C   A "C4'"  1 
ATOM   624  O "O4'"  . C   A 1 20 ? 5.043   1.208   -4.399  1.00 11.35 ? 2666 C   A "O4'"  1 
ATOM   625  C "C3'"  . C   A 1 20 ? 5.049   -0.873  -5.455  1.00 12.59 ? 2666 C   A "C3'"  1 
ATOM   626  O "O3'"  . C   A 1 20 ? 4.782   -1.559  -6.655  1.00 13.41 ? 2666 C   A "O3'"  1 
ATOM   627  C "C2'"  . C   A 1 20 ? 6.486   -0.403  -5.351  1.00 13.27 ? 2666 C   A "C2'"  1 
ATOM   628  O "O2'"  . C   A 1 20 ? 6.896   0.207   -6.568  1.00 15.23 ? 2666 C   A "O2'"  1 
ATOM   629  C "C1'"  . C   A 1 20 ? 6.354   0.688   -4.297  1.00 12.00 ? 2666 C   A "C1'"  1 
ATOM   630  N N1     . C   A 1 20 ? 6.577   0.188   -2.914  1.00 11.34 ? 2666 C   A N1     1 
ATOM   631  C C2     . C   A 1 20 ? 7.890   -0.118  -2.566  1.00 11.76 ? 2666 C   A C2     1 
ATOM   632  O O2     . C   A 1 20 ? 8.759   0.025   -3.436  1.00 12.93 ? 2666 C   A O2     1 
ATOM   633  N N3     . C   A 1 20 ? 8.164   -0.542  -1.315  1.00 11.60 ? 2666 C   A N3     1 
ATOM   634  C C4     . C   A 1 20 ? 7.181   -0.648  -0.421  1.00 11.42 ? 2666 C   A C4     1 
ATOM   635  N N4     . C   A 1 20 ? 7.501   -1.076  0.802   1.00 11.83 ? 2666 C   A N4     1 
ATOM   636  C C5     . C   A 1 20 ? 5.825   -0.338  -0.740  1.00 11.13 ? 2666 C   A C5     1 
ATOM   637  C C6     . C   A 1 20 ? 5.566   0.079   -1.991  1.00 10.89 ? 2666 C   A C6     1 
ATOM   638  H "H5'"  . C   A 1 20 ? 2.444   1.205   -4.912  1.00 13.17 ? 2666 C   A "H5'"  1 
ATOM   639  H "H5''" . C   A 1 20 ? 2.365   -0.264  -5.491  1.00 13.17 ? 2666 C   A "H5''" 1 
ATOM   640  H "H4'"  . C   A 1 20 ? 4.300   0.879   -6.218  1.00 14.17 ? 2666 C   A "H4'"  1 
ATOM   641  H "H3'"  . C   A 1 20 ? 4.833   -1.438  -4.698  1.00 15.11 ? 2666 C   A "H3'"  1 
ATOM   642  H "H2'"  . C   A 1 20 ? 7.085   -1.112  -5.068  1.00 15.93 ? 2666 C   A "H2'"  1 
ATOM   643  H "HO2'" . C   A 1 20 ? 6.977   1.034   -6.446  1.00 18.28 ? 2666 C   A "HO2'" 1 
ATOM   644  H "H1'"  . C   A 1 20 ? 6.992   1.393   -4.489  1.00 14.40 ? 2666 C   A "H1'"  1 
ATOM   645  H H41    . C   A 1 20 ? 6.891   -1.157  1.402   1.00 14.20 ? 2666 C   A H41    1 
ATOM   646  H H42    . C   A 1 20 ? 8.318   -1.270  0.989   1.00 14.20 ? 2666 C   A H42    1 
ATOM   647  H H5     . C   A 1 20 ? 5.148   -0.426  -0.109  1.00 13.36 ? 2666 C   A H5     1 
ATOM   648  H H6     . C   A 1 20 ? 4.695   0.299   -2.232  1.00 13.06 ? 2666 C   A H6     1 
ATOM   649  P P      . C   A 1 21 ? 4.383   -3.110  -6.638  1.00 14.85 ? 2667 C   A P      1 
ATOM   650  O OP1    . C   A 1 21 ? 4.081   -3.466  -8.041  1.00 16.84 ? 2667 C   A OP1    1 
ATOM   651  O OP2    . C   A 1 21 ? 3.367   -3.334  -5.586  1.00 14.39 ? 2667 C   A OP2    1 
ATOM   652  O "O5'"  . C   A 1 21 ? 5.701   -3.856  -6.157  1.00 15.41 ? 2667 C   A "O5'"  1 
ATOM   653  C "C5'"  . C   A 1 21 ? 6.873   -3.836  -6.952  1.00 16.41 ? 2667 C   A "C5'"  1 
ATOM   654  C "C4'"  . C   A 1 21 ? 8.068   -4.217  -6.130  1.00 16.96 ? 2667 C   A "C4'"  1 
ATOM   655  O "O4'"  . C   A 1 21 ? 8.204   -3.294  -5.023  1.00 16.66 ? 2667 C   A "O4'"  1 
ATOM   656  C "C3'"  . C   A 1 21 ? 7.991   -5.571  -5.458  1.00 16.41 ? 2667 C   A "C3'"  1 
ATOM   657  O "O3'"  . C   A 1 21 ? 8.326   -6.618  -6.339  1.00 16.48 ? 2667 C   A "O3'"  1 
ATOM   658  C "C2'"  . C   A 1 21 ? 8.973   -5.416  -4.314  1.00 16.70 ? 2667 C   A "C2'"  1 
ATOM   659  O "O2'"  . C   A 1 21 ? 10.310  -5.511  -4.781  1.00 18.54 ? 2667 C   A "O2'"  1 
ATOM   660  C "C1'"  . C   A 1 21 ? 8.698   -3.977  -3.894  1.00 15.91 ? 2667 C   A "C1'"  1 
ATOM   661  N N1     . C   A 1 21 ? 7.695   -3.913  -2.812  1.00 14.42 ? 2667 C   A N1     1 
ATOM   662  C C2     . C   A 1 21 ? 8.140   -4.263  -1.546  1.00 15.16 ? 2667 C   A C2     1 
ATOM   663  O O2     . C   A 1 21 ? 9.332   -4.590  -1.424  1.00 17.41 ? 2667 C   A O2     1 
ATOM   664  N N3     . C   A 1 21 ? 7.275   -4.230  -0.517  1.00 13.67 ? 2667 C   A N3     1 
ATOM   665  C C4     . C   A 1 21 ? 6.009   -3.856  -0.714  1.00 12.36 ? 2667 C   A C4     1 
ATOM   666  N N4     . C   A 1 21 ? 5.187   -3.834  0.332   1.00 12.99 ? 2667 C   A N4     1 
ATOM   667  C C5     . C   A 1 21 ? 5.522   -3.495  -2.007  1.00 12.40 ? 2667 C   A C5     1 
ATOM   668  C C6     . C   A 1 21 ? 6.396   -3.544  -3.027  1.00 12.91 ? 2667 C   A C6     1 
ATOM   669  H "H5'"  . C   A 1 21 ? 7.002   -2.944  -7.312  1.00 19.69 ? 2667 C   A "H5'"  1 
ATOM   670  H "H5''" . C   A 1 21 ? 6.774   -4.464  -7.685  1.00 19.69 ? 2667 C   A "H5''" 1 
ATOM   671  H "H4'"  . C   A 1 21 ? 8.865   -4.177  -6.683  1.00 20.35 ? 2667 C   A "H4'"  1 
ATOM   672  H "H3'"  . C   A 1 21 ? 7.098   -5.712  -5.106  1.00 19.69 ? 2667 C   A "H3'"  1 
ATOM   673  H "H2'"  . C   A 1 21 ? 8.792   -6.042  -3.595  1.00 20.04 ? 2667 C   A "H2'"  1 
ATOM   674  H "HO2'" . C   A 1 21 ? 10.673  -4.756  -4.729  1.00 22.24 ? 2667 C   A "HO2'" 1 
ATOM   675  H "H1'"  . C   A 1 21 ? 9.524   -3.561  -3.598  1.00 19.09 ? 2667 C   A "H1'"  1 
ATOM   676  H H41    . C   A 1 21 ? 4.367   -3.598  0.229   1.00 15.59 ? 2667 C   A H41    1 
ATOM   677  H H42    . C   A 1 21 ? 5.476   -4.057  1.111   1.00 15.59 ? 2667 C   A H42    1 
ATOM   678  H H5     . C   A 1 21 ? 4.636   -3.243  -2.138  1.00 14.88 ? 2667 C   A H5     1 
ATOM   679  H H6     . C   A 1 21 ? 6.117   -3.309  -3.883  1.00 15.49 ? 2667 C   A H6     1 
ATOM   680  P P      . G   A 1 22 ? 7.467   -7.971  -6.360  1.00 15.97 ? 2668 G   A P      1 
ATOM   681  O OP1    . G   A 1 22 ? 8.175   -8.900  -7.275  1.00 17.18 ? 2668 G   A OP1    1 
ATOM   682  O OP2    . G   A 1 22 ? 6.046   -7.624  -6.600  1.00 17.71 ? 2668 G   A OP2    1 
ATOM   683  O "O5'"  . G   A 1 22 ? 7.548   -8.520  -4.875  1.00 14.48 ? 2668 G   A "O5'"  1 
ATOM   684  C "C5'"  . G   A 1 22 ? 8.754   -9.049  -4.369  1.00 13.97 ? 2668 G   A "C5'"  1 
ATOM   685  C "C4'"  . G   A 1 22 ? 8.619   -9.342  -2.906  1.00 12.90 ? 2668 G   A "C4'"  1 
ATOM   686  O "O4'"  . G   A 1 22 ? 8.378   -8.103  -2.181  1.00 12.06 ? 2668 G   A "O4'"  1 
ATOM   687  C "C3'"  . G   A 1 22 ? 7.447   -10.221 -2.486  1.00 12.93 ? 2668 G   A "C3'"  1 
ATOM   688  O "O3'"  . G   A 1 22 ? 7.605   -11.610 -2.778  1.00 14.85 ? 2668 G   A "O3'"  1 
ATOM   689  C "C2'"  . G   A 1 22 ? 7.353   -9.887  -1.009  1.00 12.45 ? 2668 G   A "C2'"  1 
ATOM   690  O "O2'"  . G   A 1 22 ? 8.428   -10.469 -0.286  1.00 14.81 ? 2668 G   A "O2'"  1 
ATOM   691  C "C1'"  . G   A 1 22 ? 7.559   -8.375  -1.058  1.00 11.29 ? 2668 G   A "C1'"  1 
ATOM   692  N N9     . G   A 1 22 ? 6.270   -7.700  -1.255  1.00 10.14 ? 2668 G   A N9     1 
ATOM   693  C C8     . G   A 1 22 ? 5.807   -7.147  -2.421  1.00 10.64 ? 2668 G   A C8     1 
ATOM   694  N N7     . G   A 1 22 ? 4.612   -6.641  -2.287  1.00 10.27 ? 2668 G   A N7     1 
ATOM   695  C C5     . G   A 1 22 ? 4.260   -6.874  -0.970  1.00 9.63  ? 2668 G   A C5     1 
ATOM   696  C C6     . G   A 1 22 ? 3.088   -6.536  -0.254  1.00 9.40  ? 2668 G   A C6     1 
ATOM   697  O O6     . G   A 1 22 ? 2.089   -5.948  -0.681  1.00 9.76  ? 2668 G   A O6     1 
ATOM   698  N N1     . G   A 1 22 ? 3.133   -6.975  1.065   1.00 9.04  ? 2668 G   A N1     1 
ATOM   699  C C2     . G   A 1 22 ? 4.199   -7.630  1.622   1.00 8.87  ? 2668 G   A C2     1 
ATOM   700  N N2     . G   A 1 22 ? 4.065   -7.980  2.912   1.00 9.95  ? 2668 G   A N2     1 
ATOM   701  N N3     . G   A 1 22 ? 5.307   -7.932  0.964   1.00 9.34  ? 2668 G   A N3     1 
ATOM   702  C C4     . G   A 1 22 ? 5.273   -7.534  -0.327  1.00 9.90  ? 2668 G   A C4     1 
ATOM   703  H "H5'"  . G   A 1 22 ? 9.467   -8.406  -4.503  1.00 16.76 ? 2668 G   A "H5'"  1 
ATOM   704  H "H5''" . G   A 1 22 ? 8.967   -9.869  -4.842  1.00 16.76 ? 2668 G   A "H5''" 1 
ATOM   705  H "H4'"  . G   A 1 22 ? 9.444   -9.740  -2.585  1.00 15.48 ? 2668 G   A "H4'"  1 
ATOM   706  H "H3'"  . G   A 1 22 ? 6.646   -9.901  -2.928  1.00 15.52 ? 2668 G   A "H3'"  1 
ATOM   707  H "H2'"  . G   A 1 22 ? 6.490   -10.123 -0.637  1.00 14.94 ? 2668 G   A "H2'"  1 
ATOM   708  H "HO2'" . G   A 1 22 ? 8.350   -10.270 0.527   1.00 17.77 ? 2668 G   A "HO2'" 1 
ATOM   709  H "H1'"  . G   A 1 22 ? 7.985   -8.063  -0.245  1.00 13.55 ? 2668 G   A "H1'"  1 
ATOM   710  H H8     . G   A 1 22 ? 6.293   -7.125  -3.214  1.00 12.77 ? 2668 G   A H8     1 
ATOM   711  H H1     . G   A 1 22 ? 2.455   -6.808  1.567   1.00 10.85 ? 2668 G   A H1     1 
ATOM   712  H H21    . G   A 1 22 ? 3.345   -7.782  3.339   1.00 11.94 ? 2668 G   A H21    1 
ATOM   713  H H22    . G   A 1 22 ? 4.700   -8.401  3.311   1.00 11.94 ? 2668 G   A H22    1 
ATOM   714  P P      . G   A 1 23 ? 6.325   -12.534 -3.143  1.00 15.08 ? 2669 G   A P      1 
ATOM   715  O OP1    . G   A 1 23 ? 6.894   -13.865 -3.478  1.00 16.28 ? 2669 G   A OP1    1 
ATOM   716  O OP2    . G   A 1 23 ? 5.438   -11.839 -4.116  1.00 15.55 ? 2669 G   A OP2    1 
ATOM   717  O "O5'"  . G   A 1 23 ? 5.530   -12.680 -1.787  1.00 14.78 ? 2669 G   A "O5'"  1 
ATOM   718  C "C5'"  . G   A 1 23 ? 6.157   -13.209 -0.643  1.00 14.46 ? 2669 G   A "C5'"  1 
ATOM   719  C "C4'"  . G   A 1 23 ? 5.321   -12.938 0.566   1.00 13.09 ? 2669 G   A "C4'"  1 
ATOM   720  O "O4'"  . G   A 1 23 ? 5.083   -11.513 0.692   1.00 11.84 ? 2669 G   A "O4'"  1 
ATOM   721  C "C3'"  . G   A 1 23 ? 3.922   -13.524 0.550   1.00 12.96 ? 2669 G   A "C3'"  1 
ATOM   722  O "O3'"  . G   A 1 23 ? 3.924   -14.902 0.848   1.00 14.61 ? 2669 G   A "O3'"  1 
ATOM   723  C "C2'"  . G   A 1 23 ? 3.214   -12.652 1.572   1.00 11.88 ? 2669 G   A "C2'"  1 
ATOM   724  O "O2'"  . G   A 1 23 ? 3.647   -12.948 2.893   1.00 12.36 ? 2669 G   A "O2'"  1 
ATOM   725  C "C1'"  . G   A 1 23 ? 3.797   -11.295 1.228   1.00 11.26 ? 2669 G   A "C1'"  1 
ATOM   726  N N9     . G   A 1 23 ? 2.989   -10.548 0.253   1.00 10.81 ? 2669 G   A N9     1 
ATOM   727  C C8     . G   A 1 23 ? 3.327   -10.194 -1.034  1.00 11.66 ? 2669 G   A C8     1 
ATOM   728  N N7     . G   A 1 23 ? 2.381   -9.493  -1.613  1.00 10.94 ? 2669 G   A N7     1 
ATOM   729  C C5     . G   A 1 23 ? 1.380   -9.375  -0.658  1.00 10.23 ? 2669 G   A C5     1 
ATOM   730  C C6     . G   A 1 23 ? 0.119   -8.713  -0.680  1.00 9.77  ? 2669 G   A C6     1 
ATOM   731  O O6     . G   A 1 23 ? -0.378  -8.047  -1.603  1.00 10.62 ? 2669 G   A O6     1 
ATOM   732  N N1     . G   A 1 23 ? -0.580  -8.852  0.518   1.00 9.31  ? 2669 G   A N1     1 
ATOM   733  C C2     . G   A 1 23 ? -0.123  -9.534  1.618   1.00 9.62  ? 2669 G   A C2     1 
ATOM   734  N N2     . G   A 1 23 ? -0.961  -9.571  2.672   1.00 9.81  ? 2669 G   A N2     1 
ATOM   735  N N3     . G   A 1 23 ? 1.057   -10.144 1.652   1.00 9.46  ? 2669 G   A N3     1 
ATOM   736  C C4     . G   A 1 23 ? 1.749   -10.022 0.498   1.00 9.76  ? 2669 G   A C4     1 
ATOM   737  H "H5'"  . G   A 1 23 ? 7.027   -12.797 -0.531  1.00 17.36 ? 2669 G   A "H5'"  1 
ATOM   738  H "H5''" . G   A 1 23 ? 6.267   -14.167 -0.749  1.00 17.36 ? 2669 G   A "H5''" 1 
ATOM   739  H "H4'"  . G   A 1 23 ? 5.789   -13.254 1.355   1.00 15.70 ? 2669 G   A "H4'"  1 
ATOM   740  H "H3'"  . G   A 1 23 ? 3.525   -13.384 -0.324  1.00 15.55 ? 2669 G   A "H3'"  1 
ATOM   741  H "H2'"  . G   A 1 23 ? 2.249   -12.675 1.479   1.00 14.25 ? 2669 G   A "H2'"  1 
ATOM   742  H "HO2'" . G   A 1 23 ? 4.396   -12.590 3.023   1.00 14.83 ? 2669 G   A "HO2'" 1 
ATOM   743  H "H1'"  . G   A 1 23 ? 3.877   -10.770 2.040   1.00 13.51 ? 2669 G   A "H1'"  1 
ATOM   744  H H8     . G   A 1 23 ? 4.134   -10.418 -1.440  1.00 14.00 ? 2669 G   A H8     1 
ATOM   745  H H1     . G   A 1 23 ? -1.358  -8.489  0.571   1.00 11.17 ? 2669 G   A H1     1 
ATOM   746  H H21    . G   A 1 23 ? -1.720  -9.169  2.631   1.00 11.77 ? 2669 G   A H21    1 
ATOM   747  H H22    . G   A 1 23 ? -0.735  -9.993  3.386   1.00 11.77 ? 2669 G   A H22    1 
ATOM   748  P P      . A   A 1 24 ? 2.931   -15.907 0.086   1.00 16.54 ? 2670 A   A P      1 
ATOM   749  O OP1    . A   A 1 24 ? 3.428   -17.270 0.387   1.00 18.65 ? 2670 A   A OP1    1 
ATOM   750  O OP2    . A   A 1 24 ? 2.702   -15.469 -1.317  1.00 17.99 ? 2670 A   A OP2    1 
ATOM   751  O "O5'"  . A   A 1 24 ? 1.559   -15.739 0.854   1.00 16.04 ? 2670 A   A "O5'"  1 
ATOM   752  C "C5'"  . A   A 1 24 ? 1.444   -16.157 2.199   1.00 15.40 ? 2670 A   A "C5'"  1 
ATOM   753  C "C4'"  . A   A 1 24 ? 0.132   -15.724 2.782   1.00 14.45 ? 2670 A   A "C4'"  1 
ATOM   754  O "O4'"  . A   A 1 24 ? 0.083   -14.274 2.861   1.00 13.43 ? 2670 A   A "O4'"  1 
ATOM   755  C "C3'"  . A   A 1 24 ? -1.104  -16.067 1.974   1.00 15.30 ? 2670 A   A "C3'"  1 
ATOM   756  O "O3'"  . A   A 1 24 ? -1.500  -17.416 2.097   1.00 17.79 ? 2670 A   A "O3'"  1 
ATOM   757  C "C2'"  . A   A 1 24 ? -2.107  -15.079 2.528   1.00 14.29 ? 2670 A   A "C2'"  1 
ATOM   758  O "O2'"  . A   A 1 24 ? -2.481  -15.444 3.849   1.00 15.46 ? 2670 A   A "O2'"  1 
ATOM   759  C "C1'"  . A   A 1 24 ? -1.237  -13.836 2.601   1.00 12.92 ? 2670 A   A "C1'"  1 
ATOM   760  N N9     . A   A 1 24 ? -1.250  -13.105 1.318   1.00 11.90 ? 2670 A   A N9     1 
ATOM   761  C C8     . A   A 1 24 ? -0.304  -13.104 0.322   1.00 12.42 ? 2670 A   A C8     1 
ATOM   762  N N7     . A   A 1 24 ? -0.609  -12.353 -0.708  1.00 11.86 ? 2670 A   A N7     1 
ATOM   763  C C5     . A   A 1 24 ? -1.840  -11.816 -0.355  1.00 11.35 ? 2670 A   A C5     1 
ATOM   764  C C6     . A   A 1 24 ? -2.707  -10.923 -1.012  1.00 11.30 ? 2670 A   A C6     1 
ATOM   765  N N6     . A   A 1 24 ? -2.445  -10.393 -2.207  1.00 11.72 ? 2670 A   A N6     1 
ATOM   766  N N1     . A   A 1 24 ? -3.866  -10.594 -0.395  1.00 11.55 ? 2670 A   A N1     1 
ATOM   767  C C2     . A   A 1 24 ? -4.133  -11.128 0.801   1.00 11.72 ? 2670 A   A C2     1 
ATOM   768  N N3     . A   A 1 24 ? -3.392  -11.971 1.521   1.00 12.07 ? 2670 A   A N3     1 
ATOM   769  C C4     . A   A 1 24 ? -2.249  -12.272 0.883   1.00 11.54 ? 2670 A   A C4     1 
ATOM   770  H "H5'"  . A   A 1 24 ? 2.165   -15.768 2.716   1.00 18.48 ? 2670 A   A "H5'"  1 
ATOM   771  H "H5''" . A   A 1 24 ? 1.506   -17.124 2.239   1.00 18.48 ? 2670 A   A "H5''" 1 
ATOM   772  H "H4'"  . A   A 1 24 ? 0.042   -16.095 3.674   1.00 17.35 ? 2670 A   A "H4'"  1 
ATOM   773  H "H3'"  . A   A 1 24 ? -0.941  -15.866 1.039   1.00 18.36 ? 2670 A   A "H3'"  1 
ATOM   774  H "H2'"  . A   A 1 24 ? -2.870  -14.960 1.942   1.00 17.15 ? 2670 A   A "H2'"  1 
ATOM   775  H "HO2'" . A   A 1 24 ? -2.962  -16.131 3.818   1.00 18.56 ? 2670 A   A "HO2'" 1 
ATOM   776  H "H1'"  . A   A 1 24 ? -1.543  -13.256 3.317   1.00 15.50 ? 2670 A   A "H1'"  1 
ATOM   777  H H8     . A   A 1 24 ? 0.484   -13.595 0.373   1.00 14.90 ? 2670 A   A H8     1 
ATOM   778  H H61    . A   A 1 24 ? -3.007  -9.853  -2.570  1.00 14.07 ? 2670 A   A H61    1 
ATOM   779  H H62    . A   A 1 24 ? -1.713  -10.592 -2.614  1.00 14.07 ? 2670 A   A H62    1 
ATOM   780  H H2     . A   A 1 24 ? -4.937  -10.865 1.190   1.00 14.06 ? 2670 A   A H2     1 
ATOM   781  P P      . G   A 1 25 ? -2.245  -18.169 0.877   1.00 20.18 ? 2671 G   A P      1 
ATOM   782  O OP1    . G   A 1 25 ? -2.434  -19.583 1.280   1.00 21.44 ? 2671 G   A OP1    1 
ATOM   783  O OP2    . G   A 1 25 ? -1.541  -17.864 -0.389  1.00 21.16 ? 2671 G   A OP2    1 
ATOM   784  O "O5'"  . G   A 1 25 ? -3.669  -17.463 0.769   1.00 20.48 ? 2671 G   A "O5'"  1 
ATOM   785  C "C5'"  . G   A 1 25 ? -4.611  -17.569 1.817   1.00 20.40 ? 2671 G   A "C5'"  1 
ATOM   786  C "C4'"  . G   A 1 25 ? -5.743  -16.594 1.641   1.00 19.85 ? 2671 G   A "C4'"  1 
ATOM   787  O "O4'"  . G   A 1 25 ? -5.224  -15.253 1.463   1.00 19.02 ? 2671 G   A "O4'"  1 
ATOM   788  C "C3'"  . G   A 1 25 ? -6.641  -16.786 0.433   1.00 20.34 ? 2671 G   A "C3'"  1 
ATOM   789  O "O3'"  . G   A 1 25 ? -7.582  -17.822 0.619   1.00 22.03 ? 2671 G   A "O3'"  1 
ATOM   790  C "C2'"  . G   A 1 25 ? -7.280  -15.417 0.314   1.00 20.02 ? 2671 G   A "C2'"  1 
ATOM   791  O "O2'"  . G   A 1 25 ? -8.255  -15.258 1.337   1.00 21.02 ? 2671 G   A "O2'"  1 
ATOM   792  C "C1'"  . G   A 1 25 ? -6.094  -14.516 0.632   1.00 18.25 ? 2671 G   A "C1'"  1 
ATOM   793  N N9     . G   A 1 25 ? -5.370  -14.093 -0.582  1.00 16.33 ? 2671 G   A N9     1 
ATOM   794  C C8     . G   A 1 25 ? -4.163  -14.535 -1.068  1.00 16.38 ? 2671 G   A C8     1 
ATOM   795  N N7     . G   A 1 25 ? -3.812  -13.939 -2.178  1.00 15.82 ? 2671 G   A N7     1 
ATOM   796  C C5     . G   A 1 25 ? -4.847  -13.051 -2.432  1.00 15.38 ? 2671 G   A C5     1 
ATOM   797  C C6     . G   A 1 25 ? -5.029  -12.118 -3.477  1.00 15.48 ? 2671 G   A C6     1 
ATOM   798  O O6     . G   A 1 25 ? -4.297  -11.874 -4.439  1.00 16.24 ? 2671 G   A O6     1 
ATOM   799  N N1     . G   A 1 25 ? -6.223  -11.421 -3.346  1.00 14.97 ? 2671 G   A N1     1 
ATOM   800  C C2     . G   A 1 25 ? -7.131  -11.598 -2.333  1.00 14.88 ? 2671 G   A C2     1 
ATOM   801  N N2     . G   A 1 25 ? -8.234  -10.841 -2.370  1.00 15.50 ? 2671 G   A N2     1 
ATOM   802  N N3     . G   A 1 25 ? -6.966  -12.461 -1.344  1.00 15.57 ? 2671 G   A N3     1 
ATOM   803  C C4     . G   A 1 25 ? -5.812  -13.139 -1.456  1.00 15.43 ? 2671 G   A C4     1 
ATOM   804  H "H5'"  . G   A 1 25 ? -4.168  -17.390 2.661   1.00 24.48 ? 2671 G   A "H5'"  1 
ATOM   805  H "H5''" . G   A 1 25 ? -4.969  -18.470 1.831   1.00 24.48 ? 2671 G   A "H5''" 1 
ATOM   806  H "H4'"  . G   A 1 25 ? -6.291  -16.609 2.440   1.00 23.81 ? 2671 G   A "H4'"  1 
ATOM   807  H "H3'"  . G   A 1 25 ? -6.101  -16.965 -0.353  1.00 24.40 ? 2671 G   A "H3'"  1 
ATOM   808  H "H2'"  . G   A 1 25 ? -7.638  -15.254 -0.573  1.00 24.03 ? 2671 G   A "H2'"  1 
ATOM   809  H "HO2'" . G   A 1 25 ? -7.874  -14.999 2.039   1.00 25.22 ? 2671 G   A "HO2'" 1 
ATOM   810  H "H1'"  . G   A 1 25 ? -6.407  -13.731 1.110   1.00 21.90 ? 2671 G   A "H1'"  1 
ATOM   811  H H8     . G   A 1 25 ? -3.648  -15.188 -0.652  1.00 19.66 ? 2671 G   A H8     1 
ATOM   812  H H1     . G   A 1 25 ? -6.413  -10.844 -3.954  1.00 17.97 ? 2671 G   A H1     1 
ATOM   813  H H21    . G   A 1 25 ? -8.348  -10.277 -3.008  1.00 18.60 ? 2671 G   A H21    1 
ATOM   814  H H22    . G   A 1 25 ? -8.829  -10.918 -1.754  1.00 18.60 ? 2671 G   A H22    1 
ATOM   815  P P      . U   A 1 26 ? -8.079  -18.718 -0.619  1.00 23.20 ? 2672 U   A P      1 
ATOM   816  O OP1    . U   A 1 26 ? -8.975  -19.749 -0.053  1.00 25.03 ? 2672 U   A OP1    1 
ATOM   817  O OP2    . U   A 1 26 ? -6.917  -19.132 -1.433  1.00 22.56 ? 2672 U   A OP2    1 
ATOM   818  O "O5'"  . U   A 1 26 ? -8.952  -17.734 -1.508  1.00 23.76 ? 2672 U   A "O5'"  1 
ATOM   819  C "C5'"  . U   A 1 26 ? -10.125 -17.127 -0.998  1.00 24.48 ? 2672 U   A "C5'"  1 
ATOM   820  C "C4'"  . U   A 1 26 ? -10.594 -16.040 -1.922  1.00 23.56 ? 2672 U   A "C4'"  1 
ATOM   821  O "O4'"  . U   A 1 26 ? -9.609  -14.974 -1.965  1.00 22.07 ? 2672 U   A "O4'"  1 
ATOM   822  C "C3'"  . U   A 1 26 ? -10.744 -16.432 -3.381  1.00 22.69 ? 2672 U   A "C3'"  1 
ATOM   823  O "O3'"  . U   A 1 26 ? -11.921 -17.159 -3.654  1.00 23.51 ? 2672 U   A "O3'"  1 
ATOM   824  C "C2'"  . U   A 1 26 ? -10.675 -15.086 -4.078  1.00 21.32 ? 2672 U   A "C2'"  1 
ATOM   825  O "O2'"  . U   A 1 26 ? -11.881 -14.357 -3.903  1.00 21.80 ? 2672 U   A "O2'"  1 
ATOM   826  C "C1'"  . U   A 1 26 ? -9.583  -14.407 -3.262  1.00 20.33 ? 2672 U   A "C1'"  1 
ATOM   827  N N1     . U   A 1 26 ? -8.241  -14.624 -3.849  1.00 17.94 ? 2672 U   A N1     1 
ATOM   828  C C2     . U   A 1 26 ? -7.907  -13.783 -4.887  1.00 17.83 ? 2672 U   A C2     1 
ATOM   829  O O2     . U   A 1 26 ? -8.661  -12.925 -5.287  1.00 18.13 ? 2672 U   A O2     1 
ATOM   830  N N3     . U   A 1 26 ? -6.662  -13.976 -5.420  1.00 17.75 ? 2672 U   A N3     1 
ATOM   831  C C4     . U   A 1 26 ? -5.746  -14.929 -5.035  1.00 17.69 ? 2672 U   A C4     1 
ATOM   832  O O4     . U   A 1 26 ? -4.666  -14.979 -5.626  1.00 18.82 ? 2672 U   A O4     1 
ATOM   833  C C5     . U   A 1 26 ? -6.162  -15.785 -3.958  1.00 17.41 ? 2672 U   A C5     1 
ATOM   834  C C6     . U   A 1 26 ? -7.372  -15.599 -3.414  1.00 18.30 ? 2672 U   A C6     1 
ATOM   835  H "H5'"  . U   A 1 26 ? -9.936  -16.748 -0.126  1.00 29.38 ? 2672 U   A "H5'"  1 
ATOM   836  H "H5''" . U   A 1 26 ? -10.821 -17.797 -0.913  1.00 29.38 ? 2672 U   A "H5''" 1 
ATOM   837  H "H4'"  . U   A 1 26 ? -11.436 -15.684 -1.597  1.00 28.28 ? 2672 U   A "H4'"  1 
ATOM   838  H "H3'"  . U   A 1 26 ? -9.978  -16.963 -3.645  1.00 27.23 ? 2672 U   A "H3'"  1 
ATOM   839  H "H2'"  . U   A 1 26 ? -10.429 -15.172 -5.013  1.00 25.59 ? 2672 U   A "H2'"  1 
ATOM   840  H "HO2'" . U   A 1 26 ? -12.490 -14.725 -4.349  1.00 26.16 ? 2672 U   A "HO2'" 1 
ATOM   841  H "H1'"  . U   A 1 26 ? -9.762  -13.455 -3.205  1.00 24.40 ? 2672 U   A "H1'"  1 
ATOM   842  H H3     . U   A 1 26 ? -6.436  -13.462 -6.071  1.00 21.30 ? 2672 U   A H3     1 
ATOM   843  H H5     . U   A 1 26 ? -5.595  -16.446 -3.633  1.00 20.89 ? 2672 U   A H5     1 
ATOM   844  H H6     . U   A 1 26 ? -7.635  -16.149 -2.712  1.00 21.96 ? 2672 U   A H6     1 
ATOM   845  P P      . G   A 1 27 ? -11.973 -18.131 -4.934  1.00 24.43 ? 2673 G   A P      1 
ATOM   846  O OP1    . G   A 1 27 ? -13.239 -18.896 -4.865  1.00 26.07 ? 2673 G   A OP1    1 
ATOM   847  O OP2    . G   A 1 27 ? -10.700 -18.881 -5.045  1.00 25.83 ? 2673 G   A OP2    1 
ATOM   848  O "O5'"  . G   A 1 27 ? -12.032 -17.139 -6.169  1.00 21.67 ? 2673 G   A "O5'"  1 
ATOM   849  C "C5'"  . G   A 1 27 ? -13.207 -16.402 -6.431  1.00 19.07 ? 2673 G   A "C5'"  1 
ATOM   850  C "C4'"  . G   A 1 27 ? -13.008 -15.461 -7.583  1.00 17.39 ? 2673 G   A "C4'"  1 
ATOM   851  O "O4'"  . G   A 1 27 ? -11.921 -14.544 -7.285  1.00 15.60 ? 2673 G   A "O4'"  1 
ATOM   852  C "C3'"  . G   A 1 27 ? -12.593 -16.080 -8.907  1.00 17.39 ? 2673 G   A "C3'"  1 
ATOM   853  O "O3'"  . G   A 1 27 ? -13.656 -16.701 -9.606  1.00 19.23 ? 2673 G   A "O3'"  1 
ATOM   854  C "C2'"  . G   A 1 27 ? -12.004 -14.886 -9.634  1.00 17.11 ? 2673 G   A "C2'"  1 
ATOM   855  O "O2'"  . G   A 1 27 ? -13.046 -14.052 -10.135 1.00 18.74 ? 2673 G   A "O2'"  1 
ATOM   856  C "C1'"  . G   A 1 27 ? -11.277 -14.174 -8.486  1.00 15.18 ? 2673 G   A "C1'"  1 
ATOM   857  N N9     . G   A 1 27 ? -9.866  -14.586 -8.422  1.00 13.23 ? 2673 G   A N9     1 
ATOM   858  C C8     . G   A 1 27 ? -9.263  -15.554 -7.646  1.00 13.14 ? 2673 G   A C8     1 
ATOM   859  N N7     . G   A 1 27 ? -7.982  -15.667 -7.895  1.00 12.74 ? 2673 G   A N7     1 
ATOM   860  C C5     . G   A 1 27 ? -7.747  -14.720 -8.885  1.00 12.08 ? 2673 G   A C5     1 
ATOM   861  C C6     . G   A 1 27 ? -6.565  -14.365 -9.583  1.00 12.56 ? 2673 G   A C6     1 
ATOM   862  O O6     . G   A 1 27 ? -5.439  -14.834 -9.459  1.00 13.31 ? 2673 G   A O6     1 
ATOM   863  N N1     . G   A 1 27 ? -6.791  -13.363 -10.524 1.00 12.84 ? 2673 G   A N1     1 
ATOM   864  C C2     . G   A 1 27 ? -8.000  -12.773 -10.772 1.00 12.97 ? 2673 G   A C2     1 
ATOM   865  N N2     . G   A 1 27 ? -8.005  -11.835 -11.726 1.00 13.87 ? 2673 G   A N2     1 
ATOM   866  N N3     . G   A 1 27 ? -9.107  -13.091 -10.135 1.00 12.64 ? 2673 G   A N3     1 
ATOM   867  C C4     . G   A 1 27 ? -8.899  -14.063 -9.224  1.00 12.90 ? 2673 G   A C4     1 
ATOM   868  H "H5'"  . G   A 1 27 ? -13.446 -15.892 -5.641  1.00 22.88 ? 2673 G   A "H5'"  1 
ATOM   869  H "H5''" . G   A 1 27 ? -13.928 -17.016 -6.643  1.00 22.88 ? 2673 G   A "H5''" 1 
ATOM   870  H "H4'"  . G   A 1 27 ? -13.822 -14.950 -7.717  1.00 20.87 ? 2673 G   A "H4'"  1 
ATOM   871  H "H3'"  . G   A 1 27 ? -11.893 -16.733 -8.748  1.00 20.87 ? 2673 G   A "H3'"  1 
ATOM   872  H "HO3'" . G   A 1 27 ? -13.868 -16.433 -10.374 1.00 23.08 ? 2673 G   A "HO3'" 1 
ATOM   873  H "H2'"  . G   A 1 27 ? -11.390 -15.158 -10.332 1.00 20.53 ? 2673 G   A "H2'"  1 
ATOM   874  H "HO2'" . G   A 1 27 ? -12.829 -13.772 -10.898 1.00 22.48 ? 2673 G   A "HO2'" 1 
ATOM   875  H "H1'"  . G   A 1 27 ? -11.334 -13.213 -8.606  1.00 18.22 ? 2673 G   A "H1'"  1 
ATOM   876  H H8     . G   A 1 27 ? -9.713  -16.062 -7.009  1.00 15.76 ? 2673 G   A H8     1 
ATOM   877  H H1     . G   A 1 27 ? -6.117  -13.093 -10.985 1.00 15.41 ? 2673 G   A H1     1 
ATOM   878  H H21    . G   A 1 27 ? -7.275  -11.634 -12.136 1.00 16.64 ? 2673 G   A H21    1 
ATOM   879  H H22    . G   A 1 27 ? -8.737  -11.431 -11.929 1.00 16.64 ? 2673 G   A H22    1 
HETATM 880  O O      . HOH B 2 .  ? 14.570  8.078   3.527   0.57 24.30 ? 2701 HOH A O      1 
HETATM 881  O O      . HOH B 2 .  ? 8.746   9.698   7.299   0.72 20.98 ? 2702 HOH A O      1 
HETATM 882  O O      . HOH B 2 .  ? -12.579 -7.566  -3.373  0.97 20.76 ? 2703 HOH A O      1 
HETATM 883  O O      . HOH B 2 .  ? -5.914  -1.614  1.629   0.53 20.16 ? 2704 HOH A O      1 
HETATM 884  O O      . HOH B 2 .  ? -3.115  -3.865  -15.737 1.00 43.29 ? 2705 HOH A O      1 
HETATM 885  O O      . HOH B 2 .  ? 3.502   3.937   -6.101  0.70 22.69 ? 2706 HOH A O      1 
HETATM 886  O O      . HOH B 2 .  ? 5.025   8.802   7.539   0.90 22.17 ? 2707 HOH A O      1 
HETATM 887  O O      . HOH B 2 .  ? -10.411 -8.317  -10.618 0.91 43.13 ? 2708 HOH A O      1 
HETATM 888  O O      . HOH B 2 .  ? -10.038 -8.475  3.464   0.93 15.19 ? 2709 HOH A O      1 
HETATM 889  O O      . HOH B 2 .  ? -3.541  -6.059  -9.098  0.46 17.83 ? 2710 HOH A O      1 
HETATM 890  O O      . HOH B 2 .  ? -3.204  -10.818 -9.181  0.54 23.97 ? 2711 HOH A O      1 
HETATM 891  O O      . HOH B 2 .  ? 4.939   -3.084  12.032  1.00 40.02 ? 2712 HOH A O      1 
HETATM 892  O O      . HOH B 2 .  ? 11.162  -2.786  -0.915  0.73 32.08 ? 2713 HOH A O      1 
HETATM 893  O O      . HOH B 2 .  ? 10.200  -9.642  1.463   1.00 29.60 ? 2714 HOH A O      1 
HETATM 894  O O      . HOH B 2 .  ? 13.568  11.910  4.012   1.00 39.61 ? 2715 HOH A O      1 
HETATM 895  O O      . HOH B 2 .  ? -11.158 -9.837  -3.827  1.00 40.46 ? 2716 HOH A O      1 
HETATM 896  O O      . HOH B 2 .  ? 0.822   -2.643  -5.639  0.97 17.19 ? 2717 HOH A O      1 
HETATM 897  O O      . HOH B 2 .  ? -2.537  -0.978  3.246   0.74 16.34 ? 2718 HOH A O      1 
HETATM 898  O O      . HOH B 2 .  ? -12.394 -1.845  -3.976  1.00 21.71 ? 2719 HOH A O      1 
HETATM 899  O O      . HOH B 2 .  ? 7.941   -2.821  6.384   0.88 15.65 ? 2720 HOH A O      1 
HETATM 900  O O      . HOH B 2 .  ? -1.715  -14.404 -3.751  0.79 27.09 ? 2721 HOH A O      1 
HETATM 901  O O      . HOH B 2 .  ? -2.383  -1.400  13.448  1.00 47.87 ? 2722 HOH A O      1 
HETATM 902  O O      . HOH B 2 .  ? 10.629  11.719  5.324   0.39 22.28 ? 2723 HOH A O      1 
HETATM 903  O O      . HOH B 2 .  ? -3.483  -3.014  9.796   1.00 34.54 ? 2724 HOH A O      1 
HETATM 904  O O      . HOH B 2 .  ? 3.943   11.620  8.748   0.97 34.83 ? 2725 HOH A O      1 
HETATM 905  O O      . HOH B 2 .  ? -2.347  13.339  5.568   0.71 23.08 ? 2726 HOH A O      1 
HETATM 906  O O      . HOH B 2 .  ? 9.024   -5.297  1.213   0.88 22.83 ? 2727 HOH A O      1 
HETATM 907  O O      . HOH B 2 .  ? -7.492  -0.196  -7.443  0.83 39.56 ? 2728 HOH A O      1 
HETATM 908  O O      . HOH B 2 .  ? -0.467  -15.992 -2.002  1.00 40.98 ? 2729 HOH A O      1 
HETATM 909  O O      . HOH B 2 .  ? -12.143 -12.036 -5.270  0.99 24.41 ? 2730 HOH A O      1 
HETATM 910  O O      . HOH B 2 .  ? -11.893 -6.774  -9.608  0.78 22.24 ? 2731 HOH A O      1 
HETATM 911  O O      . HOH B 2 .  ? 0.822   11.847  6.754   1.00 24.01 ? 2732 HOH A O      1 
HETATM 912  O O      . HOH B 2 .  ? 9.077   20.236  -1.348  0.89 18.84 ? 2733 HOH A O      1 
HETATM 913  O O      . HOH B 2 .  ? 10.542  15.173  4.082   1.00 18.15 ? 2734 HOH A O      1 
HETATM 914  O O      . HOH B 2 .  ? -2.387  2.448   -3.748  0.48 25.00 ? 2735 HOH A O      1 
HETATM 915  O O      . HOH B 2 .  ? 11.653  -6.856  -2.833  1.00 28.92 ? 2736 HOH A O      1 
HETATM 916  O O      . HOH B 2 .  ? -9.194  -0.621  -0.262  0.89 29.65 ? 2737 HOH A O      1 
HETATM 917  O O      . HOH B 2 .  ? 13.447  11.838  -1.276  1.00 13.20 ? 2738 HOH A O      1 
HETATM 918  O O      . HOH B 2 .  ? 0.356   12.388  -2.504  1.00 24.50 ? 2739 HOH A O      1 
HETATM 919  O O      . HOH B 2 .  ? 1.181   20.655  -3.681  0.90 14.31 ? 2740 HOH A O      1 
HETATM 920  O O      . HOH B 2 .  ? -5.459  -4.303  -4.960  0.89 26.14 ? 2741 HOH A O      1 
HETATM 921  O O      . HOH B 2 .  ? 8.048   -11.634 -7.351  0.98 27.19 ? 2742 HOH A O      1 
HETATM 922  O O      . HOH B 2 .  ? 1.592   14.383  7.252   0.97 13.58 ? 2743 HOH A O      1 
HETATM 923  O O      . HOH B 2 .  ? 9.137   -7.955  -9.666  0.72 38.58 ? 2744 HOH A O      1 
HETATM 924  O O      . HOH B 2 .  ? 2.024   -8.884  -4.266  0.89 20.10 ? 2745 HOH A O      1 
HETATM 925  O O      . HOH B 2 .  ? 2.870   -5.762  -4.401  0.84 13.54 ? 2746 HOH A O      1 
HETATM 926  O O      . HOH B 2 .  ? 3.962   15.318  8.908   0.91 40.94 ? 2747 HOH A O      1 
HETATM 927  O O      . HOH B 2 .  ? -5.414  15.615  6.866   0.80 28.16 ? 2748 HOH A O      1 
HETATM 928  O O      . HOH B 2 .  ? -6.186  -0.653  -4.678  0.79 32.37 ? 2749 HOH A O      1 
HETATM 929  O O      . HOH B 2 .  ? -2.165  -7.011  -4.533  1.00 18.06 ? 2750 HOH A O      1 
HETATM 930  O O      . HOH B 2 .  ? -4.440  10.543  3.967   0.63 23.81 ? 2751 HOH A O      1 
HETATM 931  O O      . HOH B 2 .  ? 1.764   10.357  8.716   0.99 32.18 ? 2752 HOH A O      1 
HETATM 932  O O      . HOH B 2 .  ? -3.270  10.635  6.716   0.69 24.41 ? 2753 HOH A O      1 
HETATM 933  O O      . HOH B 2 .  ? -5.992  -1.488  8.840   0.80 25.67 ? 2754 HOH A O      1 
HETATM 934  O O      . HOH B 2 .  ? 1.335   -2.295  12.029  0.65 19.95 ? 2755 HOH A O      1 
HETATM 935  O O      . HOH B 2 .  ? -4.990  -12.209 -12.270 1.00 19.35 ? 2756 HOH A O      1 
HETATM 936  O O      . HOH B 2 .  ? 0.318   -12.077 -3.294  1.00 40.71 ? 2757 HOH A O      1 
HETATM 937  O O      . HOH B 2 .  ? -12.128 -3.494  3.978   0.73 18.08 ? 2758 HOH A O      1 
HETATM 938  O O      . HOH B 2 .  ? -3.661  -0.793  5.689   0.65 29.87 ? 2759 HOH A O      1 
HETATM 939  O O      . HOH B 2 .  ? 2.285   3.142   12.163  0.83 17.46 ? 2760 HOH A O      1 
HETATM 940  O O      . HOH B 2 .  ? -4.170  3.014   2.004   0.49 22.80 ? 2761 HOH A O      1 
HETATM 941  O O      . HOH B 2 .  ? 6.594   11.846  -2.292  0.88 23.03 ? 2762 HOH A O      1 
HETATM 942  O O      . HOH B 2 .  ? -3.491  -13.005 -7.511  0.54 24.25 ? 2763 HOH A O      1 
HETATM 943  O O      . HOH B 2 .  ? -3.843  -3.275  -6.704  0.66 26.68 ? 2764 HOH A O      1 
HETATM 944  O O      . HOH B 2 .  ? 8.376   15.346  5.754   0.87 16.14 ? 2765 HOH A O      1 
HETATM 945  O O      . HOH B 2 .  ? -8.231  -10.275 2.478   0.91 17.55 ? 2766 HOH A O      1 
HETATM 946  O O      . HOH B 2 .  ? 4.288   -9.810  -5.625  0.76 26.40 ? 2767 HOH A O      1 
HETATM 947  O O      . HOH B 2 .  ? -15.789 -15.319 -10.730 0.82 15.95 ? 2768 HOH A O      1 
HETATM 948  O O      . HOH B 2 .  ? -5.590  7.597   -2.958  0.85 29.29 ? 2769 HOH A O      1 
HETATM 949  O O      . HOH B 2 .  ? -4.547  -12.173 4.046   0.88 18.51 ? 2770 HOH A O      1 
HETATM 950  O O      . HOH B 2 .  ? 4.061   7.522   -2.536  0.80 17.41 ? 2771 HOH A O      1 
HETATM 951  O O      . HOH B 2 .  ? -7.963  -18.902 -4.489  0.59 27.71 ? 2772 HOH A O      1 
HETATM 952  O O      . HOH B 2 .  ? -1.797  2.523   6.096   0.92 19.92 ? 2773 HOH A O      1 
HETATM 953  O O      . HOH B 2 .  ? 2.365   -3.005  -0.124  1.00 11.17 ? 2774 HOH A O      1 
HETATM 954  O O      . HOH B 2 .  ? 5.204   -1.367  2.617   1.00 13.14 ? 2775 HOH A O      1 
HETATM 955  O O      . HOH B 2 .  ? 0.267   -5.902  -3.279  0.98 14.92 ? 2776 HOH A O      1 
HETATM 956  O O      . HOH B 2 .  ? -6.840  -17.982 -6.814  1.00 24.99 ? 2777 HOH A O      1 
HETATM 957  O O      . HOH B 2 .  ? -4.031  -3.116  2.914   0.70 16.12 ? 2778 HOH A O      1 
HETATM 958  O O      . HOH B 2 .  ? -5.772  5.585   0.100   0.91 40.25 ? 2779 HOH A O      1 
HETATM 959  O O      . HOH B 2 .  ? 8.572   11.968  6.225   1.00 29.91 ? 2780 HOH A O      1 
HETATM 960  O O      . HOH B 2 .  ? -7.685  11.514  2.006   1.00 30.15 ? 2781 HOH A O      1 
HETATM 961  O O      . HOH B 2 .  ? -4.691  17.130  -1.635  1.00 10.86 ? 2782 HOH A O      1 
HETATM 962  O O      . HOH B 2 .  ? -3.339  -4.214  -3.061  1.00 24.75 ? 2783 HOH A O      1 
HETATM 963  O O      . HOH B 2 .  ? -8.893  -12.562 0.782   0.78 31.97 ? 2784 HOH A O      1 
HETATM 964  O O      . HOH B 2 .  ? 5.278   15.323  -2.209  1.00 32.79 ? 2785 HOH A O      1 
HETATM 965  O O      . HOH B 2 .  ? 8.513   23.218  6.363   0.72 23.58 ? 2786 HOH A O      1 
HETATM 966  O O      . HOH B 2 .  ? -0.440  -8.448  10.509  0.89 20.81 ? 2787 HOH A O      1 
HETATM 967  O O      . HOH B 2 .  ? -3.027  -5.554  -17.656 1.00 47.53 ? 2788 HOH A O      1 
HETATM 968  O O      . HOH B 2 .  ? 2.620   -12.234 -4.515  0.62 24.88 ? 2789 HOH A O      1 
HETATM 969  O O      . HOH B 2 .  ? 0.369   -14.842 -15.549 0.83 18.40 ? 2790 HOH A O      1 
HETATM 970  O O      . HOH B 2 .  ? 1.719   14.400  -4.043  1.00 29.74 ? 2791 HOH A O      1 
HETATM 971  O O      . HOH B 2 .  ? -6.596  -1.116  5.458   0.84 36.74 ? 2792 HOH A O      1 
HETATM 972  O O      . HOH B 2 .  ? -8.547  10.047  -0.858  0.87 32.21 ? 2793 HOH A O      1 
HETATM 973  O O      . HOH B 2 .  ? -13.200 -13.239 -1.587  0.90 39.46 ? 2794 HOH A O      1 
HETATM 974  O O      . HOH B 2 .  ? 6.696   18.678  -1.770  1.00 17.99 ? 2795 HOH A O      1 
HETATM 975  O O      . HOH B 2 .  ? -6.348  -3.175  -1.408  0.73 16.43 ? 2796 HOH A O      1 
HETATM 976  O O      . HOH B 2 .  ? -0.169  3.144   -5.348  0.72 24.62 ? 2797 HOH A O      1 
HETATM 977  O O      . HOH B 2 .  ? -1.953  -3.001  0.011   1.00 16.67 ? 2798 HOH A O      1 
HETATM 978  O O      . HOH B 2 .  ? 10.345  3.128   0.596   0.75 26.14 ? 2799 HOH A O      1 
HETATM 979  O O      . HOH B 2 .  ? 9.789   1.304   2.680   1.00 26.87 ? 2800 HOH A O      1 
HETATM 980  O O      . HOH B 2 .  ? -3.066  0.478   7.886   0.71 22.79 ? 2801 HOH A O      1 
HETATM 981  O O      . HOH B 2 .  ? -0.148  -3.462  -2.095  0.97 16.76 ? 2802 HOH A O      1 
HETATM 982  O O      . HOH B 2 .  ? -10.815 -10.938 -0.970  0.89 28.05 ? 2803 HOH A O      1 
HETATM 983  O O      . HOH B 2 .  ? 10.944  -6.798  -7.716  0.76 21.31 ? 2804 HOH A O      1 
HETATM 984  O O      . HOH B 2 .  ? -7.579  -10.152 -14.130 1.00 22.08 ? 2805 HOH A O      1 
HETATM 985  O O      . HOH B 2 .  ? 6.661   -3.672  3.029   0.83 26.98 ? 2806 HOH A O      1 
HETATM 986  O O      . HOH B 2 .  ? 10.869  -6.897  -0.294  1.00 31.02 ? 2807 HOH A O      1 
HETATM 987  O O      . HOH B 2 .  ? -0.673  -11.257 5.130   1.00 13.47 ? 2808 HOH A O      1 
HETATM 988  O O      . HOH B 2 .  ? -0.932  -0.428  0.002   0.93 18.12 ? 2809 HOH A O      1 
HETATM 989  O O      . HOH B 2 .  ? 10.322  -1.685  1.778   1.00 36.21 ? 2810 HOH A O      1 
HETATM 990  O O      . HOH B 2 .  ? -2.291  -8.045  -7.563  1.00 37.12 ? 2811 HOH A O      1 
HETATM 991  O O      . HOH B 2 .  ? 10.309  22.999  4.105   0.90 28.28 ? 2812 HOH A O      1 
HETATM 992  O O      . HOH B 2 .  ? 15.024  10.187  3.043   0.98 29.07 ? 2813 HOH A O      1 
HETATM 993  O O      . HOH B 2 .  ? 3.242   11.959  -3.208  1.00 43.77 ? 2814 HOH A O      1 
HETATM 994  O O      . HOH B 2 .  ? -3.864  -18.129 -2.554  0.81 35.35 ? 2815 HOH A O      1 
HETATM 995  O O      . HOH B 2 .  ? -11.733 -1.033  0.799   0.93 28.04 ? 2816 HOH A O      1 
HETATM 996  O O      . HOH B 2 .  ? -0.609  -9.473  -4.808  0.99 41.46 ? 2817 HOH A O      1 
HETATM 997  O O      . HOH B 2 .  ? 9.033   16.896  -2.646  0.68 19.46 ? 2818 HOH A O      1 
HETATM 998  O O      . HOH B 2 .  ? -6.988  17.589  5.997   0.71 33.30 ? 2819 HOH A O      1 
HETATM 999  O O      . HOH B 2 .  ? -4.136  2.840   4.400   0.92 35.89 ? 2820 HOH A O      1 
HETATM 1000 O O      . HOH B 2 .  ? 1.601   7.710   -3.911  1.00 44.62 ? 2821 HOH A O      1 
HETATM 1001 O O      . HOH B 2 .  ? -8.645  -20.078 -7.786  0.91 40.97 ? 2822 HOH A O      1 
HETATM 1002 O O      . HOH B 2 .  ? -0.724  7.297   -4.491  0.76 34.68 ? 2823 HOH A O      1 
HETATM 1003 O O      . HOH B 2 .  ? -4.064  -18.170 -7.397  0.84 33.64 ? 2824 HOH A O      1 
HETATM 1004 O O      . HOH B 2 .  ? -6.770  -12.285 3.093   0.49 19.46 ? 2825 HOH A O      1 
HETATM 1005 O O      . HOH B 2 .  ? -1.557  13.741  8.543   0.61 20.92 ? 2826 HOH A O      1 
HETATM 1006 O O      . HOH B 2 .  ? 9.184   -3.222  3.584   1.00 34.87 ? 2827 HOH A O      1 
HETATM 1007 O O      . HOH B 2 .  ? 7.307   15.202  -3.633  0.42 19.33 ? 2828 HOH A O      1 
HETATM 1008 O O      . HOH B 2 .  ? 11.563  -4.434  -8.563  0.51 23.11 ? 2829 HOH A O      1 
HETATM 1009 O O      . HOH B 2 .  ? 5.274   9.748   -3.720  0.46 19.97 ? 2830 HOH A O      1 
HETATM 1010 O O      . HOH B 2 .  ? -1.440  -10.887 10.377  0.91 36.46 ? 2831 HOH A O      1 
HETATM 1011 O O      . HOH B 2 .  ? -1.370  -4.234  -5.752  1.00 40.76 ? 2832 HOH A O      1 
HETATM 1012 O O      . HOH B 2 .  ? -5.084  18.114  7.584   0.62 24.03 ? 2833 HOH A O      1 
HETATM 1013 O O      . HOH B 2 .  ? 2.699   -13.966 -16.471 1.00 27.66 ? 2834 HOH A O      1 
HETATM 1014 O O      . HOH B 2 .  ? 7.294   17.978  -4.361  0.96 38.20 ? 2835 HOH A O      1 
HETATM 1015 O O      . HOH B 2 .  ? 0.011   -1.242  -7.982  0.92 36.69 ? 2836 HOH A O      1 
HETATM 1016 O O      . HOH B 2 .  ? -3.619  -0.976  -5.874  0.59 28.21 ? 2837 HOH A O      1 
HETATM 1017 O O      . HOH B 2 .  ? -1.727  -12.314 7.374   0.85 23.35 ? 2838 HOH A O      1 
HETATM 1018 O O      . HOH B 2 .  ? -4.160  13.803  9.114   1.00 48.49 ? 2839 HOH A O      1 
HETATM 1019 O O      . HOH B 2 .  ? -1.698  -2.141  -17.128 0.82 32.66 ? 2840 HOH A O      1 
HETATM 1020 O O      . HOH B 2 .  ? 12.123  -7.084  2.306   1.00 30.72 ? 2841 HOH A O      1 
HETATM 1021 O O      . HOH B 2 .  ? -3.536  15.457  9.976   0.81 38.60 ? 2842 HOH A O      1 
HETATM 1022 O O      . HOH B 2 .  ? 13.596  -4.428  -10.391 0.82 29.85 ? 2843 HOH A O      1 
# 
loop_
_atom_site_anisotrop.id 
_atom_site_anisotrop.type_symbol 
_atom_site_anisotrop.pdbx_label_atom_id 
_atom_site_anisotrop.pdbx_label_alt_id 
_atom_site_anisotrop.pdbx_label_comp_id 
_atom_site_anisotrop.pdbx_label_asym_id 
_atom_site_anisotrop.pdbx_label_seq_id 
_atom_site_anisotrop.pdbx_PDB_ins_code 
_atom_site_anisotrop.U[1][1] 
_atom_site_anisotrop.U[2][2] 
_atom_site_anisotrop.U[3][3] 
_atom_site_anisotrop.U[1][2] 
_atom_site_anisotrop.U[1][3] 
_atom_site_anisotrop.U[2][3] 
_atom_site_anisotrop.pdbx_auth_seq_id 
_atom_site_anisotrop.pdbx_auth_comp_id 
_atom_site_anisotrop.pdbx_auth_asym_id 
_atom_site_anisotrop.pdbx_auth_atom_id 
1    O "O5'" . U   A 1  ? 0.4083 0.4190 0.3784 -0.0245 0.1436  -0.0751 2647 U   A "O5'" 
2    C "C5'" . U   A 1  ? 0.4033 0.4026 0.3826 -0.0282 0.1490  -0.0817 2647 U   A "C5'" 
3    C "C4'" . U   A 1  ? 0.3917 0.3630 0.3762 -0.0359 0.1506  -0.0922 2647 U   A "C4'" 
4    O "O4'" . U   A 1  ? 0.3574 0.3317 0.3880 -0.0291 0.1499  -0.1150 2647 U   A "O4'" 
5    C "C3'" . U   A 1  ? 0.4096 0.3267 0.3422 -0.0487 0.1476  -0.0832 2647 U   A "C3'" 
6    O "O3'" . U   A 1  ? 0.4543 0.3053 0.2857 -0.0531 0.1452  -0.0632 2647 U   A "O3'" 
7    C "C2'" . U   A 1  ? 0.3766 0.2922 0.3622 -0.0594 0.1435  -0.1008 2647 U   A "C2'" 
8    O "O2'" . U   A 1  ? 0.3906 0.2949 0.3574 -0.0796 0.1408  -0.1013 2647 U   A "O2'" 
9    C "C1'" . U   A 1  ? 0.3283 0.2704 0.3821 -0.0436 0.1418  -0.1138 2647 U   A "C1'" 
10   N N1    . U   A 1  ? 0.2602 0.2071 0.3962 -0.0437 0.1349  -0.1111 2647 U   A N1    
11   C C2    . U   A 1  ? 0.2301 0.1929 0.4018 -0.0552 0.1293  -0.0980 2647 U   A C2    
12   O O2    . U   A 1  ? 0.2332 0.1941 0.4206 -0.0628 0.1355  -0.0876 2647 U   A O2    
13   N N3    . U   A 1  ? 0.2116 0.1796 0.3910 -0.0554 0.1280  -0.0935 2647 U   A N3    
14   C C4    . U   A 1  ? 0.2165 0.1918 0.3901 -0.0607 0.1327  -0.0871 2647 U   A C4    
15   O O4    . U   A 1  ? 0.2363 0.2079 0.3789 -0.0425 0.1508  -0.0644 2647 U   A O4    
16   C C5    . U   A 1  ? 0.2160 0.2008 0.4005 -0.0573 0.1271  -0.0910 2647 U   A C5    
17   C C6    . U   A 1  ? 0.2278 0.2142 0.4023 -0.0465 0.1243  -0.0939 2647 U   A C6    
29   P P     . G   A 2  ? 0.4845 0.2913 0.2184 -0.0679 0.1330  -0.0338 2648 G   A P     
30   O OP1   . G   A 2  ? 0.4997 0.3069 0.2167 -0.0728 0.1350  -0.0133 2648 G   A OP1   
31   O OP2   . G   A 2  ? 0.4876 0.3167 0.2456 -0.0853 0.1310  -0.0403 2648 G   A OP2   
32   O "O5'" . G   A 2  ? 0.4526 0.2964 0.1578 -0.0513 0.0982  0.0142  2648 G   A "O5'" 
33   C "C5'" . G   A 2  ? 0.4286 0.2683 0.1382 -0.0405 0.0780  0.0180  2648 G   A "C5'" 
34   C "C4'" . G   A 2  ? 0.4173 0.2296 0.1320 -0.0273 0.0644  0.0171  2648 G   A "C4'" 
35   O "O4'" . G   A 2  ? 0.4129 0.2229 0.1472 -0.0158 0.0477  0.0090  2648 G   A "O4'" 
36   C "C3'" . G   A 2  ? 0.3914 0.2207 0.1430 -0.0292 0.0633  0.0091  2648 G   A "C3'" 
37   O "O3'" . G   A 2  ? 0.3412 0.2175 0.1485 -0.0210 0.0682  0.0083  2648 G   A "O3'" 
38   C "C2'" . G   A 2  ? 0.3962 0.2353 0.1542 -0.0178 0.0436  0.0233  2648 G   A "C2'" 
39   O "O2'" . G   A 2  ? 0.4054 0.2727 0.1643 -0.0096 0.0449  0.0445  2648 G   A "O2'" 
40   C "C1'" . G   A 2  ? 0.3944 0.2250 0.1542 -0.0078 0.0250  0.0235  2648 G   A "C1'" 
41   N N9    . G   A 2  ? 0.3781 0.1977 0.1527 -0.0133 -0.0105 0.0073  2648 G   A N9    
42   C C8    . G   A 2  ? 0.3727 0.1768 0.1534 -0.0277 -0.0213 -0.0164 2648 G   A C8    
43   N N7    . G   A 2  ? 0.3700 0.1962 0.1606 -0.0312 -0.0291 -0.0173 2648 G   A N7    
44   C C5    . G   A 2  ? 0.3575 0.1784 0.1483 -0.0338 -0.0425 -0.0209 2648 G   A C5    
45   C C6    . G   A 2  ? 0.3432 0.1863 0.1583 -0.0413 -0.0523 -0.0260 2648 G   A C6    
46   O O6    . G   A 2  ? 0.3241 0.1760 0.1770 -0.0370 -0.0610 -0.0240 2648 G   A O6    
47   N N1    . G   A 2  ? 0.3445 0.1754 0.1496 -0.0435 -0.0534 -0.0282 2648 G   A N1    
48   C C2    . G   A 2  ? 0.3495 0.1909 0.1554 -0.0381 -0.0484 -0.0150 2648 G   A C2    
49   N N2    . G   A 2  ? 0.3511 0.1998 0.1572 -0.0381 -0.0479 -0.0080 2648 G   A N2    
50   N N3    . G   A 2  ? 0.3534 0.2086 0.1382 -0.0301 -0.0492 -0.0099 2648 G   A N3    
51   C C4    . G   A 2  ? 0.3620 0.1746 0.1388 -0.0289 -0.0371 -0.0156 2648 G   A C4    
63   P P     . C   A 3  ? 0.2928 0.2089 0.1753 -0.0118 0.0836  -0.0054 2649 C   A P     
64   O OP1   . C   A 3  ? 0.3178 0.2280 0.2416 -0.0130 0.1153  -0.0109 2649 C   A OP1   
65   O OP2   . C   A 3  ? 0.2636 0.2558 0.2280 0.0107  0.0795  -0.0175 2649 C   A OP2   
66   O "O5'" . C   A 3  ? 0.2663 0.2661 0.1871 0.0408  0.0934  0.0540  2649 C   A "O5'" 
67   C "C5'" . C   A 3  ? 0.2347 0.3082 0.1518 0.0441  0.0717  0.0744  2649 C   A "C5'" 
68   C "C4'" . C   A 3  ? 0.1962 0.3096 0.1369 0.0187  0.0416  0.0551  2649 C   A "C4'" 
69   O "O4'" . C   A 3  ? 0.1855 0.3169 0.1244 0.0000  0.0265  0.0343  2649 C   A "O4'" 
70   C "C3'" . C   A 3  ? 0.1778 0.2827 0.1423 0.0109  0.0359  0.0607  2649 C   A "C3'" 
71   O "O3'" . C   A 3  ? 0.1809 0.2730 0.1901 0.0188  0.0565  0.0477  2649 C   A "O3'" 
72   C "C2'" . C   A 3  ? 0.1602 0.2791 0.1455 -0.0066 0.0267  0.0346  2649 C   A "C2'" 
73   O "O2'" . C   A 3  ? 0.1460 0.2874 0.1705 -0.0056 0.0280  0.0341  2649 C   A "O2'" 
74   C "C1'" . C   A 3  ? 0.1683 0.2862 0.1266 -0.0164 0.0208  0.0069  2649 C   A "C1'" 
75   N N1    . C   A 3  ? 0.1729 0.2529 0.1324 -0.0294 0.0271  -0.0171 2649 C   A N1    
76   C C2    . C   A 3  ? 0.1684 0.2299 0.1270 -0.0560 0.0290  -0.0480 2649 C   A C2    
77   O O2    . C   A 3  ? 0.1921 0.2379 0.1270 -0.0666 0.0510  -0.0328 2649 C   A O2    
78   N N3    . C   A 3  ? 0.1712 0.2324 0.1396 -0.0544 0.0344  -0.0613 2649 C   A N3    
79   C C4    . C   A 3  ? 0.1598 0.2400 0.1270 -0.0338 0.0223  -0.0478 2649 C   A C4    
80   N N4    . C   A 3  ? 0.1688 0.2406 0.1599 -0.0421 0.0331  -0.0643 2649 C   A N4    
81   C C5    . C   A 3  ? 0.1639 0.2622 0.1312 -0.0225 0.0255  -0.0134 2649 C   A C5    
82   C C6    . C   A 3  ? 0.1621 0.2623 0.1353 -0.0128 0.0239  -0.0178 2649 C   A C6    
94   P P     . U   A 4  ? 0.1740 0.2110 0.2258 0.0154  0.0734  0.0615  2650 U   A P     
95   O OP1   . U   A 4  ? 0.1824 0.2042 0.2623 0.0218  0.0858  0.0528  2650 U   A OP1   
96   O OP2   . U   A 4  ? 0.1865 0.2282 0.2266 -0.0028 0.0805  0.0484  2650 U   A OP2   
97   O "O5'" . U   A 4  ? 0.1596 0.2094 0.1736 0.0165  0.0612  0.0438  2650 U   A "O5'" 
98   C "C5'" . U   A 4  ? 0.1574 0.2254 0.1561 0.0244  0.0550  0.0499  2650 U   A "C5'" 
99   C "C4'" . U   A 4  ? 0.1380 0.2393 0.1375 0.0171  0.0360  0.0362  2650 U   A "C4'" 
100  O "O4'" . U   A 4  ? 0.1247 0.2328 0.1430 -0.0068 0.0287  0.0308  2650 U   A "O4'" 
101  C "C3'" . U   A 4  ? 0.1430 0.2289 0.1322 0.0351  0.0386  0.0258  2650 U   A "C3'" 
102  O "O3'" . U   A 4  ? 0.1684 0.2153 0.1386 0.0497  0.0459  0.0005  2650 U   A "O3'" 
103  C "C2'" . U   A 4  ? 0.1286 0.2463 0.1282 0.0115  0.0322  0.0374  2650 U   A "C2'" 
104  O "O2'" . U   A 4  ? 0.1430 0.2842 0.1627 0.0079  0.0553  0.0578  2650 U   A "O2'" 
105  C "C1'" . U   A 4  ? 0.1194 0.2173 0.1278 -0.0158 0.0223  0.0210  2650 U   A "C1'" 
106  N N1    . U   A 4  ? 0.1283 0.1605 0.1205 -0.0290 0.0234  -0.0005 2650 U   A N1    
107  C C2    . U   A 4  ? 0.1309 0.1455 0.1234 -0.0241 0.0197  -0.0025 2650 U   A C2    
108  O O2    . U   A 4  ? 0.1404 0.1548 0.1214 -0.0195 0.0263  0.0066  2650 U   A O2    
109  N N3    . U   A 4  ? 0.1309 0.1430 0.1180 -0.0227 0.0195  -0.0123 2650 U   A N3    
110  C C4    . U   A 4  ? 0.1349 0.1589 0.1135 -0.0203 0.0180  -0.0072 2650 U   A C4    
111  O O4    . U   A 4  ? 0.1416 0.1609 0.1111 -0.0146 0.0220  -0.0096 2650 U   A O4    
112  C C5    . U   A 4  ? 0.1446 0.1576 0.1086 -0.0208 0.0224  -0.0028 2650 U   A C5    
113  C C6    . U   A 4  ? 0.1317 0.1619 0.1228 -0.0277 0.0217  0.0101  2650 U   A C6    
124  P P     . C   A 5  ? 0.1953 0.1785 0.1662 0.0506  0.0630  0.0150  2651 C   A P     
125  O OP1   . C   A 5  ? 0.2208 0.1994 0.1967 0.0551  0.0724  0.0134  2651 C   A OP1   
126  O OP2   . C   A 5  ? 0.1979 0.1754 0.2212 0.0203  0.0637  0.0161  2651 C   A OP2   
127  O "O5'" . C   A 5  ? 0.1574 0.1686 0.1389 0.0213  0.0529  -0.0181 2651 C   A "O5'" 
128  C "C5'" . C   A 5  ? 0.1250 0.1787 0.1221 0.0276  0.0422  -0.0141 2651 C   A "C5'" 
129  C "C4'" . C   A 5  ? 0.1081 0.1971 0.1089 0.0195  0.0312  -0.0160 2651 C   A "C4'" 
130  O "O4'" . C   A 5  ? 0.0953 0.1857 0.1146 0.0098  0.0345  -0.0108 2651 C   A "O4'" 
131  C "C3'" . C   A 5  ? 0.1147 0.1812 0.1131 0.0183  0.0334  -0.0252 2651 C   A "C3'" 
132  O "O3'" . C   A 5  ? 0.1179 0.1666 0.1285 0.0204  0.0317  -0.0252 2651 C   A "O3'" 
133  C "C2'" . C   A 5  ? 0.1190 0.1676 0.1234 0.0130  0.0413  -0.0160 2651 C   A "C2'" 
134  O "O2'" . C   A 5  ? 0.1469 0.1670 0.1267 0.0206  0.0418  -0.0067 2651 C   A "O2'" 
135  C "C1'" . C   A 5  ? 0.0925 0.1655 0.1145 0.0148  0.0307  -0.0115 2651 C   A "C1'" 
136  N N1    . C   A 5  ? 0.0946 0.1454 0.1157 0.0044  0.0364  -0.0234 2651 C   A N1    
137  C C2    . C   A 5  ? 0.0919 0.1353 0.1137 -0.0033 0.0334  -0.0237 2651 C   A C2    
138  O O2    . C   A 5  ? 0.0922 0.1495 0.1157 -0.0023 0.0315  -0.0201 2651 C   A O2    
139  N N3    . C   A 5  ? 0.0896 0.1489 0.1114 -0.0088 0.0357  -0.0237 2651 C   A N3    
140  C C4    . C   A 5  ? 0.0884 0.1562 0.1187 -0.0097 0.0210  -0.0216 2651 C   A C4    
141  N N4    . C   A 5  ? 0.1042 0.1711 0.1080 -0.0085 0.0256  -0.0151 2651 C   A N4    
142  C C5    . C   A 5  ? 0.0879 0.1556 0.1290 -0.0062 0.0179  -0.0206 2651 C   A C5    
143  C C6    . C   A 5  ? 0.0920 0.1353 0.1390 0.0019  0.0256  -0.0166 2651 C   A C6    
155  P P     . C   A 6  ? 0.1336 0.1598 0.1284 0.0256  0.0296  -0.0187 2652 C   A P     
156  O OP1   . C   A 6  ? 0.1414 0.1908 0.1338 0.0380  0.0280  -0.0303 2652 C   A OP1   
157  O OP2   . C   A 6  ? 0.1702 0.1517 0.1629 0.0167  0.0278  -0.0036 2652 C   A OP2   
158  O "O5'" . C   A 6  ? 0.1216 0.1454 0.1162 0.0140  0.0376  0.0021  2652 C   A "O5'" 
159  C "C5'" . C   A 6  ? 0.1082 0.1394 0.1140 0.0064  0.0409  0.0090  2652 C   A "C5'" 
160  C "C4'" . C   A 6  ? 0.0996 0.1373 0.1143 -0.0038 0.0472  -0.0038 2652 C   A "C4'" 
161  O "O4'" . C   A 6  ? 0.1012 0.1409 0.1135 -0.0009 0.0506  -0.0078 2652 C   A "O4'" 
162  C "C3'" . C   A 6  ? 0.1054 0.1417 0.0976 0.0026  0.0369  -0.0033 2652 C   A "C3'" 
163  O "O3'" . C   A 6  ? 0.1220 0.1425 0.1064 -0.0067 0.0397  -0.0001 2652 C   A "O3'" 
164  C "C2'" . C   A 6  ? 0.1011 0.1484 0.1210 0.0054  0.0367  0.0056  2652 C   A "C2'" 
165  O "O2'" . C   A 6  ? 0.1200 0.1665 0.1252 0.0129  0.0320  0.0157  2652 C   A "O2'" 
166  C "C1'" . C   A 6  ? 0.0951 0.1283 0.1145 0.0001  0.0446  -0.0014 2652 C   A "C1'" 
167  N N1    . C   A 6  ? 0.0830 0.1218 0.1061 -0.0098 0.0373  -0.0057 2652 C   A N1    
168  C C2    . C   A 6  ? 0.0938 0.1200 0.1017 -0.0031 0.0389  -0.0078 2652 C   A C2    
169  O O2    . C   A 6  ? 0.1004 0.1298 0.1156 0.0095  0.0387  -0.0084 2652 C   A O2    
170  N N3    . C   A 6  ? 0.1011 0.1345 0.0959 -0.0090 0.0348  -0.0150 2652 C   A N3    
171  C C4    . C   A 6  ? 0.0902 0.1388 0.0975 -0.0077 0.0245  -0.0179 2652 C   A C4    
172  N N4    . C   A 6  ? 0.1087 0.1585 0.1038 0.0015  0.0208  -0.0068 2652 C   A N4    
173  C C5    . C   A 6  ? 0.0840 0.1423 0.1165 -0.0046 0.0310  -0.0076 2652 C   A C5    
174  C C6    . C   A 6  ? 0.0830 0.1382 0.1112 -0.0085 0.0326  -0.0129 2652 C   A C6    
186  P P     . U   A 7  ? 0.1282 0.1600 0.1016 -0.0075 0.0405  -0.0087 2653 U   A P     
187  O OP1   . U   A 7  ? 0.1608 0.2116 0.1040 -0.0213 0.0492  -0.0168 2653 U   A OP1   
188  O OP2   . U   A 7  ? 0.1246 0.1355 0.1398 0.0064  0.0492  -0.0123 2653 U   A OP2   
189  O "O5'" . U   A 7  ? 0.1195 0.1409 0.1061 -0.0015 0.0226  0.0004  2653 U   A "O5'" 
190  C "C5'" . U   A 7  ? 0.1202 0.1552 0.1060 0.0058  0.0193  0.0091  2653 U   A "C5'" 
191  C "C4'" . U   A 7  ? 0.1180 0.1305 0.1153 0.0020  0.0157  0.0151  2653 U   A "C4'" 
192  O "O4'" . U   A 7  ? 0.1081 0.1338 0.1206 -0.0013 0.0174  0.0048  2653 U   A "O4'" 
193  C "C3'" . U   A 7  ? 0.1153 0.1304 0.1230 -0.0070 0.0104  -0.0092 2653 U   A "C3'" 
194  O "O3'" . U   A 7  ? 0.1210 0.1435 0.1418 0.0059  -0.0010 -0.0181 2653 U   A "O3'" 
195  C "C2'" . U   A 7  ? 0.1101 0.1347 0.1317 -0.0009 0.0183  -0.0066 2653 U   A "C2'" 
196  O "O2'" . U   A 7  ? 0.0995 0.1482 0.1671 0.0109  0.0258  -0.0048 2653 U   A "O2'" 
197  C "C1'" . U   A 7  ? 0.1082 0.1237 0.1213 -0.0014 0.0207  0.0005  2653 U   A "C1'" 
198  N N1    . U   A 7  ? 0.1098 0.1226 0.1167 -0.0003 0.0273  -0.0064 2653 U   A N1    
199  C C2    . U   A 7  ? 0.1344 0.1196 0.1088 -0.0027 0.0335  -0.0071 2653 U   A C2    
200  O O2    . U   A 7  ? 0.1506 0.1622 0.1122 0.0073  0.0495  -0.0015 2653 U   A O2    
201  N N3    . U   A 7  ? 0.1329 0.1229 0.1194 -0.0045 0.0219  -0.0065 2653 U   A N3    
202  C C4    . U   A 7  ? 0.1284 0.1153 0.1222 0.0004  0.0074  0.0015  2653 U   A C4    
203  O O4    . U   A 7  ? 0.1490 0.1317 0.1263 0.0048  0.0007  -0.0009 2653 U   A O4    
204  C C5    . U   A 7  ? 0.1116 0.1107 0.1298 0.0012  0.0121  -0.0031 2653 U   A C5    
205  C C6    . U   A 7  ? 0.1035 0.1204 0.1243 -0.0062 0.0216  -0.0037 2653 U   A C6    
216  P P     . A   A 8  ? 0.1368 0.1820 0.1764 -0.0054 -0.0073 -0.0245 2654 A   A P     
217  O OP1   . A   A 8  ? 0.1500 0.1862 0.2052 -0.0271 0.0157  -0.0173 2654 A   A OP1   
218  O OP2   . A   A 8  ? 0.1437 0.2180 0.1747 -0.0117 -0.0270 -0.0302 2654 A   A OP2   
219  O "O5'" . A   A 8  ? 0.1516 0.1389 0.1540 0.0062  0.0047  -0.0162 2654 A   A "O5'" 
220  C "C5'" . A   A 8  ? 0.1682 0.1473 0.1353 0.0074  0.0192  -0.0154 2654 A   A "C5'" 
221  C "C4'" . A   A 8  ? 0.1747 0.1493 0.1127 0.0114  0.0310  -0.0084 2654 A   A "C4'" 
222  O "O4'" . A   A 8  ? 0.1752 0.1347 0.1057 0.0012  0.0308  -0.0023 2654 A   A "O4'" 
223  C "C3'" . A   A 8  ? 0.1701 0.1683 0.1204 0.0217  0.0402  0.0018  2654 A   A "C3'" 
224  O "O3'" . A   A 8  ? 0.1798 0.2180 0.1214 0.0337  0.0500  0.0015  2654 A   A "O3'" 
225  C "C2'" . A   A 8  ? 0.1589 0.1612 0.0995 0.0131  0.0331  0.0083  2654 A   A "C2'" 
226  O "O2'" . A   A 8  ? 0.1368 0.1890 0.1264 0.0191  0.0335  0.0152  2654 A   A "O2'" 
227  C "C1'" . A   A 8  ? 0.1630 0.1382 0.0943 0.0030  0.0264  -0.0048 2654 A   A "C1'" 
228  N N9    . A   A 8  ? 0.1534 0.1219 0.0982 0.0018  0.0262  -0.0093 2654 A   A N9    
229  C C8    . A   A 8  ? 0.1457 0.1270 0.1087 0.0042  0.0292  -0.0063 2654 A   A C8    
230  N N7    . A   A 8  ? 0.1407 0.1229 0.1199 -0.0095 0.0293  -0.0126 2654 A   A N7    
231  C C5    . A   A 8  ? 0.1538 0.1223 0.1135 -0.0083 0.0278  -0.0017 2654 A   A C5    
232  C C6    . A   A 8  ? 0.1706 0.1254 0.1078 -0.0148 0.0294  -0.0048 2654 A   A C6    
233  N N6    . A   A 8  ? 0.1723 0.1375 0.1039 -0.0236 0.0286  -0.0063 2654 A   A N6    
234  N N1    . A   A 8  ? 0.1797 0.1293 0.1077 -0.0003 0.0250  -0.0020 2654 A   A N1    
235  C C2    . A   A 8  ? 0.1711 0.1326 0.1151 0.0074  0.0194  -0.0049 2654 A   A C2    
236  N N3    . A   A 8  ? 0.1588 0.1333 0.1187 0.0120  0.0218  -0.0093 2654 A   A N3    
237  C C4    . A   A 8  ? 0.1488 0.1203 0.1164 -0.0014 0.0227  -0.0078 2654 A   A C4    
249  P P     . G   A 9  ? 0.1970 0.1758 0.1359 -0.0076 0.0695  -0.0073 2655 G   A P     
250  O OP1   . G   A 9  ? 0.2194 0.2553 0.1563 -0.0150 0.0671  0.0036  2655 G   A OP1   
251  O OP2   . G   A 9  ? 0.2141 0.1780 0.1996 -0.0332 0.0833  0.0386  2655 G   A OP2   
252  O "O5'" . G   A 9  ? 0.2538 0.1822 0.1799 0.0069  0.1008  -0.0105 2655 G   A "O5'" 
253  C "C5'" . G   A 9  ? 0.2765 0.2104 0.1781 0.0213  0.1031  0.0062  2655 G   A "C5'" 
254  C "C4'" . G   A 9  ? 0.2924 0.2030 0.1682 0.0290  0.0999  0.0129  2655 G   A "C4'" 
255  O "O4'" . G   A 9  ? 0.2840 0.1656 0.1935 0.0264  0.1033  0.0107  2655 G   A "O4'" 
256  C "C3'" . G   A 9  ? 0.3089 0.1863 0.1416 0.0301  0.0866  0.0099  2655 G   A "C3'" 
257  O "O3'" . G   A 9  ? 0.3180 0.1739 0.1261 0.0101  0.0711  0.0000  2655 G   A "O3'" 
258  C "C2'" . G   A 9  ? 0.3087 0.1701 0.1629 0.0300  0.0885  0.0035  2655 G   A "C2'" 
259  O "O2'" . G   A 9  ? 0.3207 0.1629 0.1819 0.0389  0.0791  -0.0006 2655 G   A "O2'" 
260  C "C1'" . G   A 9  ? 0.2844 0.1574 0.1723 0.0307  0.0937  0.0047  2655 G   A "C1'" 
261  N N9    . G   A 9  ? 0.2636 0.1754 0.1931 0.0283  0.0993  0.0009  2655 G   A N9    
262  C C8    . G   A 9  ? 0.2565 0.2020 0.2139 0.0378  0.1023  -0.0011 2655 G   A C8    
263  N N7    . G   A 9  ? 0.2408 0.2242 0.2290 0.0410  0.0963  0.0098  2655 G   A N7    
264  C C5    . G   A 9  ? 0.2304 0.2105 0.2115 0.0335  0.0830  0.0185  2655 G   A C5    
265  C C6    . G   A 9  ? 0.2054 0.2045 0.2236 0.0322  0.0746  0.0218  2655 G   A C6    
266  O O6    . G   A 9  ? 0.2124 0.2478 0.2523 0.0302  0.0780  0.0260  2655 G   A O6    
267  N N1    . G   A 9  ? 0.1900 0.1667 0.2136 0.0166  0.0659  0.0188  2655 G   A N1    
268  C C2    . G   A 9  ? 0.1965 0.1422 0.1821 0.0009  0.0608  0.0103  2655 G   A C2    
269  N N2    . G   A 9  ? 0.1927 0.1560 0.1639 0.0010  0.0532  0.0103  2655 G   A N2    
270  N N3    . G   A 9  ? 0.2196 0.1541 0.1676 0.0096  0.0689  0.0132  2655 G   A N3    
271  C C4    . G   A 9  ? 0.2425 0.1716 0.1855 0.0236  0.0845  0.0125  2655 G   A C4    
283  P P     . U   A 10 ? 0.3289 0.1730 0.1192 -0.0103 0.0521  -0.0045 2656 U   A P     
284  O OP1   . U   A 10 ? 0.3331 0.1822 0.1377 -0.0009 0.0520  -0.0102 2656 U   A OP1   
285  O OP2   . U   A 10 ? 0.3381 0.1749 0.1178 -0.0192 0.0545  0.0080  2656 U   A OP2   
286  O "O5'" . U   A 10 ? 0.3019 0.1839 0.1152 -0.0134 0.0367  0.0074  2656 U   A "O5'" 
287  C "C5'" . U   A 10 ? 0.2829 0.1957 0.1185 -0.0233 0.0331  0.0086  2656 U   A "C5'" 
288  C "C4'" . U   A 10 ? 0.2673 0.1808 0.1292 -0.0391 0.0363  0.0033  2656 U   A "C4'" 
289  O "O4'" . U   A 10 ? 0.2536 0.1745 0.1201 -0.0202 0.0414  -0.0051 2656 U   A "O4'" 
290  C "C3'" . U   A 10 ? 0.2653 0.1916 0.1202 -0.0661 0.0253  -0.0044 2656 U   A "C3'" 
291  O "O3'" . U   A 10 ? 0.2813 0.2280 0.1280 -0.0910 0.0168  0.0035  2656 U   A "O3'" 
292  C "C2'" . U   A 10 ? 0.2540 0.1802 0.1214 -0.0541 0.0335  -0.0104 2656 U   A "C2'" 
293  O "O2'" . U   A 10 ? 0.2425 0.2180 0.1463 -0.0498 0.0295  -0.0017 2656 U   A "O2'" 
294  C "C1'" . U   A 10 ? 0.2377 0.1784 0.1229 -0.0348 0.0409  -0.0039 2656 U   A "C1'" 
295  N N1    . U   A 10 ? 0.2122 0.1599 0.1217 -0.0368 0.0450  -0.0087 2656 U   A N1    
296  C C2    . U   A 10 ? 0.1975 0.1637 0.1214 -0.0478 0.0513  -0.0162 2656 U   A C2    
297  O O2    . U   A 10 ? 0.1830 0.1896 0.1341 -0.0422 0.0509  -0.0187 2656 U   A O2    
298  N N3    . U   A 10 ? 0.1828 0.1601 0.1235 -0.0452 0.0489  -0.0083 2656 U   A N3    
299  C C4    . U   A 10 ? 0.1931 0.1555 0.1123 -0.0307 0.0517  -0.0045 2656 U   A C4    
300  O O4    . U   A 10 ? 0.1824 0.1818 0.1278 -0.0341 0.0549  -0.0087 2656 U   A O4    
301  C C5    . U   A 10 ? 0.2086 0.1578 0.1237 -0.0175 0.0553  0.0022  2656 U   A C5    
302  C C6    . U   A 10 ? 0.2229 0.1575 0.1221 -0.0225 0.0563  -0.0085 2656 U   A C6    
313  P P     . A   A 11 ? 0.3050 0.2344 0.1337 -0.1023 0.0182  -0.0131 2657 A   A P     
314  O OP1   . A   A 11 ? 0.3055 0.3034 0.1455 -0.1112 0.0092  -0.0219 2657 A   A OP1   
315  O OP2   . A   A 11 ? 0.3203 0.2063 0.1440 -0.0835 0.0354  -0.0064 2657 A   A OP2   
316  O "O5'" . A   A 11 ? 0.2595 0.2289 0.1261 -0.0873 0.0002  0.0058  2657 A   A "O5'" 
317  C "C5'" . A   A 11 ? 0.2112 0.2501 0.1437 -0.0609 -0.0081 0.0190  2657 A   A "C5'" 
318  C "C4'" . A   A 11 ? 0.1695 0.2155 0.1576 -0.0525 -0.0074 0.0163  2657 A   A "C4'" 
319  O "O4'" . A   A 11 ? 0.1507 0.1951 0.1516 -0.0231 -0.0023 0.0103  2657 A   A "O4'" 
320  C "C3'" . A   A 11 ? 0.1534 0.2145 0.1633 -0.0613 -0.0116 0.0096  2657 A   A "C3'" 
321  O "O3'" . A   A 11 ? 0.1697 0.2525 0.1824 -0.0839 -0.0180 0.0200  2657 A   A "O3'" 
322  C "C2'" . A   A 11 ? 0.1268 0.2194 0.1725 -0.0261 -0.0008 0.0062  2657 A   A "C2'" 
323  O "O2'" . A   A 11 ? 0.1106 0.2444 0.2052 -0.0023 0.0101  -0.0061 2657 A   A "O2'" 
324  C "C1'" . A   A 11 ? 0.1334 0.1944 0.1465 -0.0122 0.0043  0.0118  2657 A   A "C1'" 
325  N N9    . A   A 11 ? 0.1286 0.1557 0.1329 -0.0118 0.0173  0.0122  2657 A   A N9    
326  C C8    . A   A 11 ? 0.1332 0.1452 0.1184 -0.0177 0.0182  0.0036  2657 A   A C8    
327  N N7    . A   A 11 ? 0.1329 0.1438 0.1276 -0.0164 0.0237  0.0053  2657 A   A N7    
328  C C5    . A   A 11 ? 0.1248 0.1335 0.1272 -0.0193 0.0252  -0.0047 2657 A   A C5    
329  C C6    . A   A 11 ? 0.1183 0.1413 0.1257 -0.0136 0.0216  -0.0161 2657 A   A C6    
330  N N6    . A   A 11 ? 0.1286 0.1621 0.1181 -0.0069 0.0241  -0.0029 2657 A   A N6    
331  N N1    . A   A 11 ? 0.1178 0.1423 0.1234 -0.0125 0.0241  -0.0149 2657 A   A N1    
332  C C2    . A   A 11 ? 0.1240 0.1438 0.1238 -0.0089 0.0237  -0.0111 2657 A   A C2    
333  N N3    . A   A 11 ? 0.1192 0.1413 0.1188 -0.0136 0.0204  -0.0073 2657 A   A N3    
334  C C4    . A   A 11 ? 0.1208 0.1435 0.1264 -0.0136 0.0190  -0.0006 2657 A   A C4    
346  P P     . C   A 12 ? 0.1998 0.2813 0.1734 -0.1119 -0.0173 0.0206  2658 C   A P     
347  O OP1   . C   A 12 ? 0.2002 0.3148 0.2051 -0.1117 -0.0210 0.0370  2658 C   A OP1   
348  O OP2   . C   A 12 ? 0.2525 0.2969 0.1767 -0.1162 0.0106  -0.0027 2658 C   A OP2   
349  O "O5'" . C   A 12 ? 0.1532 0.2288 0.1630 -0.0660 -0.0113 0.0146  2658 C   A "O5'" 
350  C "C5'" . C   A 12 ? 0.1161 0.1916 0.1827 -0.0294 0.0087  0.0071  2658 C   A "C5'" 
351  C "C4'" . C   A 12 ? 0.0897 0.1583 0.1699 -0.0046 0.0238  -0.0046 2658 C   A "C4'" 
352  O "O4'" . C   A 12 ? 0.0858 0.1487 0.1631 -0.0028 0.0304  -0.0102 2658 C   A "O4'" 
353  C "C3'" . C   A 12 ? 0.0774 0.1587 0.1785 -0.0078 0.0326  -0.0168 2658 C   A "C3'" 
354  O "O3'" . C   A 12 ? 0.0942 0.1573 0.1876 -0.0091 0.0439  -0.0277 2658 C   A "O3'" 
355  C "C2'" . C   A 12 ? 0.0953 0.1633 0.1685 -0.0094 0.0352  -0.0118 2658 C   A "C2'" 
356  O "O2'" . C   A 12 ? 0.0985 0.1957 0.1744 -0.0149 0.0321  0.0099  2658 C   A "O2'" 
357  C "C1'" . C   A 12 ? 0.0921 0.1510 0.1602 -0.0078 0.0394  -0.0163 2658 C   A "C1'" 
358  N N1    . C   A 12 ? 0.0925 0.1437 0.1410 -0.0078 0.0387  -0.0090 2658 C   A N1    
359  C C2    . C   A 12 ? 0.0837 0.1470 0.1537 -0.0150 0.0406  -0.0113 2658 C   A C2    
360  O O2    . C   A 12 ? 0.0890 0.1825 0.1581 -0.0053 0.0424  -0.0142 2658 C   A O2    
361  N N3    . C   A 12 ? 0.0973 0.1526 0.1627 -0.0171 0.0458  -0.0061 2658 C   A N3    
362  C C4    . C   A 12 ? 0.1230 0.1459 0.1611 -0.0215 0.0545  -0.0091 2658 C   A C4    
363  N N4    . C   A 12 ? 0.1423 0.1520 0.1843 -0.0134 0.0730  -0.0066 2658 C   A N4    
364  C C5    . C   A 12 ? 0.1268 0.1540 0.1286 -0.0114 0.0419  -0.0102 2658 C   A C5    
365  C C6    . C   A 12 ? 0.1169 0.1465 0.1359 -0.0190 0.0410  -0.0097 2658 C   A C6    
377  P P     . G   A 13 ? 0.0861 0.1593 0.2253 0.0016  0.0434  -0.0392 2659 G   A P     
378  O OP1   . G   A 13 ? 0.0925 0.1537 0.2701 -0.0172 0.0589  -0.0297 2659 G   A OP1   
379  O OP2   . G   A 13 ? 0.1010 0.1890 0.2173 0.0047  0.0304  -0.0491 2659 G   A OP2   
380  O "O5'" . G   A 13 ? 0.1063 0.1559 0.1930 0.0156  0.0507  -0.0291 2659 G   A "O5'" 
381  C "C5'" . G   A 13 ? 0.1070 0.1706 0.1929 0.0260  0.0574  -0.0159 2659 G   A "C5'" 
382  C "C4'" . G   A 13 ? 0.1025 0.1515 0.1820 0.0134  0.0555  -0.0226 2659 G   A "C4'" 
383  O "O4'" . G   A 13 ? 0.1015 0.1521 0.1668 0.0170  0.0515  -0.0137 2659 G   A "O4'" 
384  C "C3'" . G   A 13 ? 0.1106 0.1510 0.1756 0.0091  0.0607  -0.0144 2659 G   A "C3'" 
385  O "O3'" . G   A 13 ? 0.1081 0.1638 0.2108 0.0097  0.0687  -0.0113 2659 G   A "O3'" 
386  C "C2'" . G   A 13 ? 0.1145 0.1616 0.1692 0.0151  0.0583  0.0054  2659 G   A "C2'" 
387  O "O2'" . G   A 13 ? 0.1212 0.1571 0.1706 0.0259  0.0644  0.0113  2659 G   A "O2'" 
388  C "C1'" . G   A 13 ? 0.1086 0.1554 0.1563 0.0131  0.0509  -0.0115 2659 G   A "C1'" 
389  N N9    . G   A 13 ? 0.1007 0.1426 0.1526 0.0154  0.0422  -0.0116 2659 G   A N9    
390  C C8    . G   A 13 ? 0.1163 0.1528 0.1691 0.0213  0.0456  -0.0030 2659 G   A C8    
391  N N7    . G   A 13 ? 0.1266 0.1592 0.1609 0.0200  0.0409  -0.0036 2659 G   A N7    
392  C C5    . G   A 13 ? 0.1251 0.1496 0.1479 0.0189  0.0388  -0.0077 2659 G   A C5    
393  C C6    . G   A 13 ? 0.1415 0.1571 0.1446 0.0116  0.0420  -0.0066 2659 G   A C6    
394  O O6    . G   A 13 ? 0.1597 0.1868 0.1460 0.0216  0.0384  0.0045  2659 G   A O6    
395  N N1    . G   A 13 ? 0.1236 0.1501 0.1237 0.0017  0.0363  -0.0086 2659 G   A N1    
396  C C2    . G   A 13 ? 0.1090 0.1295 0.1392 -0.0046 0.0368  -0.0168 2659 G   A C2    
397  N N2    . G   A 13 ? 0.1081 0.1429 0.1455 0.0017  0.0387  -0.0160 2659 G   A N2    
398  N N3    . G   A 13 ? 0.1003 0.1395 0.1400 0.0123  0.0328  -0.0106 2659 G   A N3    
399  C C4    . G   A 13 ? 0.1119 0.1488 0.1446 0.0153  0.0412  -0.0126 2659 G   A C4    
411  P P     . A   A 14 ? 0.1066 0.1589 0.2526 -0.0029 0.0704  -0.0310 2660 A   A P     
412  O OP1   . A   A 14 ? 0.1209 0.1849 0.2770 -0.0028 0.0884  -0.0250 2660 A   A OP1   
413  O OP2   . A   A 14 ? 0.1092 0.2121 0.2570 -0.0080 0.0586  -0.0361 2660 A   A OP2   
414  O "O5'" . A   A 14 ? 0.1029 0.1561 0.2350 -0.0121 0.0540  -0.0424 2660 A   A "O5'" 
415  C "C5'" . A   A 14 ? 0.1134 0.1707 0.2297 -0.0066 0.0493  -0.0457 2660 A   A "C5'" 
416  C "C4'" . A   A 14 ? 0.1245 0.1720 0.2367 -0.0175 0.0500  -0.0347 2660 A   A "C4'" 
417  O "O4'" . A   A 14 ? 0.1233 0.1585 0.2597 -0.0182 0.0571  -0.0398 2660 A   A "O4'" 
418  C "C3'" . A   A 14 ? 0.1127 0.1708 0.2202 -0.0231 0.0353  -0.0388 2660 A   A "C3'" 
419  O "O3'" . A   A 14 ? 0.1241 0.1873 0.1849 -0.0195 0.0255  -0.0272 2660 A   A "O3'" 
420  C "C2'" . A   A 14 ? 0.1297 0.1731 0.2370 -0.0229 0.0535  -0.0562 2660 A   A "C2'" 
421  O "O2'" . A   A 14 ? 0.1432 0.1930 0.2492 -0.0311 0.0628  -0.0623 2660 A   A "O2'" 
422  C "C1'" . A   A 14 ? 0.1295 0.1620 0.2507 -0.0233 0.0583  -0.0496 2660 A   A "C1'" 
423  N N9    . A   A 14 ? 0.1253 0.1550 0.2621 -0.0133 0.0599  -0.0451 2660 A   A N9    
424  C C8    . A   A 14 ? 0.1333 0.1665 0.2585 -0.0003 0.0654  -0.0322 2660 A   A C8    
425  N N7    . A   A 14 ? 0.1368 0.1634 0.2761 -0.0084 0.0621  -0.0220 2660 A   A N7    
426  C C5    . A   A 14 ? 0.1190 0.1429 0.3018 -0.0249 0.0506  -0.0282 2660 A   A C5    
427  C C6    . A   A 14 ? 0.1294 0.1584 0.3287 -0.0326 0.0512  -0.0293 2660 A   A C6    
428  N N6    . A   A 14 ? 0.1395 0.1898 0.3335 -0.0326 0.0447  -0.0202 2660 A   A N6    
429  N N1    . A   A 14 ? 0.1288 0.1582 0.3445 -0.0127 0.0564  -0.0241 2660 A   A N1    
430  C C2    . A   A 14 ? 0.1300 0.1741 0.3505 0.0044  0.0670  -0.0306 2660 A   A C2    
431  N N3    . A   A 14 ? 0.1359 0.1601 0.3358 0.0012  0.0731  -0.0371 2660 A   A N3    
432  C C4    . A   A 14 ? 0.1267 0.1520 0.2987 -0.0136 0.0616  -0.0368 2660 A   A C4    
444  P P     . OMG A 15 ? 0.1068 0.1630 0.1710 0.0060  0.0127  -0.0169 2661 OMG A P     
445  O OP1   . OMG A 15 ? 0.1384 0.2052 0.1774 0.0243  0.0143  0.0028  2661 OMG A OP1   
446  O OP2   . OMG A 15 ? 0.1212 0.1536 0.1976 0.0116  0.0274  -0.0198 2661 OMG A OP2   
447  O "O5'" . OMG A 15 ? 0.1055 0.1528 0.1553 0.0073  0.0134  -0.0202 2661 OMG A "O5'" 
448  C "C5'" . OMG A 15 ? 0.1013 0.1775 0.1523 0.0125  0.0138  -0.0270 2661 OMG A "C5'" 
449  C "C4'" . OMG A 15 ? 0.1081 0.1690 0.1298 0.0062  0.0237  -0.0228 2661 OMG A "C4'" 
450  O "O4'" . OMG A 15 ? 0.1051 0.1560 0.1335 0.0013  0.0232  -0.0208 2661 OMG A "O4'" 
451  C "C3'" . OMG A 15 ? 0.0937 0.1626 0.1206 0.0062  0.0202  -0.0144 2661 OMG A "C3'" 
452  O "O3'" . OMG A 15 ? 0.0979 0.1662 0.1262 0.0091  0.0267  -0.0092 2661 OMG A "O3'" 
453  C "C2'" . OMG A 15 ? 0.1042 0.1547 0.1216 0.0153  0.0253  -0.0248 2661 OMG A "C2'" 
454  O "O2'" . OMG A 15 ? 0.1261 0.1508 0.1267 0.0298  0.0201  -0.0235 2661 OMG A "O2'" 
455  C CM2   . OMG A 15 ? 0.1481 0.1579 0.1297 0.0276  0.0191  -0.0251 2661 OMG A CM2   
456  C "C1'" . OMG A 15 ? 0.0988 0.1630 0.1149 0.0035  0.0230  -0.0219 2661 OMG A "C1'" 
457  N N9    . OMG A 15 ? 0.0904 0.1513 0.1256 0.0013  0.0298  -0.0180 2661 OMG A N9    
458  C C8    . OMG A 15 ? 0.0940 0.1524 0.1475 -0.0034 0.0345  -0.0163 2661 OMG A C8    
459  N N7    . OMG A 15 ? 0.0993 0.1377 0.1632 -0.0016 0.0431  -0.0187 2661 OMG A N7    
460  C C5    . OMG A 15 ? 0.0945 0.1362 0.1392 -0.0084 0.0401  -0.0276 2661 OMG A C5    
461  C C6    . OMG A 15 ? 0.1022 0.1515 0.1485 -0.0111 0.0502  -0.0377 2661 OMG A C6    
462  O O6    . OMG A 15 ? 0.1159 0.1674 0.1460 0.0011  0.0557  -0.0285 2661 OMG A O6    
463  N N1    . OMG A 15 ? 0.0900 0.1359 0.1463 -0.0003 0.0411  -0.0296 2661 OMG A N1    
464  C C2    . OMG A 15 ? 0.0993 0.1335 0.1414 0.0016  0.0397  -0.0189 2661 OMG A C2    
465  N N2    . OMG A 15 ? 0.1281 0.1590 0.1303 0.0036  0.0469  -0.0141 2661 OMG A N2    
466  N N3    . OMG A 15 ? 0.1010 0.1307 0.1333 0.0008  0.0437  -0.0144 2661 OMG A N3    
467  C C4    . OMG A 15 ? 0.0890 0.1363 0.1323 -0.0072 0.0376  -0.0179 2661 OMG A C4    
481  P P     . 45A A 16 ? 0.1038 0.1682 0.1207 0.0149  0.0357  -0.0082 2662 45A A P     
482  O "O4'" . 45A A 16 ? 0.1015 0.1578 0.1210 0.0047  0.0326  -0.0126 2662 45A A "O4'" 
483  C "C4'" . 45A A 16 ? 0.1055 0.1901 0.1244 0.0137  0.0356  -0.0063 2662 45A A "C4'" 
484  C "C3'" . 45A A 16 ? 0.0930 0.2057 0.1462 -0.0082 0.0305  -0.0008 2662 45A A "C3'" 
485  C "C2'" . 45A A 16 ? 0.0860 0.1824 0.1340 0.0025  0.0316  -0.0036 2662 45A A "C2'" 
486  O "O3'" . 45A A 16 ? 0.0980 0.2446 0.1605 -0.0107 0.0255  0.0273  2662 45A A "O3'" 
487  C C6    . 45A A 16 ? 0.1057 0.1527 0.1640 -0.0045 0.0569  -0.0240 2662 45A A C6    
488  C "C1'" . 45A A 16 ? 0.0925 0.1552 0.1229 0.0044  0.0342  -0.0172 2662 45A A "C1'" 
489  C C4    . 45A A 16 ? 0.0832 0.1444 0.1348 -0.0030 0.0377  -0.0226 2662 45A A C4    
490  N N3    . 45A A 16 ? 0.0933 0.1705 0.1332 -0.0166 0.0432  -0.0138 2662 45A A N3    
491  C C2    . 45A A 16 ? 0.0970 0.1750 0.1309 -0.0144 0.0446  -0.0242 2662 45A A C2    
492  N N1    . 45A A 16 ? 0.1037 0.1712 0.1320 -0.0021 0.0478  -0.0192 2662 45A A N1    
493  C C31   . 45A A 16 ? 0.1263 0.1959 0.1497 0.0147  0.0542  -0.0056 2662 45A A C31   
494  O OP2   . 45A A 16 ? 0.1032 0.1686 0.1432 0.0116  0.0384  -0.0041 2662 45A A OP2   
495  O "O5'" . 45A A 16 ? 0.0949 0.1867 0.1291 0.0136  0.0314  -0.0097 2662 45A A "O5'" 
496  C "C5'" . 45A A 16 ? 0.1057 0.2093 0.1330 0.0266  0.0389  -0.0010 2662 45A A "C5'" 
497  O "O2'" . 45A A 16 ? 0.0971 0.1892 0.1313 0.0133  0.0300  0.0012  2662 45A A "O2'" 
498  N N9    . 45A A 16 ? 0.0805 0.1402 0.1200 -0.0005 0.0253  -0.0161 2662 45A A N9    
499  C C5    . 45A A 16 ? 0.0890 0.1398 0.1453 -0.0087 0.0394  -0.0245 2662 45A A C5    
500  N N7    . 45A A 16 ? 0.0900 0.1518 0.1515 -0.0068 0.0349  -0.0159 2662 45A A N7    
501  C C8    . 45A A 16 ? 0.0805 0.1428 0.1360 -0.0082 0.0237  -0.0116 2662 45A A C8    
502  N N6    . 45A A 16 ? 0.1167 0.1580 0.1767 0.0038  0.0603  -0.0071 2662 45A A N6    
517  P P     . G   A 17 ? 0.1229 0.2621 0.1538 -0.0396 0.0499  -0.0055 2663 G   A P     
518  O OP1   . G   A 17 ? 0.1249 0.2818 0.1853 -0.0308 0.0567  0.0104  2663 G   A OP1   
519  O OP2   . G   A 17 ? 0.1241 0.2502 0.1543 -0.0148 0.0361  0.0078  2663 G   A OP2   
520  O "O5'" . G   A 17 ? 0.1936 0.3192 0.2420 -0.0232 0.0972  -0.0449 2663 G   A "O5'" 
521  C "C5'" . G   A 17 ? 0.1412 0.2027 0.3122 0.0161  0.0939  -0.0433 2663 G   A "C5'" 
522  C "C4'" . G   A 17 ? 0.1118 0.1375 0.2998 0.0155  0.0696  -0.0199 2663 G   A "C4'" 
523  O "O4'" . G   A 17 ? 0.1062 0.1272 0.3164 0.0102  0.0645  -0.0132 2663 G   A "O4'" 
524  C "C3'" . G   A 17 ? 0.1106 0.1276 0.2537 0.0166  0.0559  0.0033  2663 G   A "C3'" 
525  O "O3'" . G   A 17 ? 0.1131 0.1270 0.2163 0.0048  0.0403  0.0142  2663 G   A "O3'" 
526  C "C2'" . G   A 17 ? 0.1097 0.1335 0.2616 0.0215  0.0632  0.0149  2663 G   A "C2'" 
527  O "O2'" . G   A 17 ? 0.1281 0.1502 0.2361 0.0300  0.0683  0.0330  2663 G   A "O2'" 
528  C "C1'" . G   A 17 ? 0.1108 0.1303 0.2931 0.0269  0.0672  0.0135  2663 G   A "C1'" 
529  N N9    . G   A 17 ? 0.1150 0.1238 0.2960 0.0076  0.0787  -0.0081 2663 G   A N9    
530  C C8    . G   A 17 ? 0.1245 0.1453 0.2988 0.0055  0.0834  -0.0302 2663 G   A C8    
531  N N7    . G   A 17 ? 0.1071 0.1569 0.2789 -0.0039 0.0724  -0.0406 2663 G   A N7    
532  C C5    . G   A 17 ? 0.0960 0.1326 0.2539 0.0001  0.0623  -0.0400 2663 G   A C5    
533  C C6    . G   A 17 ? 0.1075 0.1524 0.2285 -0.0115 0.0593  -0.0371 2663 G   A C6    
534  O O6    . G   A 17 ? 0.1155 0.1730 0.2185 -0.0134 0.0626  -0.0396 2663 G   A O6    
535  N N1    . G   A 17 ? 0.0981 0.1471 0.2234 -0.0033 0.0551  -0.0127 2663 G   A N1    
536  C C2    . G   A 17 ? 0.1023 0.1549 0.2284 0.0111  0.0592  0.0178  2663 G   A C2    
537  N N2    . G   A 17 ? 0.1054 0.1832 0.2314 0.0235  0.0620  0.0249  2663 G   A N2    
538  N N3    . G   A 17 ? 0.1037 0.1434 0.2552 0.0048  0.0686  0.0108  2663 G   A N3    
539  C C4    . G   A 17 ? 0.1032 0.1384 0.2689 0.0063  0.0691  -0.0008 2663 G   A C4    
551  P P     . G   A 18 ? 0.1201 0.1314 0.2114 -0.0025 0.0399  0.0268  2664 G   A P     
552  O OP1   . G   A 18 ? 0.1321 0.1322 0.2367 -0.0071 0.0347  0.0172  2664 G   A OP1   
553  O OP2   . G   A 18 ? 0.1201 0.1794 0.2151 0.0035  0.0523  0.0278  2664 G   A OP2   
554  O "O5'" . G   A 18 ? 0.1372 0.1166 0.1794 0.0105  0.0375  0.0158  2664 G   A "O5'" 
555  C "C5'" . G   A 18 ? 0.1346 0.1253 0.1679 0.0169  0.0300  0.0188  2664 G   A "C5'" 
556  C "C4'" . G   A 18 ? 0.1338 0.1163 0.1551 0.0137  0.0297  0.0080  2664 G   A "C4'" 
557  O "O4'" . G   A 18 ? 0.1323 0.1191 0.1462 0.0157  0.0338  0.0099  2664 G   A "O4'" 
558  C "C3'" . G   A 18 ? 0.1333 0.1208 0.1463 0.0190  0.0275  0.0116  2664 G   A "C3'" 
559  O "O3'" . G   A 18 ? 0.1247 0.1245 0.1456 0.0113  0.0200  -0.0020 2664 G   A "O3'" 
560  C "C2'" . G   A 18 ? 0.1309 0.1257 0.1343 0.0102  0.0302  -0.0002 2664 G   A "C2'" 
561  O "O2'" . G   A 18 ? 0.1192 0.1512 0.1266 0.0084  0.0186  -0.0090 2664 G   A "O2'" 
562  C "C1'" . G   A 18 ? 0.1355 0.1205 0.1433 0.0150  0.0390  -0.0024 2664 G   A "C1'" 
563  N N9    . G   A 18 ? 0.1434 0.1174 0.1382 0.0011  0.0451  -0.0058 2664 G   A N9    
564  C C8    . G   A 18 ? 0.1469 0.1211 0.1538 0.0047  0.0574  -0.0073 2664 G   A C8    
565  N N7    . G   A 18 ? 0.1641 0.1395 0.1492 0.0031  0.0646  -0.0019 2664 G   A N7    
566  C C5    . G   A 18 ? 0.1693 0.1289 0.1356 0.0013  0.0599  -0.0033 2664 G   A C5    
567  C C6    . G   A 18 ? 0.1992 0.1492 0.1445 0.0012  0.0763  0.0018  2664 G   A C6    
568  O O6    . G   A 18 ? 0.2180 0.1801 0.1447 0.0112  0.0912  0.0075  2664 G   A O6    
569  N N1    . G   A 18 ? 0.1931 0.1243 0.1294 0.0046  0.0609  0.0160  2664 G   A N1    
570  C C2    . G   A 18 ? 0.1786 0.1190 0.1291 0.0004  0.0505  0.0061  2664 G   A C2    
571  N N2    . G   A 18 ? 0.1765 0.1389 0.1401 -0.0004 0.0458  0.0154  2664 G   A N2    
572  N N3    . G   A 18 ? 0.1613 0.1279 0.1152 -0.0005 0.0446  0.0018  2664 G   A N3    
573  C C4    . G   A 18 ? 0.1573 0.1139 0.1327 0.0027  0.0494  0.0028  2664 G   A C4    
585  P P     . A   A 19 ? 0.1171 0.1287 0.1605 0.0082  0.0288  -0.0014 2665 A   A P     
586  O OP1   . A   A 19 ? 0.1243 0.1563 0.1687 -0.0026 0.0176  -0.0090 2665 A   A OP1   
587  O OP2   . A   A 19 ? 0.1174 0.1480 0.1862 0.0008  0.0427  0.0024  2665 A   A OP2   
588  O "O5'" . A   A 19 ? 0.1283 0.1226 0.1445 0.0187  0.0297  -0.0063 2665 A   A "O5'" 
589  C "C5'" . A   A 19 ? 0.1297 0.1266 0.1400 0.0090  0.0321  0.0024  2665 A   A "C5'" 
590  C "C4'" . A   A 19 ? 0.1345 0.1307 0.1337 0.0076  0.0342  0.0006  2665 A   A "C4'" 
591  O "O4'" . A   A 19 ? 0.1416 0.1365 0.1316 -0.0027 0.0458  -0.0065 2665 A   A "O4'" 
592  C "C3'" . A   A 19 ? 0.1352 0.1431 0.1093 -0.0004 0.0194  -0.0044 2665 A   A "C3'" 
593  O "O3'" . A   A 19 ? 0.1362 0.1469 0.1093 -0.0013 0.0231  -0.0056 2665 A   A "O3'" 
594  C "C2'" . A   A 19 ? 0.1596 0.1449 0.1235 -0.0008 0.0389  -0.0049 2665 A   A "C2'" 
595  O "O2'" . A   A 19 ? 0.1978 0.1744 0.1199 0.0054  0.0453  0.0190  2665 A   A "O2'" 
596  C "C1'" . A   A 19 ? 0.1463 0.1466 0.1260 -0.0005 0.0457  -0.0097 2665 A   A "C1'" 
597  N N9    . A   A 19 ? 0.1373 0.1370 0.1406 -0.0147 0.0560  -0.0190 2665 A   A N9    
598  C C8    . A   A 19 ? 0.1328 0.1441 0.1399 -0.0237 0.0521  -0.0193 2665 A   A C8    
599  N N7    . A   A 19 ? 0.1304 0.1504 0.1332 -0.0275 0.0504  -0.0182 2665 A   A N7    
600  C C5    . A   A 19 ? 0.1212 0.1456 0.1472 -0.0350 0.0439  -0.0267 2665 A   A C5    
601  C C6    . A   A 19 ? 0.1345 0.1618 0.1517 -0.0251 0.0421  -0.0306 2665 A   A C6    
602  N N6    . A   A 19 ? 0.1415 0.1782 0.1641 -0.0295 0.0399  -0.0231 2665 A   A N6    
603  N N1    . A   A 19 ? 0.1253 0.1594 0.1790 -0.0167 0.0450  -0.0243 2665 A   A N1    
604  C C2    . A   A 19 ? 0.1398 0.1583 0.1784 -0.0175 0.0586  -0.0219 2665 A   A C2    
605  N N3    . A   A 19 ? 0.1441 0.1515 0.1604 -0.0168 0.0684  -0.0187 2665 A   A N3    
606  C C4    . A   A 19 ? 0.1388 0.1453 0.1422 -0.0216 0.0602  -0.0284 2665 A   A C4    
618  P P     . C   A 20 ? 0.1463 0.1315 0.1065 -0.0001 0.0294  -0.0070 2666 C   A P     
619  O OP1   . C   A 20 ? 0.1450 0.1539 0.1362 -0.0033 0.0360  -0.0262 2666 C   A OP1   
620  O OP2   . C   A 20 ? 0.1617 0.1400 0.1013 -0.0030 0.0355  -0.0095 2666 C   A OP2   
621  O "O5'" . C   A 20 ? 0.1614 0.1383 0.0991 0.0033  0.0350  -0.0038 2666 C   A "O5'" 
622  C "C5'" . C   A 20 ? 0.1611 0.1519 0.1040 0.0103  0.0346  0.0073  2666 C   A "C5'" 
623  C "C4'" . C   A 20 ? 0.1665 0.1666 0.1155 0.0257  0.0409  0.0239  2666 C   A "C4'" 
624  O "O4'" . C   A 20 ? 0.1588 0.1442 0.1284 0.0238  0.0499  0.0060  2666 C   A "O4'" 
625  C "C3'" . C   A 20 ? 0.1936 0.1735 0.1113 0.0359  0.0479  0.0122  2666 C   A "C3'" 
626  O "O3'" . C   A 20 ? 0.2380 0.1749 0.0967 0.0309  0.0476  0.0036  2666 C   A "O3'" 
627  C "C2'" . C   A 20 ? 0.1845 0.1946 0.1252 0.0351  0.0605  0.0204  2666 C   A "C2'" 
628  O "O2'" . C   A 20 ? 0.1845 0.2499 0.1444 0.0454  0.0716  0.0438  2666 C   A "O2'" 
629  C "C1'" . C   A 20 ? 0.1612 0.1586 0.1362 0.0343  0.0562  0.0148  2666 C   A "C1'" 
630  N N1    . C   A 20 ? 0.1537 0.1448 0.1324 0.0233  0.0556  0.0089  2666 C   A N1    
631  C C2    . C   A 20 ? 0.1573 0.1471 0.1425 0.0315  0.0618  0.0197  2666 C   A C2    
632  O O2    . C   A 20 ? 0.1578 0.1674 0.1660 0.0370  0.0678  0.0300  2666 C   A O2    
633  N N3    . C   A 20 ? 0.1573 0.1465 0.1369 0.0244  0.0519  0.0201  2666 C   A N3    
634  C C4    . C   A 20 ? 0.1637 0.1380 0.1322 0.0098  0.0511  -0.0003 2666 C   A C4    
635  N N4    . C   A 20 ? 0.1682 0.1493 0.1320 0.0084  0.0459  0.0001  2666 C   A N4    
636  C C5    . C   A 20 ? 0.1584 0.1407 0.1238 0.0107  0.0489  -0.0099 2666 C   A C5    
637  C C6    . C   A 20 ? 0.1596 0.1306 0.1235 0.0082  0.0542  -0.0036 2666 C   A C6    
649  P P     . C   A 21 ? 0.2761 0.1788 0.1093 0.0335  0.0495  -0.0068 2667 C   A P     
650  O OP1   . C   A 21 ? 0.3036 0.2116 0.1245 0.0245  0.0589  -0.0153 2667 C   A OP1   
651  O OP2   . C   A 21 ? 0.2483 0.1679 0.1307 0.0237  0.0257  -0.0071 2667 C   A OP2   
652  O "O5'" . C   A 21 ? 0.2757 0.1774 0.1323 0.0599  0.0703  -0.0016 2667 C   A "O5'" 
653  C "C5'" . C   A 21 ? 0.2704 0.1948 0.1581 0.0675  0.0868  0.0080  2667 C   A "C5'" 
654  C "C4'" . C   A 21 ? 0.2592 0.1922 0.1929 0.0660  0.1042  0.0196  2667 C   A "C4'" 
655  O "O4'" . C   A 21 ? 0.2427 0.1812 0.2090 0.0587  0.1006  0.0200  2667 C   A "O4'" 
656  C "C3'" . C   A 21 ? 0.2495 0.1812 0.1927 0.0634  0.1073  0.0029  2667 C   A "C3'" 
657  O "O3'" . C   A 21 ? 0.2578 0.2022 0.1662 0.0590  0.1039  -0.0063 2667 C   A "O3'" 
658  C "C2'" . C   A 21 ? 0.2322 0.1857 0.2164 0.0609  0.1117  0.0040  2667 C   A "C2'" 
659  O "O2'" . C   A 21 ? 0.2281 0.2248 0.2513 0.0578  0.1231  0.0232  2667 C   A "O2'" 
660  C "C1'" . C   A 21 ? 0.2233 0.1755 0.2058 0.0556  0.0947  0.0095  2667 C   A "C1'" 
661  N N1    . C   A 21 ? 0.1928 0.1631 0.1922 0.0471  0.0722  -0.0017 2667 C   A N1    
662  C C2    . C   A 21 ? 0.1847 0.1806 0.2106 0.0304  0.0624  -0.0147 2667 C   A C2    
663  O O2    . C   A 21 ? 0.1891 0.2260 0.2463 0.0367  0.0680  -0.0039 2667 C   A O2    
664  N N3    . C   A 21 ? 0.1799 0.1692 0.1704 0.0300  0.0461  -0.0222 2667 C   A N3    
665  C C4    . C   A 21 ? 0.1880 0.1478 0.1338 0.0250  0.0482  -0.0160 2667 C   A C4    
666  N N4    . C   A 21 ? 0.2009 0.1570 0.1356 0.0198  0.0575  -0.0152 2667 C   A N4    
667  C C5    . C   A 21 ? 0.1905 0.1450 0.1355 0.0284  0.0582  -0.0114 2667 C   A C5    
668  C C6    . C   A 21 ? 0.1904 0.1408 0.1593 0.0378  0.0663  -0.0175 2667 C   A C6    
680  P P     . G   A 22 ? 0.2479 0.2197 0.1390 0.0642  0.0758  -0.0120 2668 G   A P     
681  O OP1   . G   A 22 ? 0.2761 0.2249 0.1516 0.0632  0.0846  -0.0097 2668 G   A OP1   
682  O OP2   . G   A 22 ? 0.2353 0.2708 0.1667 0.0591  0.0692  -0.0178 2668 G   A OP2   
683  O "O5'" . G   A 22 ? 0.2157 0.2029 0.1315 0.0544  0.0735  -0.0148 2668 G   A "O5'" 
684  C "C5'" . G   A 22 ? 0.1925 0.1988 0.1396 0.0525  0.0737  -0.0048 2668 G   A "C5'" 
685  C "C4'" . G   A 22 ? 0.1583 0.1801 0.1516 0.0473  0.0733  0.0001  2668 G   A "C4'" 
686  O "O4'" . G   A 22 ? 0.1369 0.1816 0.1397 0.0327  0.0767  -0.0025 2668 G   A "O4'" 
687  C "C3'" . G   A 22 ? 0.1670 0.1679 0.1566 0.0321  0.0724  -0.0015 2668 G   A "C3'" 
688  O "O3'" . G   A 22 ? 0.1724 0.2103 0.1813 0.0267  0.0692  -0.0070 2668 G   A "O3'" 
689  C "C2'" . G   A 22 ? 0.1442 0.1812 0.1477 0.0561  0.0648  0.0176  2668 G   A "C2'" 
690  O "O2'" . G   A 22 ? 0.1578 0.2302 0.1748 0.0656  0.0651  0.0275  2668 G   A "O2'" 
691  C "C1'" . G   A 22 ? 0.1283 0.1644 0.1362 0.0372  0.0685  0.0072  2668 G   A "C1'" 
692  N N9    . G   A 22 ? 0.1127 0.1570 0.1157 0.0224  0.0564  -0.0059 2668 G   A N9    
693  C C8    . G   A 22 ? 0.1261 0.1675 0.1108 0.0165  0.0545  -0.0005 2668 G   A C8    
694  N N7    . G   A 22 ? 0.1195 0.1568 0.1138 0.0139  0.0525  -0.0025 2668 G   A N7    
695  C C5    . G   A 22 ? 0.1119 0.1390 0.1150 0.0119  0.0501  -0.0041 2668 G   A C5    
696  C C6    . G   A 22 ? 0.1137 0.1353 0.1081 0.0057  0.0428  -0.0035 2668 G   A C6    
697  O O6    . G   A 22 ? 0.1143 0.1452 0.1115 0.0118  0.0373  0.0008  2668 G   A O6    
698  N N1    . G   A 22 ? 0.1066 0.1258 0.1111 0.0042  0.0411  -0.0044 2668 G   A N1    
699  C C2    . G   A 22 ? 0.1024 0.1277 0.1068 0.0046  0.0449  -0.0111 2668 G   A C2    
700  N N2    . G   A 22 ? 0.1150 0.1474 0.1157 0.0009  0.0498  -0.0005 2668 G   A N2    
701  N N3    . G   A 22 ? 0.1070 0.1342 0.1139 0.0072  0.0507  -0.0089 2668 G   A N3    
702  C C4    . G   A 22 ? 0.1136 0.1398 0.1226 0.0090  0.0558  -0.0092 2668 G   A C4    
714  P P     . G   A 23 ? 0.1779 0.2033 0.1917 0.0125  0.0591  -0.0373 2669 G   A P     
715  O OP1   . G   A 23 ? 0.1873 0.2086 0.2226 0.0024  0.0589  -0.0518 2669 G   A OP1   
716  O OP2   . G   A 23 ? 0.1914 0.2374 0.1618 0.0136  0.0403  -0.0219 2669 G   A OP2   
717  O "O5'" . G   A 23 ? 0.1597 0.2027 0.1993 0.0229  0.0589  -0.0279 2669 G   A "O5'" 
718  C "C5'" . G   A 23 ? 0.1511 0.1754 0.2230 0.0359  0.0702  -0.0057 2669 G   A "C5'" 
719  C "C4'" . G   A 23 ? 0.1233 0.1488 0.2251 0.0300  0.0613  -0.0018 2669 G   A "C4'" 
720  O "O4'" . G   A 23 ? 0.1068 0.1385 0.2047 0.0145  0.0521  -0.0029 2669 G   A "O4'" 
721  C "C3'" . G   A 23 ? 0.1448 0.1303 0.2174 0.0211  0.0638  -0.0060 2669 G   A "C3'" 
722  O "O3'" . G   A 23 ? 0.1916 0.1393 0.2243 0.0165  0.0756  -0.0083 2669 G   A "O3'" 
723  C "C2'" . G   A 23 ? 0.1316 0.1307 0.1890 0.0144  0.0493  0.0015  2669 G   A "C2'" 
724  O "O2'" . G   A 23 ? 0.1332 0.1410 0.1954 0.0184  0.0393  0.0144  2669 G   A "O2'" 
725  C "C1'" . G   A 23 ? 0.1085 0.1371 0.1822 0.0162  0.0483  0.0028  2669 G   A "C1'" 
726  N N9    . G   A 23 ? 0.1053 0.1350 0.1702 0.0037  0.0501  -0.0107 2669 G   A N9    
727  C C8    . G   A 23 ? 0.1162 0.1454 0.1815 0.0096  0.0627  -0.0079 2669 G   A C8    
728  N N7    . G   A 23 ? 0.1118 0.1502 0.1534 0.0058  0.0524  -0.0066 2669 G   A N7    
729  C C5    . G   A 23 ? 0.1085 0.1469 0.1333 0.0024  0.0435  -0.0166 2669 G   A C5    
730  C C6    . G   A 23 ? 0.1043 0.1376 0.1294 -0.0060 0.0339  -0.0213 2669 G   A C6    
731  O O6    . G   A 23 ? 0.1083 0.1626 0.1327 -0.0029 0.0319  -0.0111 2669 G   A O6    
732  N N1    . G   A 23 ? 0.1021 0.1296 0.1221 -0.0071 0.0329  -0.0129 2669 G   A N1    
733  C C2    . G   A 23 ? 0.1064 0.1235 0.1357 -0.0076 0.0426  -0.0195 2669 G   A C2    
734  N N2    . G   A 23 ? 0.1020 0.1404 0.1305 -0.0020 0.0369  -0.0160 2669 G   A N2    
735  N N3    . G   A 23 ? 0.0924 0.1247 0.1422 0.0002  0.0386  -0.0189 2669 G   A N3    
736  C C4    . G   A 23 ? 0.1055 0.1189 0.1466 0.0011  0.0487  -0.0214 2669 G   A C4    
748  P P     . A   A 24 ? 0.2419 0.1497 0.2369 -0.0098 0.0857  -0.0347 2670 A   A P     
749  O OP1   . A   A 24 ? 0.2593 0.1588 0.2902 0.0006  0.0995  -0.0226 2670 A   A OP1   
750  O OP2   . A   A 24 ? 0.2740 0.2014 0.2081 -0.0130 0.0859  -0.0294 2670 A   A OP2   
751  O "O5'" . A   A 24 ? 0.2325 0.1671 0.2100 -0.0220 0.0601  -0.0115 2670 A   A "O5'" 
752  C "C5'" . A   A 24 ? 0.2074 0.1706 0.2072 -0.0147 0.0381  0.0072  2670 A   A "C5'" 
753  C "C4'" . A   A 24 ? 0.1847 0.1644 0.2000 -0.0207 0.0132  0.0015  2670 A   A "C4'" 
754  O "O4'" . A   A 24 ? 0.1658 0.1783 0.1664 -0.0233 -0.0076 -0.0021 2670 A   A "O4'" 
755  C "C3'" . A   A 24 ? 0.1981 0.1620 0.2212 -0.0298 0.0096  0.0065  2670 A   A "C3'" 
756  O "O3'" . A   A 24 ? 0.2224 0.1774 0.2763 -0.0467 0.0078  0.0150  2670 A   A "O3'" 
757  C "C2'" . A   A 24 ? 0.1847 0.1758 0.1826 -0.0244 0.0036  0.0149  2670 A   A "C2'" 
758  O "O2'" . A   A 24 ? 0.1811 0.2209 0.1855 -0.0178 0.0057  0.0410  2670 A   A "O2'" 
759  C "C1'" . A   A 24 ? 0.1660 0.1680 0.1569 -0.0105 -0.0042 0.0061  2670 A   A "C1'" 
760  N N9    . A   A 24 ? 0.1622 0.1541 0.1356 -0.0080 0.0015  -0.0048 2670 A   A N9    
761  C C8    . A   A 24 ? 0.1546 0.1706 0.1467 -0.0156 0.0050  -0.0009 2670 A   A C8    
762  N N7    . A   A 24 ? 0.1432 0.1560 0.1516 -0.0117 0.0024  -0.0050 2670 A   A N7    
763  C C5    . A   A 24 ? 0.1457 0.1478 0.1378 -0.0212 -0.0011 -0.0139 2670 A   A C5    
764  C C6    . A   A 24 ? 0.1566 0.1414 0.1313 -0.0292 0.0051  -0.0209 2670 A   A C6    
765  N N6    . A   A 24 ? 0.1647 0.1531 0.1275 -0.0317 0.0078  -0.0040 2670 A   A N6    
766  N N1    . A   A 24 ? 0.1551 0.1504 0.1335 -0.0223 0.0046  -0.0193 2670 A   A N1    
767  C C2    . A   A 24 ? 0.1671 0.1467 0.1315 -0.0132 0.0109  -0.0210 2670 A   A C2    
768  N N3    . A   A 24 ? 0.1705 0.1485 0.1397 -0.0152 0.0129  -0.0219 2670 A   A N3    
769  C C4    . A   A 24 ? 0.1599 0.1413 0.1372 -0.0151 0.0044  -0.0161 2670 A   A C4    
781  P P     . G   A 25 ? 0.2533 0.1833 0.3300 -0.0539 0.0095  0.0018  2671 G   A P     
782  O OP1   . G   A 25 ? 0.2650 0.2011 0.3483 -0.0453 0.0161  0.0136  2671 G   A OP1   
783  O OP2   . G   A 25 ? 0.2737 0.1973 0.3328 -0.0590 0.0217  -0.0399 2671 G   A OP2   
784  O "O5'" . G   A 25 ? 0.2427 0.1981 0.3370 -0.0479 -0.0017 0.0315  2671 G   A "O5'" 
785  C "C5'" . G   A 25 ? 0.2317 0.2155 0.3280 -0.0497 -0.0222 0.0629  2671 G   A "C5'" 
786  C "C4'" . G   A 25 ? 0.2192 0.2310 0.3039 -0.0519 -0.0468 0.0843  2671 G   A "C4'" 
787  O "O4'" . G   A 25 ? 0.2278 0.2291 0.2658 -0.0486 -0.0472 0.0751  2671 G   A "O4'" 
788  C "C3'" . G   A 25 ? 0.2198 0.2299 0.3229 -0.0726 -0.0539 0.0879  2671 G   A "C3'" 
789  O "O3'" . G   A 25 ? 0.2225 0.2403 0.3740 -0.0772 -0.0678 0.1020  2671 G   A "O3'" 
790  C "C2'" . G   A 25 ? 0.2318 0.2441 0.2850 -0.0582 -0.0390 0.0849  2671 G   A "C2'" 
791  O "O2'" . G   A 25 ? 0.2538 0.2754 0.2695 -0.0442 -0.0263 0.1091  2671 G   A "O2'" 
792  C "C1'" . G   A 25 ? 0.2242 0.2230 0.2463 -0.0506 -0.0449 0.0625  2671 G   A "C1'" 
793  N N9    . G   A 25 ? 0.2190 0.1829 0.2187 -0.0519 -0.0323 0.0142  2671 G   A N9    
794  C C8    . G   A 25 ? 0.2212 0.1912 0.2100 -0.0613 -0.0282 -0.0015 2671 G   A C8    
795  N N7    . G   A 25 ? 0.2252 0.1783 0.1977 -0.0618 -0.0234 -0.0172 2671 G   A N7    
796  C C5    . G   A 25 ? 0.2300 0.1719 0.1827 -0.0614 -0.0200 -0.0182 2671 G   A C5    
797  C C6    . G   A 25 ? 0.2348 0.1904 0.1632 -0.0710 -0.0166 -0.0254 2671 G   A C6    
798  O O6    . G   A 25 ? 0.2381 0.2027 0.1764 -0.0756 -0.0052 -0.0284 2671 G   A O6    
799  N N1    . G   A 25 ? 0.2431 0.1714 0.1544 -0.0655 -0.0131 -0.0266 2671 G   A N1    
800  C C2    . G   A 25 ? 0.2438 0.1694 0.1523 -0.0457 -0.0134 -0.0252 2671 G   A C2    
801  N N2    . G   A 25 ? 0.2404 0.1862 0.1625 -0.0296 -0.0108 -0.0168 2671 G   A N2    
802  N N3    . G   A 25 ? 0.2345 0.1791 0.1782 -0.0411 -0.0174 -0.0088 2671 G   A N3    
803  C C4    . G   A 25 ? 0.2316 0.1668 0.1879 -0.0489 -0.0216 -0.0091 2671 G   A C4    
815  P P     . U   A 26 ? 0.2369 0.2240 0.4206 -0.0787 -0.0722 0.0968  2672 U   A P     
816  O OP1   . U   A 26 ? 0.2516 0.2542 0.4453 -0.0791 -0.0631 0.1054  2672 U   A OP1   
817  O OP2   . U   A 26 ? 0.2571 0.1943 0.4057 -0.0674 -0.0684 0.0622  2672 U   A OP2   
818  O "O5'" . U   A 26 ? 0.2426 0.2549 0.4052 -0.0542 -0.0745 0.1005  2672 U   A "O5'" 
819  C "C5'" . U   A 26 ? 0.2591 0.2821 0.3890 -0.0403 -0.0692 0.0896  2672 U   A "C5'" 
820  C "C4'" . U   A 26 ? 0.2662 0.2707 0.3585 -0.0288 -0.0744 0.0736  2672 U   A "C4'" 
821  O "O4'" . U   A 26 ? 0.2709 0.2572 0.3107 -0.0219 -0.0817 0.0635  2672 U   A "O4'" 
822  C "C3'" . U   A 26 ? 0.2479 0.2531 0.3613 -0.0421 -0.0899 0.0537  2672 U   A "C3'" 
823  O "O3'" . U   A 26 ? 0.2271 0.2605 0.4057 -0.0401 -0.1009 0.0649  2672 U   A "O3'" 
824  C "C2'" . U   A 26 ? 0.2668 0.2355 0.3078 -0.0310 -0.0870 0.0458  2672 U   A "C2'" 
825  O "O2'" . U   A 26 ? 0.2807 0.2554 0.2921 -0.0188 -0.0823 0.0550  2672 U   A "O2'" 
826  C "C1'" . U   A 26 ? 0.2736 0.2234 0.2753 -0.0303 -0.0879 0.0404  2672 U   A "C1'" 
827  N N1    . U   A 26 ? 0.2712 0.1685 0.2421 -0.0365 -0.0925 0.0056  2672 U   A N1    
828  C C2    . U   A 26 ? 0.2837 0.1663 0.2276 -0.0380 -0.0849 -0.0121 2672 U   A C2    
829  O O2    . U   A 26 ? 0.2861 0.1901 0.2126 -0.0295 -0.0889 -0.0036 2672 U   A O2    
830  N N3    . U   A 26 ? 0.2859 0.1566 0.2318 -0.0538 -0.0784 -0.0282 2672 U   A N3    
831  C C4    . U   A 26 ? 0.2832 0.1465 0.2425 -0.0413 -0.0752 -0.0208 2672 U   A C4    
832  O O4    . U   A 26 ? 0.2902 0.1798 0.2451 -0.0386 -0.0673 -0.0209 2672 U   A O4    
833  C C5    . U   A 26 ? 0.2700 0.1400 0.2516 -0.0322 -0.0829 0.0006  2672 U   A C5    
834  C C6    . U   A 26 ? 0.2723 0.1652 0.2577 -0.0363 -0.0821 0.0010  2672 U   A C6    
845  P P     . G   A 27 ? 0.2125 0.2519 0.4637 -0.0646 -0.0965 0.0323  2673 G   A P     
846  O OP1   . G   A 27 ? 0.2441 0.2724 0.4740 -0.0753 -0.0826 0.0340  2673 G   A OP1   
847  O OP2   . G   A 27 ? 0.2148 0.2818 0.4847 -0.0688 -0.0969 0.0306  2673 G   A OP2   
848  O "O5'" . G   A 27 ? 0.1695 0.2266 0.4273 -0.0318 -0.0802 -0.0014 2673 G   A "O5'" 
849  C "C5'" . G   A 27 ? 0.1355 0.2264 0.3627 -0.0045 -0.0593 -0.0341 2673 G   A "C5'" 
850  C "C4'" . G   A 27 ? 0.1347 0.2393 0.2868 -0.0001 -0.0251 -0.0890 2673 G   A "C4'" 
851  O "O4'" . G   A 27 ? 0.1310 0.2361 0.2257 0.0172  -0.0134 -0.0894 2673 G   A "O4'" 
852  C "C3'" . G   A 27 ? 0.1288 0.2713 0.2607 0.0118  -0.0160 -0.1183 2673 G   A "C3'" 
853  O "O3'" . G   A 27 ? 0.1235 0.3122 0.2951 -0.0039 -0.0112 -0.1393 2673 G   A "O3'" 
854  C "C2'" . G   A 27 ? 0.1362 0.2912 0.2226 0.0252  -0.0065 -0.1036 2673 G   A "C2'" 
855  O "O2'" . G   A 27 ? 0.1460 0.3490 0.2170 0.0295  -0.0051 -0.0770 2673 G   A "O2'" 
856  C "C1'" . G   A 27 ? 0.1317 0.2490 0.1963 0.0215  -0.0056 -0.0854 2673 G   A "C1'" 
857  N N9    . G   A 27 ? 0.1235 0.1977 0.1815 0.0050  0.0031  -0.0693 2673 G   A N9    
858  C C8    . G   A 27 ? 0.1260 0.1845 0.1887 -0.0047 0.0136  -0.0598 2673 G   A C8    
859  N N7    . G   A 27 ? 0.1256 0.1807 0.1780 -0.0062 0.0165  -0.0514 2673 G   A N7    
860  C C5    . G   A 27 ? 0.1248 0.1699 0.1642 -0.0028 0.0088  -0.0565 2673 G   A C5    
861  C C6    . G   A 27 ? 0.1208 0.1714 0.1851 -0.0014 0.0165  -0.0544 2673 G   A C6    
862  O O6    . G   A 27 ? 0.1059 0.1836 0.2163 -0.0038 0.0165  -0.0388 2673 G   A O6    
863  N N1    . G   A 27 ? 0.1325 0.1685 0.1869 0.0031  0.0228  -0.0562 2673 G   A N1    
864  C C2    . G   A 27 ? 0.1456 0.1781 0.1690 0.0145  0.0214  -0.0540 2673 G   A C2    
865  N N2    . G   A 27 ? 0.1553 0.2077 0.1639 0.0071  0.0142  -0.0472 2673 G   A N2    
866  N N3    . G   A 27 ? 0.1374 0.1868 0.1559 0.0138  0.0115  -0.0578 2673 G   A N3    
867  C C4    . G   A 27 ? 0.1313 0.1933 0.1654 0.0096  0.0090  -0.0579 2673 G   A C4    
880  O O     . HOH B .  ? 0.3779 0.2844 0.2611 0.0964  -0.0660 -0.0501 2701 HOH A O     
881  O O     . HOH B .  ? 0.2437 0.2799 0.2737 -0.0548 -0.0210 0.0600  2702 HOH A O     
882  O O     . HOH B .  ? 0.1766 0.3274 0.2848 -0.0261 0.0228  -0.1198 2703 HOH A O     
883  O O     . HOH B .  ? 0.2040 0.2801 0.2819 -0.0777 -0.0590 0.0815  2704 HOH A O     
884  O O     . HOH B .  ? 0.3291 0.6313 0.6845 0.0873  0.0097  0.1926  2705 HOH A O     
885  O O     . HOH B .  ? 0.3535 0.2938 0.2147 0.0519  0.0949  0.0802  2706 HOH A O     
886  O O     . HOH B .  ? 0.4462 0.2404 0.1558 -0.1103 0.0400  0.0118  2707 HOH A O     
887  O O     . HOH B .  ? 0.5021 0.7587 0.3779 0.0579  -0.1137 0.0400  2708 HOH A O     
888  O O     . HOH B .  ? 0.1648 0.2463 0.1662 -0.0185 0.0427  0.0644  2709 HOH A O     
889  O O     . HOH B .  ? 0.2413 0.3111 0.1249 0.0101  0.0394  0.0017  2710 HOH A O     
890  O O     . HOH B .  ? 0.3144 0.2729 0.3236 0.0048  -0.0242 0.0195  2711 HOH A O     
891  O O     . HOH B .  ? 0.7944 0.4640 0.2623 0.0729  -0.0634 -0.0184 2712 HOH A O     
892  O O     . HOH B .  ? 0.2940 0.3801 0.5449 -0.0903 -0.1542 0.1259  2713 HOH A O     
893  O O     . HOH B .  ? 0.3092 0.5925 0.2231 0.1215  0.0748  -0.0334 2714 HOH A O     
894  O O     . HOH B .  ? 0.3907 0.7245 0.3897 0.2370  -0.1366 -0.0979 2715 HOH A O     
895  O O     . HOH B .  ? 0.3797 0.6585 0.4993 0.0808  0.0260  0.2248  2716 HOH A O     
896  O O     . HOH B .  ? 0.2377 0.2470 0.1685 0.0114  -0.0020 -0.0643 2717 HOH A O     
897  O O     . HOH B .  ? 0.1984 0.2013 0.2212 0.0046  0.0347  0.0014  2718 HOH A O     
898  O O     . HOH B .  ? 0.2090 0.3805 0.2353 0.0797  0.0898  0.1328  2719 HOH A O     
899  O O     . HOH B .  ? 0.1547 0.2313 0.2085 -0.0327 0.0222  0.0337  2720 HOH A O     
900  O O     . HOH B .  ? 0.2999 0.3786 0.3508 0.0352  0.0555  -0.0205 2721 HOH A O     
901  O O     . HOH B .  ? 0.7116 0.4543 0.6533 -0.1787 -0.0262 0.2673  2722 HOH A O     
902  O O     . HOH B .  ? 0.4997 0.1919 0.1550 -0.1053 0.0615  -0.0022 2723 HOH A O     
903  O O     . HOH B .  ? 0.2841 0.7527 0.2754 0.1413  0.0318  -0.0861 2724 HOH A O     
904  O O     . HOH B .  ? 0.6788 0.3384 0.3061 -0.0705 0.0374  0.0508  2725 HOH A O     
905  O O     . HOH B .  ? 0.2405 0.3417 0.2948 -0.0426 0.1426  -0.0874 2726 HOH A O     
906  O O     . HOH B .  ? 0.2728 0.3405 0.2540 -0.0634 0.0511  0.0712  2727 HOH A O     
907  O O     . HOH B .  ? 0.8563 0.2741 0.3727 -0.1128 0.2039  -0.0685 2728 HOH A O     
908  O O     . HOH B .  ? 0.8635 0.3317 0.3619 0.0358  -0.1849 -0.0507 2729 HOH A O     
909  O O     . HOH B .  ? 0.3915 0.2817 0.2543 0.0770  0.0931  0.0342  2730 HOH A O     
910  O O     . HOH B .  ? 0.2108 0.3480 0.2863 -0.0370 -0.0477 -0.0352 2731 HOH A O     
911  O O     . HOH B .  ? 0.3560 0.2134 0.3431 -0.0337 0.2083  -0.0266 2732 HOH A O     
912  O O     . HOH B .  ? 0.2052 0.1960 0.3144 -0.0288 0.1347  -0.0788 2733 HOH A O     
913  O O     . HOH B .  ? 0.1832 0.2538 0.2525 0.0513  0.0144  -0.0672 2734 HOH A O     
914  O O     . HOH B .  ? 0.3818 0.3387 0.2295 0.1766  -0.1083 -0.1065 2735 HOH A O     
915  O O     . HOH B .  ? 0.3143 0.2940 0.4906 0.1097  0.1323  -0.0618 2736 HOH A O     
916  O O     . HOH B .  ? 0.3905 0.3190 0.4169 0.0633  0.0359  0.0759  2737 HOH A O     
917  O O     . HOH B .  ? 0.1403 0.2087 0.1524 -0.0032 0.0376  0.0283  2738 HOH A O     
918  O O     . HOH B .  ? 0.2326 0.3937 0.3045 0.1135  0.0843  0.0693  2739 HOH A O     
919  O O     . HOH B .  ? 0.1248 0.2845 0.1342 -0.0361 0.0380  0.0121  2740 HOH A O     
920  O O     . HOH B .  ? 0.2881 0.1841 0.5208 0.0180  0.1861  0.0719  2741 HOH A O     
921  O O     . HOH B .  ? 0.2129 0.3916 0.4284 -0.0026 0.1033  -0.1690 2742 HOH A O     
922  O O     . HOH B .  ? 0.1653 0.1901 0.1604 0.0292  0.0472  0.0169  2743 HOH A O     
923  O O     . HOH B .  ? 0.2737 0.5593 0.6328 0.1524  0.1306  -0.0293 2744 HOH A O     
924  O O     . HOH B .  ? 0.2093 0.3832 0.1713 0.0639  0.0460  0.0018  2745 HOH A O     
925  O O     . HOH B .  ? 0.1687 0.2068 0.1389 0.0066  0.0285  -0.0105 2746 HOH A O     
926  O O     . HOH B .  ? 0.7863 0.5306 0.2385 -0.1615 -0.0907 -0.0129 2747 HOH A O     
927  O O     . HOH B .  ? 0.3305 0.5306 0.2089 -0.0504 0.0570  -0.0618 2748 HOH A O     
928  O O     . HOH B .  ? 0.3520 0.4233 0.4546 -0.1898 0.0262  0.0373  2749 HOH A O     
929  O O     . HOH B .  ? 0.2117 0.3001 0.1745 -0.0707 0.0324  0.0122  2750 HOH A O     
930  O O     . HOH B .  ? 0.2484 0.4235 0.2328 0.1546  0.0474  -0.0295 2751 HOH A O     
931  O O     . HOH B .  ? 0.6392 0.2189 0.3646 0.0198  -0.0846 -0.0637 2752 HOH A O     
932  O O     . HOH B .  ? 0.2820 0.3253 0.3203 0.1130  0.0615  -0.1045 2753 HOH A O     
933  O O     . HOH B .  ? 0.4607 0.2112 0.3035 0.0175  0.1518  -0.0734 2754 HOH A O     
934  O O     . HOH B .  ? 0.2696 0.2277 0.2608 -0.0461 -0.0012 0.0370  2755 HOH A O     
935  O O     . HOH B .  ? 0.2288 0.1848 0.3215 -0.0120 0.1177  -0.0581 2756 HOH A O     
936  O O     . HOH B .  ? 0.4559 0.6778 0.4131 -0.1273 0.1729  -0.2410 2757 HOH A O     
937  O O     . HOH B .  ? 0.2044 0.2218 0.2607 -0.0529 0.1032  -0.0406 2758 HOH A O     
938  O O     . HOH B .  ? 0.5479 0.2955 0.2915 -0.1476 0.1869  -0.0504 2759 HOH A O     
939  O O     . HOH B .  ? 0.2680 0.2607 0.1346 -0.0395 0.0228  -0.0299 2760 HOH A O     
940  O O     . HOH B .  ? 0.3350 0.2471 0.2841 -0.0398 0.0983  0.0449  2761 HOH A O     
941  O O     . HOH B .  ? 0.2085 0.4638 0.2026 0.0676  0.0027  -0.0258 2762 HOH A O     
942  O O     . HOH B .  ? 0.2541 0.2928 0.3747 -0.0500 -0.0093 -0.0790 2763 HOH A O     
943  O O     . HOH B .  ? 0.2961 0.5013 0.2164 -0.0437 0.0152  -0.0347 2764 HOH A O     
944  O O     . HOH B .  ? 0.1291 0.2279 0.2561 0.0306  0.0270  -0.0374 2765 HOH A O     
945  O O     . HOH B .  ? 0.2623 0.1925 0.2120 0.0223  0.1215  0.0679  2766 HOH A O     
946  O O     . HOH B .  ? 0.2414 0.4193 0.3423 0.0528  0.0812  -0.0685 2767 HOH A O     
947  O O     . HOH B .  ? 0.1458 0.2862 0.1741 -0.0187 -0.0018 0.0694  2768 HOH A O     
948  O O     . HOH B .  ? 0.3570 0.2671 0.4890 0.0071  -0.0945 -0.1400 2769 HOH A O     
949  O O     . HOH B .  ? 0.2817 0.2778 0.1438 -0.0593 0.0656  -0.0696 2770 HOH A O     
950  O O     . HOH B .  ? 0.2297 0.2523 0.1794 -0.0201 -0.0409 0.0045  2771 HOH A O     
951  O O     . HOH B .  ? 0.4710 0.2171 0.3647 -0.1194 0.1130  -0.0569 2772 HOH A O     
952  O O     . HOH B .  ? 0.3057 0.1960 0.2553 0.0724  0.0135  -0.0067 2773 HOH A O     
953  O O     . HOH B .  ? 0.1786 0.1353 0.1104 -0.0064 0.0288  -0.0100 2774 HOH A O     
954  O O     . HOH B .  ? 0.1860 0.1568 0.1565 0.0104  0.0823  0.0119  2775 HOH A O     
955  O O     . HOH B .  ? 0.2026 0.1984 0.1658 -0.0057 0.0240  0.0000  2776 HOH A O     
956  O O     . HOH B .  ? 0.3991 0.3100 0.2406 0.1227  -0.0711 -0.0339 2777 HOH A O     
957  O O     . HOH B .  ? 0.2174 0.1998 0.1954 0.0191  0.0462  0.0002  2778 HOH A O     
958  O O     . HOH B .  ? 0.1959 0.6031 0.7303 0.0296  -0.0471 0.0434  2779 HOH A O     
959  O O     . HOH B .  ? 0.3732 0.4248 0.3385 -0.1089 -0.1640 0.0689  2780 HOH A O     
960  O O     . HOH B .  ? 0.1831 0.5360 0.4266 0.0652  0.0569  -0.0765 2781 HOH A O     
961  O O     . HOH B .  ? 0.1190 0.1419 0.1517 0.0095  0.0285  0.0000  2782 HOH A O     
962  O O     . HOH B .  ? 0.1755 0.3283 0.4367 -0.0302 0.0163  0.1913  2783 HOH A O     
963  O O     . HOH B .  ? 0.6042 0.2869 0.3238 0.0940  -0.0690 0.0153  2784 HOH A O     
964  O O     . HOH B .  ? 0.3748 0.5474 0.3237 0.0790  0.1822  -0.0490 2785 HOH A O     
965  O O     . HOH B .  ? 0.2662 0.3364 0.2933 -0.1450 0.0502  -0.0833 2786 HOH A O     
966  O O     . HOH B .  ? 0.3553 0.2647 0.1705 -0.0465 0.0134  0.0393  2787 HOH A O     
967  O O     . HOH B .  ? 0.4087 0.5449 0.8522 0.0856  0.2430  -0.0422 2788 HOH A O     
968  O O     . HOH B .  ? 0.3290 0.3759 0.2403 -0.1336 0.0388  0.0168  2789 HOH A O     
969  O O     . HOH B .  ? 0.1891 0.1658 0.3444 -0.0208 0.1292  -0.0154 2790 HOH A O     
970  O O     . HOH B .  ? 0.2433 0.5792 0.3074 0.1135  -0.0310 -0.2049 2791 HOH A O     
971  O O     . HOH B .  ? 0.5785 0.4247 0.3928 0.1932  0.1257  0.0685  2792 HOH A O     
972  O O     . HOH B .  ? 0.3117 0.5206 0.3915 -0.0653 -0.0300 0.2616  2793 HOH A O     
973  O O     . HOH B .  ? 0.7935 0.3946 0.3113 -0.1298 0.0224  -0.0319 2794 HOH A O     
974  O O     . HOH B .  ? 0.1829 0.2510 0.2497 0.0140  0.1018  0.0095  2795 HOH A O     
975  O O     . HOH B .  ? 0.1705 0.1961 0.2576 0.0166  0.0282  -0.0274 2796 HOH A O     
976  O O     . HOH B .  ? 0.3890 0.3314 0.2147 0.0315  -0.0385 0.0695  2797 HOH A O     
977  O O     . HOH B .  ? 0.2436 0.1704 0.2192 0.0338  -0.0653 -0.0286 2798 HOH A O     
978  O O     . HOH B .  ? 0.2391 0.4020 0.3522 -0.0719 0.0217  -0.0334 2799 HOH A O     
979  O O     . HOH B .  ? 0.1714 0.4961 0.3533 -0.1004 0.0538  -0.0360 2800 HOH A O     
980  O O     . HOH B .  ? 0.2814 0.2702 0.3142 0.0563  -0.0222 -0.0656 2801 HOH A O     
981  O O     . HOH B .  ? 0.2745 0.1950 0.1673 -0.0333 0.0864  -0.0282 2802 HOH A O     
982  O O     . HOH B .  ? 0.2756 0.4427 0.3474 0.0448  0.1538  -0.0277 2803 HOH A O     
983  O O     . HOH B .  ? 0.2006 0.3364 0.2726 0.0194  0.0870  0.1159  2804 HOH A O     
984  O O     . HOH B .  ? 0.3583 0.2375 0.2434 -0.0115 0.1030  -0.0172 2805 HOH A O     
985  O O     . HOH B .  ? 0.2246 0.5715 0.2292 -0.0487 0.0000  0.1609  2806 HOH A O     
986  O O     . HOH B .  ? 0.3555 0.4587 0.3642 0.0981  -0.0370 -0.1434 2807 HOH A O     
987  O O     . HOH B .  ? 0.1147 0.1911 0.2059 -0.0050 0.0204  0.0273  2808 HOH A O     
988  O O     . HOH B .  ? 0.2108 0.3062 0.1716 -0.0769 -0.0081 0.0048  2809 HOH A O     
989  O O     . HOH B .  ? 0.3257 0.3556 0.6945 -0.0163 -0.0095 -0.2424 2810 HOH A O     
990  O O     . HOH B .  ? 0.3550 0.6832 0.3722 -0.0857 0.1235  0.1459  2811 HOH A O     
991  O O     . HOH B .  ? 0.3364 0.4057 0.3323 -0.1832 0.0289  -0.0195 2812 HOH A O     
992  O O     . HOH B .  ? 0.4026 0.3135 0.3884 0.0657  -0.1095 -0.1135 2813 HOH A O     
993  O O     . HOH B .  ? 0.3723 0.7327 0.5582 0.0804  0.2373  -0.0607 2814 HOH A O     
994  O O     . HOH B .  ? 0.6194 0.4226 0.3012 0.2484  -0.1498 -0.0447 2815 HOH A O     
995  O O     . HOH B .  ? 0.2477 0.3875 0.4303 -0.1065 0.0807  -0.1734 2816 HOH A O     
996  O O     . HOH B .  ? 0.4777 0.6659 0.4316 -0.1152 0.1735  -0.2571 2817 HOH A O     
997  O O     . HOH B .  ? 0.3083 0.2115 0.2196 -0.0139 0.1504  0.0073  2818 HOH A O     
998  O O     . HOH B .  ? 0.2703 0.5910 0.4041 0.1401  0.1263  0.0299  2819 HOH A O     
999  O O     . HOH B .  ? 0.4055 0.2898 0.6683 -0.0683 0.0346  0.1450  2820 HOH A O     
1000 O O     . HOH B .  ? 0.6018 0.7580 0.3355 0.1895  0.0890  0.1993  2821 HOH A O     
1001 O O     . HOH B .  ? 0.5141 0.7896 0.2531 0.0917  -0.0713 -0.0379 2822 HOH A O     
1002 O O     . HOH B .  ? 0.4903 0.5911 0.2361 0.2827  0.0036  0.0496  2823 HOH A O     
1003 O O     . HOH B .  ? 0.3343 0.6439 0.2999 0.0686  -0.0853 -0.1645 2824 HOH A O     
1004 O O     . HOH B .  ? 0.2398 0.3345 0.1650 0.0418  0.0396  0.0531  2825 HOH A O     
1005 O O     . HOH B .  ? 0.2315 0.2722 0.2913 0.0465  0.0617  0.0511  2826 HOH A O     
1006 O O     . HOH B .  ? 0.4747 0.3700 0.4803 -0.0440 -0.2629 0.0872  2827 HOH A O     
1007 O O     . HOH B .  ? 0.1324 0.3127 0.2894 0.0128  0.0258  -0.0353 2828 HOH A O     
1008 O O     . HOH B .  ? 0.2952 0.2686 0.3143 -0.0129 0.0945  -0.0404 2829 HOH A O     
1009 O O     . HOH B .  ? 0.1947 0.2406 0.3233 -0.0404 0.0381  -0.0334 2830 HOH A O     
1010 O O     . HOH B .  ? 0.5200 0.4124 0.4530 0.1064  0.0093  -0.1436 2831 HOH A O     
1011 O O     . HOH B .  ? 0.5442 0.6075 0.3969 -0.2149 -0.1777 0.1021  2832 HOH A O     
1012 O O     . HOH B .  ? 0.3837 0.2640 0.2652 -0.0220 0.0528  -0.0046 2833 HOH A O     
1013 O O     . HOH B .  ? 0.1974 0.4462 0.4073 -0.0129 0.0442  0.2163  2834 HOH A O     
1014 O O     . HOH B .  ? 0.6175 0.5514 0.2824 0.0186  0.1776  -0.1092 2835 HOH A O     
1015 O O     . HOH B .  ? 0.5828 0.4694 0.3418 -0.0154 -0.1519 0.0512  2836 HOH A O     
1016 O O     . HOH B .  ? 0.3390 0.4364 0.2963 0.0608  -0.1394 -0.0684 2837 HOH A O     
1017 O O     . HOH B .  ? 0.1641 0.4405 0.2828 0.0511  0.0574  0.1635  2838 HOH A O     
1018 O O     . HOH B .  ? 0.7382 0.4657 0.6383 0.0588  0.3274  -0.0805 2839 HOH A O     
1019 O O     . HOH B .  ? 0.5428 0.3908 0.3073 0.2031  0.0138  0.0366  2840 HOH A O     
1020 O O     . HOH B .  ? 0.3708 0.3378 0.4588 0.0990  0.1100  0.0135  2841 HOH A O     
1021 O O     . HOH B .  ? 0.4575 0.6208 0.3882 0.0151  0.2507  -0.0097 2842 HOH A O     
1022 O O     . HOH B .  ? 0.3753 0.3440 0.4147 0.0440  0.1109  -0.0538 2843 HOH A O     
# 
